data_3R84
#
_entry.id   3R84
#
_cell.length_a   148.490
_cell.length_b   173.790
_cell.length_c   101.610
_cell.angle_alpha   90.00
_cell.angle_beta   90.00
_cell.angle_gamma   90.00
#
_symmetry.space_group_name_H-M   'P 21 21 2'
#
loop_
_entity.id
_entity.type
_entity.pdbx_description
1 polymer 'Mediator of RNA polymerase II transcription subunit 11'
2 polymer 'Mediator of RNA polymerase II transcription subunit 22'
3 water water
#
loop_
_entity_poly.entity_id
_entity_poly.type
_entity_poly.pdbx_seq_one_letter_code
_entity_poly.pdbx_strand_id
1 'polypeptide(L)'
;GYIQERLKSLNDIETQLCS(MSE)LQEASQVTFIFGELKRGNESVKPQFENHVKQFYERLDKSTTQLRKEIQLLDENVGT
RLLPINVNKK
;
A,C,E,G,I,K,M,O,Q,S,U,W
2 'polypeptide(L)'
;GSH(MSE)SNQALYEKLEQTRTILSVKLAELINITTIADRNDDDEGSFAQENSELAVATTSV(MSE)(MSE)VNNQT
(MSE)QLIKNVQDLLILTRSIKEKWLLNQIP
;
B,D,F,H,J,L,N,P,R,T,V,X
#
# COMPACT_ATOMS: atom_id res chain seq x y z
N GLY A 1 -38.92 -20.02 -23.88
CA GLY A 1 -37.75 -19.91 -24.73
C GLY A 1 -36.51 -20.55 -24.13
N TYR A 2 -35.45 -20.65 -24.94
CA TYR A 2 -34.20 -21.26 -24.51
C TYR A 2 -33.59 -20.48 -23.35
N ILE A 3 -33.60 -19.16 -23.47
CA ILE A 3 -33.01 -18.29 -22.46
C ILE A 3 -33.82 -18.37 -21.17
N GLN A 4 -35.14 -18.46 -21.30
CA GLN A 4 -35.99 -18.70 -20.14
C GLN A 4 -35.59 -19.97 -19.41
N GLU A 5 -35.24 -21.01 -20.17
CA GLU A 5 -34.81 -22.27 -19.57
C GLU A 5 -33.51 -22.11 -18.81
N ARG A 6 -32.58 -21.37 -19.39
CA ARG A 6 -31.29 -21.15 -18.72
C ARG A 6 -31.49 -20.38 -17.41
N LEU A 7 -32.26 -19.30 -17.45
CA LEU A 7 -32.55 -18.54 -16.24
C LEU A 7 -33.27 -19.38 -15.18
N LYS A 8 -34.21 -20.24 -15.60
CA LYS A 8 -34.88 -21.10 -14.63
C LYS A 8 -33.94 -22.15 -14.02
N SER A 9 -32.97 -22.61 -14.81
CA SER A 9 -31.98 -23.53 -14.28
C SER A 9 -31.10 -22.78 -13.27
N LEU A 10 -30.78 -21.54 -13.61
CA LEU A 10 -29.93 -20.74 -12.75
C LEU A 10 -30.65 -20.35 -11.45
N ASN A 11 -31.94 -20.04 -11.54
CA ASN A 11 -32.74 -19.79 -10.35
C ASN A 11 -32.86 -21.05 -9.48
N ASP A 12 -32.92 -22.20 -10.13
CA ASP A 12 -32.93 -23.47 -9.42
C ASP A 12 -31.65 -23.65 -8.61
N ILE A 13 -30.52 -23.32 -9.22
CA ILE A 13 -29.23 -23.37 -8.54
C ILE A 13 -29.23 -22.42 -7.35
N GLU A 14 -29.78 -21.23 -7.51
CA GLU A 14 -29.84 -20.29 -6.38
C GLU A 14 -30.61 -20.89 -5.20
N THR A 15 -31.61 -21.70 -5.50
CA THR A 15 -32.40 -22.38 -4.48
C THR A 15 -31.58 -23.44 -3.76
N GLN A 16 -30.81 -24.20 -4.53
CA GLN A 16 -29.93 -25.22 -3.98
C GLN A 16 -28.87 -24.61 -3.05
N LEU A 17 -28.33 -23.47 -3.45
CA LEU A 17 -27.31 -22.80 -2.65
C LEU A 17 -27.89 -22.30 -1.33
N CYS A 18 -29.14 -21.82 -1.36
CA CYS A 18 -29.84 -21.42 -0.14
C CYS A 18 -30.10 -22.63 0.77
N SER A 19 -30.42 -23.77 0.15
CA SER A 19 -30.60 -25.01 0.93
C SER A 19 -29.31 -25.44 1.61
N LEU A 21 -26.94 -23.46 2.66
CA LEU A 21 -26.74 -22.56 3.80
C LEU A 21 -27.61 -22.99 4.97
N GLN A 22 -28.84 -23.41 4.68
CA GLN A 22 -29.74 -23.96 5.68
C GLN A 22 -29.12 -25.18 6.37
N GLU A 23 -28.48 -26.06 5.59
CA GLU A 23 -27.85 -27.23 6.18
C GLU A 23 -26.72 -26.82 7.11
N ALA A 24 -25.97 -25.79 6.72
CA ALA A 24 -24.79 -25.38 7.47
C ALA A 24 -25.18 -24.83 8.84
N SER A 25 -26.31 -24.10 8.88
CA SER A 25 -26.82 -23.55 10.13
C SER A 25 -27.24 -24.67 11.03
N GLN A 26 -27.93 -25.64 10.47
CA GLN A 26 -28.38 -26.78 11.27
C GLN A 26 -27.19 -27.58 11.83
N VAL A 27 -26.20 -27.83 10.98
CA VAL A 27 -25.00 -28.54 11.43
C VAL A 27 -24.39 -27.81 12.62
N THR A 28 -24.38 -26.49 12.52
CA THR A 28 -23.73 -25.65 13.52
C THR A 28 -24.48 -25.66 14.84
N PHE A 29 -25.79 -25.42 14.76
CA PHE A 29 -26.62 -25.46 15.95
C PHE A 29 -26.61 -26.86 16.59
N ILE A 30 -26.64 -27.91 15.77
CA ILE A 30 -26.63 -29.28 16.30
C ILE A 30 -25.30 -29.65 16.98
N PHE A 31 -24.19 -29.14 16.45
CA PHE A 31 -22.92 -29.35 17.12
C PHE A 31 -22.95 -28.81 18.55
N GLY A 32 -23.52 -27.61 18.73
CA GLY A 32 -23.63 -27.02 20.06
C GLY A 32 -24.41 -27.93 20.98
N GLU A 33 -25.42 -28.58 20.43
CA GLU A 33 -26.24 -29.53 21.20
C GLU A 33 -25.42 -30.73 21.62
N LEU A 34 -24.67 -31.31 20.67
CA LEU A 34 -23.83 -32.47 20.95
C LEU A 34 -22.80 -32.16 22.03
N LYS A 35 -22.21 -30.96 21.96
CA LYS A 35 -21.16 -30.56 22.88
C LYS A 35 -21.70 -30.41 24.31
N ARG A 36 -22.97 -30.03 24.42
CA ARG A 36 -23.67 -29.90 25.70
C ARG A 36 -24.11 -31.25 26.26
N GLY A 37 -23.89 -32.32 25.51
CA GLY A 37 -24.29 -33.64 25.98
C GLY A 37 -25.64 -34.11 25.44
N ASN A 38 -26.24 -33.37 24.52
CA ASN A 38 -27.47 -33.83 23.87
C ASN A 38 -27.17 -34.71 22.65
N GLU A 39 -26.96 -35.99 22.90
CA GLU A 39 -26.56 -36.95 21.88
C GLU A 39 -27.74 -37.36 20.99
N SER A 40 -28.95 -36.97 21.37
CA SER A 40 -30.13 -37.39 20.63
C SER A 40 -30.13 -36.87 19.18
N VAL A 41 -29.41 -35.78 18.93
CA VAL A 41 -29.42 -35.21 17.58
C VAL A 41 -28.23 -35.65 16.71
N LYS A 42 -27.49 -36.67 17.14
CA LYS A 42 -26.31 -37.15 16.42
C LYS A 42 -26.65 -37.67 15.01
N PRO A 43 -27.72 -38.47 14.88
CA PRO A 43 -28.14 -38.88 13.53
C PRO A 43 -28.46 -37.71 12.60
N GLN A 44 -29.16 -36.69 13.11
CA GLN A 44 -29.47 -35.52 12.31
C GLN A 44 -28.18 -34.77 11.91
N PHE A 45 -27.24 -34.65 12.85
CA PHE A 45 -25.93 -34.06 12.55
C PHE A 45 -25.31 -34.72 11.33
N GLU A 46 -25.23 -36.05 11.36
CA GLU A 46 -24.62 -36.82 10.29
C GLU A 46 -25.39 -36.69 8.98
N ASN A 47 -26.72 -36.67 9.09
CA ASN A 47 -27.56 -36.47 7.92
C ASN A 47 -27.37 -35.08 7.28
N HIS A 48 -27.31 -34.04 8.09
CA HIS A 48 -27.13 -32.70 7.51
C HIS A 48 -25.74 -32.51 6.89
N VAL A 49 -24.72 -33.14 7.47
CA VAL A 49 -23.37 -33.10 6.90
C VAL A 49 -23.37 -33.77 5.52
N LYS A 50 -23.95 -34.97 5.46
CA LYS A 50 -24.10 -35.71 4.22
C LYS A 50 -24.89 -34.95 3.15
N GLN A 51 -25.97 -34.28 3.56
CA GLN A 51 -26.78 -33.49 2.63
C GLN A 51 -26.02 -32.27 2.09
N PHE A 52 -25.28 -31.60 2.96
CA PHE A 52 -24.44 -30.49 2.50
C PHE A 52 -23.50 -30.96 1.39
N TYR A 53 -22.88 -32.13 1.59
CA TYR A 53 -22.03 -32.69 0.56
C TYR A 53 -22.81 -32.99 -0.72
N GLU A 54 -23.94 -33.70 -0.59
CA GLU A 54 -24.72 -34.04 -1.78
C GLU A 54 -25.14 -32.80 -2.56
N ARG A 55 -25.56 -31.77 -1.83
CA ARG A 55 -25.95 -30.51 -2.45
C ARG A 55 -24.76 -29.78 -3.10
N LEU A 56 -23.60 -29.82 -2.45
CA LEU A 56 -22.38 -29.24 -3.01
C LEU A 56 -22.09 -29.89 -4.36
N ASP A 57 -22.20 -31.21 -4.37
CA ASP A 57 -21.87 -31.97 -5.57
C ASP A 57 -22.84 -31.62 -6.69
N LYS A 58 -24.13 -31.64 -6.38
CA LYS A 58 -25.17 -31.39 -7.38
C LYS A 58 -25.14 -29.97 -7.92
N SER A 59 -25.08 -28.98 -7.03
CA SER A 59 -25.11 -27.59 -7.46
C SER A 59 -23.88 -27.21 -8.29
N THR A 60 -22.70 -27.66 -7.89
CA THR A 60 -21.48 -27.33 -8.63
C THR A 60 -21.47 -28.05 -9.98
N THR A 61 -22.05 -29.24 -10.03
CA THR A 61 -22.13 -29.98 -11.29
C THR A 61 -23.07 -29.29 -12.28
N GLN A 62 -24.21 -28.82 -11.77
CA GLN A 62 -25.15 -28.09 -12.61
C GLN A 62 -24.53 -26.77 -13.08
N LEU A 63 -23.78 -26.12 -12.18
CA LEU A 63 -23.10 -24.87 -12.53
C LEU A 63 -22.06 -25.10 -13.64
N ARG A 64 -21.35 -26.21 -13.57
CA ARG A 64 -20.36 -26.50 -14.59
C ARG A 64 -21.03 -26.67 -15.96
N LYS A 65 -22.18 -27.33 -15.98
CA LYS A 65 -22.97 -27.48 -17.20
C LYS A 65 -23.42 -26.11 -17.73
N GLU A 66 -23.93 -25.25 -16.84
CA GLU A 66 -24.33 -23.91 -17.25
C GLU A 66 -23.20 -23.11 -17.89
N ILE A 67 -21.99 -23.23 -17.37
CA ILE A 67 -20.84 -22.56 -17.96
C ILE A 67 -20.53 -23.12 -19.36
N GLN A 68 -20.68 -24.43 -19.51
CA GLN A 68 -20.44 -25.10 -20.77
C GLN A 68 -21.42 -24.59 -21.83
N LEU A 69 -22.68 -24.45 -21.42
CA LEU A 69 -23.72 -23.96 -22.30
C LEU A 69 -23.51 -22.49 -22.72
N LEU A 70 -22.97 -21.67 -21.82
CA LEU A 70 -22.58 -20.31 -22.20
C LEU A 70 -21.60 -20.38 -23.35
N ASP A 71 -20.59 -21.23 -23.17
CA ASP A 71 -19.50 -21.35 -24.12
C ASP A 71 -19.98 -21.84 -25.49
N GLU A 72 -20.97 -22.72 -25.49
CA GLU A 72 -21.47 -23.30 -26.72
C GLU A 72 -22.37 -22.33 -27.47
N ASN A 73 -22.85 -21.31 -26.77
CA ASN A 73 -23.76 -20.35 -27.34
C ASN A 73 -23.13 -19.05 -27.81
N VAL A 74 -21.80 -19.00 -27.77
CA VAL A 74 -21.09 -17.86 -28.32
C VAL A 74 -21.27 -17.86 -29.83
N GLY A 75 -21.79 -16.76 -30.37
CA GLY A 75 -22.06 -16.66 -31.79
C GLY A 75 -23.46 -17.11 -32.21
N THR A 76 -24.14 -17.89 -31.37
CA THR A 76 -25.46 -18.41 -31.72
C THR A 76 -26.62 -17.68 -31.03
N ARG A 77 -26.63 -17.68 -29.70
CA ARG A 77 -27.59 -16.87 -28.95
C ARG A 77 -26.90 -15.69 -28.30
N LEU A 78 -25.59 -15.84 -28.04
CA LEU A 78 -24.84 -14.81 -27.34
C LEU A 78 -23.84 -14.10 -28.25
N LEU A 79 -23.81 -12.77 -28.17
CA LEU A 79 -22.86 -11.97 -28.94
C LEU A 79 -21.43 -12.33 -28.56
N PRO A 80 -20.54 -12.42 -29.55
CA PRO A 80 -19.13 -12.64 -29.25
C PRO A 80 -18.49 -11.38 -28.64
N ILE A 81 -17.25 -11.49 -28.19
CA ILE A 81 -16.53 -10.33 -27.68
C ILE A 81 -15.04 -10.39 -28.00
N SER B 5 -12.57 -16.01 -21.10
CA SER B 5 -13.29 -15.40 -19.98
C SER B 5 -14.26 -16.38 -19.36
N ASN B 6 -14.70 -17.36 -20.13
CA ASN B 6 -15.49 -18.45 -19.56
C ASN B 6 -14.58 -19.45 -18.83
N GLN B 7 -13.34 -19.58 -19.29
CA GLN B 7 -12.34 -20.42 -18.61
C GLN B 7 -12.16 -19.97 -17.16
N ALA B 8 -12.21 -18.65 -16.96
CA ALA B 8 -12.12 -18.07 -15.64
C ALA B 8 -13.31 -18.47 -14.77
N LEU B 9 -14.47 -18.67 -15.38
CA LEU B 9 -15.65 -19.17 -14.66
C LEU B 9 -15.43 -20.61 -14.18
N TYR B 10 -14.91 -21.46 -15.06
CA TYR B 10 -14.61 -22.86 -14.71
C TYR B 10 -13.63 -22.91 -13.55
N GLU B 11 -12.61 -22.07 -13.62
CA GLU B 11 -11.53 -22.08 -12.64
C GLU B 11 -11.97 -21.55 -11.28
N LYS B 12 -12.82 -20.54 -11.29
CA LYS B 12 -13.41 -20.06 -10.05
C LYS B 12 -14.29 -21.15 -9.42
N LEU B 13 -15.05 -21.86 -10.25
CA LEU B 13 -15.92 -22.94 -9.78
C LEU B 13 -15.12 -24.05 -9.12
N GLU B 14 -14.05 -24.49 -9.78
CA GLU B 14 -13.18 -25.53 -9.25
C GLU B 14 -12.57 -25.14 -7.91
N GLN B 15 -12.12 -23.91 -7.81
CA GLN B 15 -11.47 -23.42 -6.60
C GLN B 15 -12.48 -23.36 -5.45
N THR B 16 -13.69 -22.87 -5.71
CA THR B 16 -14.70 -22.76 -4.67
C THR B 16 -15.18 -24.14 -4.19
N ARG B 17 -15.42 -25.06 -5.11
CA ARG B 17 -15.73 -26.43 -4.71
C ARG B 17 -14.61 -27.04 -3.89
N THR B 18 -13.37 -26.77 -4.29
CA THR B 18 -12.21 -27.27 -3.56
C THR B 18 -12.22 -26.77 -2.11
N ILE B 19 -12.39 -25.48 -1.92
CA ILE B 19 -12.43 -24.89 -0.57
C ILE B 19 -13.61 -25.42 0.28
N LEU B 20 -14.80 -25.48 -0.30
CA LEU B 20 -15.96 -26.01 0.41
C LEU B 20 -15.72 -27.43 0.92
N SER B 21 -15.16 -28.28 0.06
CA SER B 21 -14.92 -29.66 0.50
C SER B 21 -13.86 -29.72 1.60
N VAL B 22 -12.82 -28.90 1.51
CA VAL B 22 -11.82 -28.85 2.57
C VAL B 22 -12.45 -28.37 3.88
N LYS B 23 -13.22 -27.30 3.81
CA LYS B 23 -13.82 -26.73 5.01
C LYS B 23 -14.82 -27.69 5.67
N LEU B 24 -15.55 -28.45 4.84
CA LEU B 24 -16.49 -29.43 5.37
C LEU B 24 -15.73 -30.55 6.08
N ALA B 25 -14.68 -31.06 5.39
CA ALA B 25 -13.82 -32.10 5.95
C ALA B 25 -13.16 -31.69 7.27
N GLU B 26 -12.76 -30.42 7.36
CA GLU B 26 -12.21 -29.87 8.61
C GLU B 26 -13.27 -29.89 9.71
N LEU B 27 -14.46 -29.41 9.37
CA LEU B 27 -15.59 -29.43 10.30
C LEU B 27 -15.89 -30.85 10.80
N ILE B 28 -15.85 -31.83 9.89
CA ILE B 28 -16.09 -33.24 10.25
C ILE B 28 -15.07 -33.75 11.28
N ASN B 29 -13.86 -33.20 11.25
CA ASN B 29 -12.78 -33.62 12.15
C ASN B 29 -12.79 -32.99 13.55
N ILE B 30 -13.72 -32.09 13.82
CA ILE B 30 -13.79 -31.49 15.16
C ILE B 30 -14.58 -32.40 16.08
N THR B 31 -13.94 -32.83 17.17
CA THR B 31 -14.57 -33.81 18.05
C THR B 31 -15.95 -33.35 18.54
N THR B 32 -16.93 -34.25 18.44
CA THR B 32 -18.29 -33.99 18.90
C THR B 32 -18.52 -34.53 20.32
N ILE B 33 -17.48 -35.06 20.94
CA ILE B 33 -17.61 -35.61 22.29
C ILE B 33 -18.09 -34.56 23.29
N ALA B 34 -19.04 -34.96 24.14
CA ALA B 34 -19.63 -34.00 25.07
C ALA B 34 -18.62 -33.48 26.07
N ASP B 35 -18.74 -32.18 26.36
CA ASP B 35 -17.95 -31.52 27.38
C ASP B 35 -17.92 -32.33 28.68
N PHE B 44 -6.56 -30.00 38.44
CA PHE B 44 -6.33 -29.61 37.05
C PHE B 44 -7.32 -28.54 36.60
N ALA B 45 -7.85 -27.80 37.57
CA ALA B 45 -8.83 -26.76 37.29
C ALA B 45 -8.24 -25.63 36.44
N GLN B 46 -7.01 -25.20 36.75
CA GLN B 46 -6.41 -24.11 36.00
C GLN B 46 -6.28 -24.43 34.51
N GLU B 47 -5.71 -25.59 34.21
CA GLU B 47 -5.54 -26.03 32.83
C GLU B 47 -6.88 -26.01 32.10
N ASN B 48 -7.89 -26.63 32.70
CA ASN B 48 -9.22 -26.74 32.10
C ASN B 48 -9.78 -25.38 31.78
N SER B 49 -9.60 -24.46 32.71
CA SER B 49 -10.08 -23.10 32.56
C SER B 49 -9.28 -22.33 31.50
N GLU B 50 -7.96 -22.49 31.47
CA GLU B 50 -7.17 -21.76 30.47
C GLU B 50 -7.42 -22.27 29.04
N LEU B 51 -7.45 -23.59 28.86
CA LEU B 51 -7.57 -24.16 27.52
C LEU B 51 -8.99 -24.08 26.99
N ALA B 52 -9.98 -24.15 27.90
CA ALA B 52 -11.39 -24.04 27.52
C ALA B 52 -11.68 -24.89 26.28
N VAL B 53 -11.35 -26.17 26.38
CA VAL B 53 -11.43 -27.08 25.24
C VAL B 53 -12.83 -27.14 24.59
N ALA B 54 -13.87 -27.27 25.40
CA ALA B 54 -15.24 -27.43 24.87
C ALA B 54 -15.71 -26.18 24.13
N THR B 55 -15.48 -25.03 24.74
CA THR B 55 -15.72 -23.73 24.12
C THR B 55 -14.94 -23.57 22.82
N THR B 56 -13.67 -23.92 22.84
CA THR B 56 -12.83 -23.84 21.64
C THR B 56 -13.40 -24.65 20.47
N SER B 57 -13.96 -25.83 20.76
CA SER B 57 -14.51 -26.66 19.70
C SER B 57 -15.73 -25.99 19.06
N VAL B 58 -16.54 -25.34 19.89
CA VAL B 58 -17.72 -24.64 19.36
C VAL B 58 -17.26 -23.48 18.47
N VAL B 61 -16.03 -24.85 15.08
CA VAL B 61 -17.09 -25.25 14.15
C VAL B 61 -17.76 -24.01 13.54
N ASN B 62 -18.05 -23.02 14.38
CA ASN B 62 -18.62 -21.77 13.89
C ASN B 62 -17.70 -21.05 12.91
N ASN B 63 -16.39 -21.15 13.12
CA ASN B 63 -15.43 -20.57 12.20
C ASN B 63 -15.50 -21.29 10.84
N GLN B 64 -15.64 -22.61 10.86
CA GLN B 64 -15.85 -23.35 9.61
C GLN B 64 -17.13 -22.90 8.90
N THR B 65 -18.21 -22.75 9.66
CA THR B 65 -19.48 -22.30 9.10
C THR B 65 -19.41 -20.90 8.48
N GLN B 67 -16.93 -19.70 7.03
CA GLN B 67 -16.26 -19.92 5.74
C GLN B 67 -17.13 -20.70 4.76
N LEU B 68 -17.95 -21.61 5.26
CA LEU B 68 -18.88 -22.30 4.36
C LEU B 68 -19.84 -21.26 3.77
N ILE B 69 -20.27 -20.31 4.61
CA ILE B 69 -21.16 -19.25 4.15
C ILE B 69 -20.47 -18.36 3.11
N LYS B 70 -19.26 -17.93 3.41
CA LYS B 70 -18.51 -17.07 2.52
C LYS B 70 -18.37 -17.73 1.14
N ASN B 71 -18.01 -19.01 1.12
CA ASN B 71 -17.75 -19.71 -0.13
C ASN B 71 -19.01 -20.09 -0.91
N VAL B 72 -20.10 -20.36 -0.21
CA VAL B 72 -21.40 -20.50 -0.88
C VAL B 72 -21.76 -19.16 -1.54
N GLN B 73 -21.51 -18.06 -0.84
CA GLN B 73 -21.66 -16.73 -1.41
CA GLN B 73 -21.68 -16.74 -1.43
C GLN B 73 -20.94 -16.65 -2.76
N ASP B 74 -19.72 -17.18 -2.81
CA ASP B 74 -18.97 -17.12 -4.06
C ASP B 74 -19.67 -17.92 -5.17
N LEU B 75 -20.31 -19.04 -4.81
CA LEU B 75 -21.08 -19.79 -5.79
C LEU B 75 -22.27 -18.97 -6.32
N LEU B 76 -22.83 -18.11 -5.47
CA LEU B 76 -23.95 -17.25 -5.88
CA LEU B 76 -23.95 -17.28 -5.90
C LEU B 76 -23.49 -16.14 -6.81
N ILE B 77 -22.32 -15.58 -6.51
CA ILE B 77 -21.75 -14.55 -7.37
C ILE B 77 -21.51 -15.12 -8.77
N LEU B 78 -20.98 -16.32 -8.83
CA LEU B 78 -20.80 -17.02 -10.10
C LEU B 78 -22.14 -17.21 -10.85
N THR B 79 -23.15 -17.70 -10.14
CA THR B 79 -24.47 -17.94 -10.72
C THR B 79 -25.07 -16.65 -11.28
N ARG B 80 -24.92 -15.55 -10.53
CA ARG B 80 -25.44 -14.27 -10.98
C ARG B 80 -24.74 -13.80 -12.23
N SER B 81 -23.42 -13.99 -12.27
CA SER B 81 -22.68 -13.56 -13.44
C SER B 81 -23.13 -14.34 -14.68
N ILE B 82 -23.46 -15.62 -14.51
CA ILE B 82 -23.98 -16.40 -15.64
C ILE B 82 -25.34 -15.88 -16.07
N LYS B 83 -26.21 -15.58 -15.11
CA LYS B 83 -27.52 -15.00 -15.42
C LYS B 83 -27.39 -13.72 -16.23
N GLU B 84 -26.48 -12.85 -15.79
CA GLU B 84 -26.32 -11.55 -16.43
C GLU B 84 -25.79 -11.64 -17.85
N LYS B 85 -24.94 -12.62 -18.10
CA LYS B 85 -24.47 -12.86 -19.46
C LYS B 85 -25.64 -13.21 -20.39
N TRP B 86 -26.56 -14.05 -19.93
CA TRP B 86 -27.75 -14.35 -20.74
C TRP B 86 -28.65 -13.13 -20.91
N LEU B 87 -28.84 -12.37 -19.84
CA LEU B 87 -29.75 -11.22 -19.85
C LEU B 87 -29.21 -10.11 -20.74
N LEU B 88 -27.89 -9.98 -20.78
CA LEU B 88 -27.26 -8.83 -21.42
C LEU B 88 -26.74 -9.09 -22.84
N ASN B 89 -26.28 -10.30 -23.11
CA ASN B 89 -25.59 -10.58 -24.38
C ASN B 89 -26.39 -11.41 -25.35
N GLN B 90 -27.67 -11.59 -25.07
CA GLN B 90 -28.52 -12.30 -26.00
C GLN B 90 -28.68 -11.45 -27.24
N ILE B 91 -28.79 -12.10 -28.40
CA ILE B 91 -29.04 -11.39 -29.64
C ILE B 91 -30.52 -11.00 -29.72
N PRO B 92 -30.78 -9.72 -29.99
CA PRO B 92 -32.15 -9.18 -30.02
C PRO B 92 -32.93 -9.64 -31.25
N GLY C 1 -10.50 -19.31 45.94
CA GLY C 1 -10.04 -17.96 46.16
C GLY C 1 -10.59 -16.96 45.15
N TYR C 2 -10.05 -15.75 45.18
CA TYR C 2 -10.54 -14.67 44.31
C TYR C 2 -10.14 -14.89 42.85
N ILE C 3 -8.92 -15.36 42.61
CA ILE C 3 -8.51 -15.68 41.25
C ILE C 3 -9.42 -16.75 40.65
N GLN C 4 -9.84 -17.71 41.47
CA GLN C 4 -10.74 -18.77 41.02
C GLN C 4 -12.11 -18.20 40.65
N GLU C 5 -12.57 -17.23 41.42
CA GLU C 5 -13.86 -16.59 41.17
C GLU C 5 -13.84 -15.89 39.81
N ARG C 6 -12.72 -15.27 39.49
CA ARG C 6 -12.56 -14.53 38.25
C ARG C 6 -12.57 -15.49 37.06
N LEU C 7 -11.85 -16.60 37.18
CA LEU C 7 -11.82 -17.59 36.11
C LEU C 7 -13.21 -18.21 35.90
N LYS C 8 -13.90 -18.47 37.00
CA LYS C 8 -15.27 -18.99 36.95
C LYS C 8 -16.21 -18.02 36.20
N SER C 9 -16.17 -16.75 36.59
CA SER C 9 -16.96 -15.71 35.92
C SER C 9 -16.64 -15.64 34.42
N LEU C 10 -15.36 -15.69 34.07
CA LEU C 10 -14.96 -15.65 32.68
C LEU C 10 -15.38 -16.92 31.93
N ASN C 11 -15.17 -18.08 32.55
CA ASN C 11 -15.69 -19.34 32.01
C ASN C 11 -17.19 -19.23 31.70
N ASP C 12 -17.92 -18.63 32.64
CA ASP C 12 -19.36 -18.46 32.48
C ASP C 12 -19.69 -17.54 31.30
N ILE C 13 -18.89 -16.50 31.12
CA ILE C 13 -19.04 -15.65 29.96
C ILE C 13 -18.87 -16.45 28.65
N GLU C 14 -17.88 -17.33 28.60
CA GLU C 14 -17.68 -18.19 27.43
C GLU C 14 -18.92 -19.06 27.11
N THR C 15 -19.59 -19.52 28.15
CA THR C 15 -20.83 -20.28 27.99
C THR C 15 -21.92 -19.44 27.34
N GLN C 16 -22.09 -18.21 27.82
CA GLN C 16 -23.02 -17.26 27.22
C GLN C 16 -22.69 -17.02 25.74
N LEU C 17 -21.42 -16.76 25.44
CA LEU C 17 -20.98 -16.53 24.06
C LEU C 17 -21.27 -17.73 23.16
N CYS C 18 -21.04 -18.95 23.65
CA CYS C 18 -21.39 -20.16 22.90
C CYS C 18 -22.89 -20.27 22.66
N SER C 19 -23.67 -19.86 23.65
CA SER C 19 -25.12 -19.81 23.51
C SER C 19 -25.55 -18.84 22.43
N LEU C 21 -23.85 -18.00 19.79
CA LEU C 21 -23.52 -18.60 18.49
C LEU C 21 -24.61 -19.59 18.07
N GLN C 22 -25.04 -20.42 19.02
CA GLN C 22 -26.14 -21.36 18.80
C GLN C 22 -27.42 -20.65 18.34
N GLU C 23 -27.72 -19.55 19.01
CA GLU C 23 -28.89 -18.74 18.70
C GLU C 23 -28.85 -18.13 17.31
N ALA C 24 -27.68 -17.66 16.90
CA ALA C 24 -27.54 -17.01 15.60
C ALA C 24 -27.85 -18.00 14.47
N SER C 25 -27.34 -19.22 14.61
CA SER C 25 -27.61 -20.24 13.60
C SER C 25 -29.06 -20.75 13.62
N GLN C 26 -29.69 -20.77 14.81
CA GLN C 26 -31.13 -21.05 14.89
C GLN C 26 -31.94 -19.96 14.17
N VAL C 27 -31.65 -18.71 14.50
CA VAL C 27 -32.28 -17.58 13.82
C VAL C 27 -32.14 -17.76 12.30
N THR C 28 -30.93 -18.10 11.86
CA THR C 28 -30.69 -18.22 10.42
C THR C 28 -31.52 -19.34 9.80
N PHE C 29 -31.51 -20.52 10.43
CA PHE C 29 -32.27 -21.65 9.93
C PHE C 29 -33.77 -21.37 9.95
N ILE C 30 -34.25 -20.77 11.02
CA ILE C 30 -35.69 -20.45 11.13
C ILE C 30 -36.12 -19.40 10.08
N PHE C 31 -35.25 -18.42 9.81
CA PHE C 31 -35.56 -17.45 8.76
C PHE C 31 -35.83 -18.14 7.41
N GLY C 32 -34.98 -19.09 7.06
CA GLY C 32 -35.17 -19.89 5.85
C GLY C 32 -36.50 -20.64 5.82
N GLU C 33 -36.93 -21.12 6.99
CA GLU C 33 -38.23 -21.78 7.14
C GLU C 33 -39.38 -20.81 6.89
N LEU C 34 -39.28 -19.62 7.46
CA LEU C 34 -40.31 -18.60 7.25
C LEU C 34 -40.38 -18.25 5.77
N LYS C 35 -39.21 -18.10 5.14
CA LYS C 35 -39.14 -17.69 3.73
C LYS C 35 -39.82 -18.72 2.82
N ARG C 36 -39.83 -19.97 3.27
CA ARG C 36 -40.38 -21.04 2.46
C ARG C 36 -41.83 -21.41 2.85
N GLY C 37 -42.46 -20.54 3.64
CA GLY C 37 -43.88 -20.64 3.90
C GLY C 37 -44.27 -21.28 5.23
N ASN C 38 -43.30 -21.62 6.06
CA ASN C 38 -43.62 -22.22 7.35
C ASN C 38 -43.83 -21.14 8.40
N GLU C 39 -45.05 -20.63 8.47
CA GLU C 39 -45.36 -19.51 9.35
C GLU C 39 -45.45 -19.91 10.83
N SER C 40 -45.55 -21.20 11.10
CA SER C 40 -45.68 -21.66 12.49
C SER C 40 -44.44 -21.38 13.34
N VAL C 41 -43.29 -21.17 12.70
CA VAL C 41 -42.04 -20.93 13.42
C VAL C 41 -41.79 -19.45 13.82
N LYS C 42 -42.65 -18.54 13.40
CA LYS C 42 -42.44 -17.11 13.65
C LYS C 42 -42.21 -16.72 15.13
N PRO C 43 -43.04 -17.24 16.05
CA PRO C 43 -42.82 -16.95 17.47
C PRO C 43 -41.47 -17.44 18.00
N GLN C 44 -40.99 -18.59 17.53
CA GLN C 44 -39.66 -19.07 17.89
C GLN C 44 -38.58 -18.14 17.31
N PHE C 45 -38.75 -17.76 16.05
CA PHE C 45 -37.85 -16.80 15.45
C PHE C 45 -37.72 -15.57 16.36
N GLU C 46 -38.86 -14.97 16.71
CA GLU C 46 -38.82 -13.74 17.51
C GLU C 46 -38.21 -13.98 18.89
N ASN C 47 -38.46 -15.16 19.45
CA ASN C 47 -37.87 -15.52 20.74
C ASN C 47 -36.34 -15.66 20.72
N HIS C 48 -35.80 -16.26 19.66
CA HIS C 48 -34.35 -16.41 19.56
C HIS C 48 -33.66 -15.07 19.34
N VAL C 49 -34.31 -14.19 18.58
CA VAL C 49 -33.79 -12.85 18.34
C VAL C 49 -33.69 -12.09 19.66
N LYS C 50 -34.77 -12.13 20.43
CA LYS C 50 -34.78 -11.47 21.72
C LYS C 50 -33.74 -12.08 22.67
N GLN C 51 -33.60 -13.40 22.64
CA GLN C 51 -32.61 -14.07 23.48
C GLN C 51 -31.18 -13.67 23.12
N PHE C 52 -30.93 -13.51 21.82
CA PHE C 52 -29.61 -13.11 21.36
C PHE C 52 -29.30 -11.72 21.92
N TYR C 53 -30.28 -10.83 21.85
CA TYR C 53 -30.08 -9.49 22.36
C TYR C 53 -29.82 -9.51 23.86
N GLU C 54 -30.61 -10.29 24.59
CA GLU C 54 -30.42 -10.39 26.03
C GLU C 54 -29.05 -10.91 26.40
N ARG C 55 -28.56 -11.91 25.65
CA ARG C 55 -27.22 -12.44 25.88
C ARG C 55 -26.12 -11.44 25.51
N LEU C 56 -26.35 -10.68 24.45
CA LEU C 56 -25.40 -9.65 24.04
C LEU C 56 -25.26 -8.64 25.18
N ASP C 57 -26.39 -8.20 25.68
CA ASP C 57 -26.41 -7.21 26.74
C ASP C 57 -25.71 -7.75 27.99
N LYS C 58 -26.05 -8.97 28.40
CA LYS C 58 -25.51 -9.53 29.63
C LYS C 58 -24.01 -9.83 29.54
N SER C 59 -23.62 -10.51 28.46
CA SER C 59 -22.23 -10.89 28.29
C SER C 59 -21.29 -9.67 28.22
N THR C 60 -21.70 -8.61 27.51
CA THR C 60 -20.81 -7.46 27.35
C THR C 60 -20.71 -6.61 28.62
N THR C 61 -21.79 -6.52 29.39
CA THR C 61 -21.73 -5.76 30.64
C THR C 61 -20.93 -6.56 31.68
N GLN C 62 -21.00 -7.88 31.62
CA GLN C 62 -20.18 -8.69 32.51
C GLN C 62 -18.70 -8.52 32.15
N LEU C 63 -18.39 -8.55 30.86
CA LEU C 63 -17.03 -8.31 30.40
C LEU C 63 -16.56 -6.92 30.81
N ARG C 64 -17.45 -5.93 30.75
CA ARG C 64 -17.08 -4.56 31.14
C ARG C 64 -16.71 -4.55 32.62
N LYS C 65 -17.47 -5.30 33.41
CA LYS C 65 -17.19 -5.44 34.84
C LYS C 65 -15.85 -6.13 35.07
N GLU C 66 -15.58 -7.19 34.30
CA GLU C 66 -14.31 -7.89 34.43
C GLU C 66 -13.13 -6.99 34.14
N ILE C 67 -13.26 -6.13 33.13
CA ILE C 67 -12.19 -5.18 32.80
C ILE C 67 -12.00 -4.16 33.93
N GLN C 68 -13.10 -3.69 34.50
CA GLN C 68 -13.03 -2.82 35.67
C GLN C 68 -12.32 -3.52 36.86
N LEU C 69 -12.60 -4.80 37.07
CA LEU C 69 -11.93 -5.54 38.14
C LEU C 69 -10.41 -5.64 37.93
N LEU C 70 -9.99 -5.78 36.68
CA LEU C 70 -8.56 -5.74 36.37
C LEU C 70 -7.96 -4.43 36.88
N ASP C 71 -8.68 -3.34 36.63
CA ASP C 71 -8.22 -2.00 36.98
C ASP C 71 -8.08 -1.80 38.48
N GLU C 72 -9.04 -2.28 39.24
CA GLU C 72 -9.04 -1.99 40.66
C GLU C 72 -8.28 -3.03 41.50
N ASN C 73 -7.84 -4.11 40.86
CA ASN C 73 -7.02 -5.08 41.57
C ASN C 73 -5.52 -4.85 41.37
N VAL C 74 -5.18 -3.86 40.54
CA VAL C 74 -3.79 -3.49 40.36
C VAL C 74 -3.21 -2.95 41.67
N GLY C 75 -2.03 -3.44 42.03
CA GLY C 75 -1.37 -3.04 43.26
C GLY C 75 -1.99 -3.77 44.45
N THR C 76 -2.98 -4.59 44.18
CA THR C 76 -3.70 -5.32 45.22
C THR C 76 -3.51 -6.82 45.06
N ARG C 77 -4.10 -7.38 44.01
CA ARG C 77 -3.97 -8.80 43.71
C ARG C 77 -3.21 -9.02 42.40
N LEU C 78 -3.01 -7.95 41.65
CA LEU C 78 -2.32 -8.02 40.37
C LEU C 78 -1.08 -7.14 40.41
N LEU C 79 0.04 -7.68 39.94
CA LEU C 79 1.26 -6.88 39.84
C LEU C 79 1.04 -5.70 38.90
N PRO C 80 1.65 -4.55 39.22
CA PRO C 80 2.55 -4.32 40.36
C PRO C 80 1.83 -4.31 41.71
N SER D 5 -3.53 -3.70 26.73
CA SER D 5 -3.81 -2.85 27.88
C SER D 5 -5.30 -2.86 28.21
N ASN D 6 -5.65 -2.50 29.44
CA ASN D 6 -7.04 -2.46 29.87
C ASN D 6 -7.87 -1.45 29.07
N GLN D 7 -7.23 -0.35 28.68
CA GLN D 7 -7.88 0.65 27.85
C GLN D 7 -8.24 0.06 26.50
N ALA D 8 -7.31 -0.67 25.92
CA ALA D 8 -7.50 -1.30 24.61
C ALA D 8 -8.58 -2.39 24.69
N LEU D 9 -8.63 -3.09 25.83
CA LEU D 9 -9.62 -4.13 26.03
C LEU D 9 -11.01 -3.50 26.03
N TYR D 10 -11.16 -2.43 26.80
CA TYR D 10 -12.41 -1.70 26.81
C TYR D 10 -12.85 -1.22 25.42
N GLU D 11 -11.92 -0.63 24.68
CA GLU D 11 -12.24 -0.04 23.39
C GLU D 11 -12.73 -1.12 22.44
N LYS D 12 -12.08 -2.26 22.51
CA LYS D 12 -12.44 -3.41 21.70
C LYS D 12 -13.84 -3.89 22.07
N LEU D 13 -14.14 -3.86 23.37
CA LEU D 13 -15.43 -4.32 23.86
C LEU D 13 -16.54 -3.42 23.33
N GLU D 14 -16.32 -2.11 23.42
CA GLU D 14 -17.31 -1.16 22.94
C GLU D 14 -17.57 -1.31 21.44
N GLN D 15 -16.50 -1.37 20.64
CA GLN D 15 -16.67 -1.54 19.20
C GLN D 15 -17.45 -2.81 18.85
N THR D 16 -17.14 -3.90 19.56
CA THR D 16 -17.75 -5.19 19.27
C THR D 16 -19.23 -5.24 19.63
N ARG D 17 -19.59 -4.68 20.78
CA ARG D 17 -21.00 -4.58 21.16
C ARG D 17 -21.74 -3.76 20.12
N THR D 18 -21.11 -2.69 19.67
CA THR D 18 -21.75 -1.80 18.69
C THR D 18 -22.06 -2.58 17.42
N ILE D 19 -21.07 -3.28 16.89
CA ILE D 19 -21.24 -3.97 15.63
C ILE D 19 -22.30 -5.07 15.75
N LEU D 20 -22.26 -5.80 16.87
CA LEU D 20 -23.24 -6.86 17.14
C LEU D 20 -24.67 -6.30 17.18
N SER D 21 -24.81 -5.14 17.82
CA SER D 21 -26.08 -4.45 17.88
C SER D 21 -26.57 -4.03 16.48
N VAL D 22 -25.66 -3.47 15.70
CA VAL D 22 -26.00 -3.07 14.34
C VAL D 22 -26.38 -4.27 13.46
N LYS D 23 -25.62 -5.36 13.53
CA LYS D 23 -25.88 -6.48 12.62
C LYS D 23 -27.17 -7.21 13.00
N LEU D 24 -27.49 -7.21 14.28
CA LEU D 24 -28.77 -7.78 14.72
C LEU D 24 -29.92 -6.91 14.23
N ALA D 25 -29.80 -5.58 14.39
CA ALA D 25 -30.84 -4.67 13.93
C ALA D 25 -31.06 -4.79 12.42
N GLU D 26 -29.98 -4.99 11.68
CA GLU D 26 -30.08 -5.18 10.23
C GLU D 26 -30.83 -6.47 9.91
N LEU D 27 -30.52 -7.52 10.66
CA LEU D 27 -31.16 -8.81 10.51
C LEU D 27 -32.68 -8.71 10.73
N ILE D 28 -33.06 -8.04 11.81
CA ILE D 28 -34.46 -7.84 12.14
C ILE D 28 -35.23 -7.12 11.00
N ASN D 29 -34.51 -6.31 10.23
CA ASN D 29 -35.14 -5.55 9.16
C ASN D 29 -35.37 -6.33 7.86
N ILE D 30 -34.86 -7.54 7.76
CA ILE D 30 -35.03 -8.33 6.54
C ILE D 30 -36.41 -9.00 6.52
N THR D 31 -37.21 -8.68 5.50
CA THR D 31 -38.59 -9.16 5.48
C THR D 31 -38.69 -10.68 5.60
N THR D 32 -39.56 -11.15 6.49
CA THR D 32 -39.74 -12.60 6.69
C THR D 32 -40.92 -13.15 5.88
N ILE D 33 -41.58 -12.29 5.12
CA ILE D 33 -42.74 -12.70 4.33
C ILE D 33 -42.40 -13.86 3.38
N ALA D 34 -43.27 -14.87 3.36
CA ALA D 34 -43.04 -16.06 2.56
C ALA D 34 -42.84 -15.72 1.08
N ASP D 35 -41.99 -16.51 0.44
CA ASP D 35 -41.79 -16.43 -1.01
C ASP D 35 -43.02 -16.99 -1.72
N ALA D 45 -41.42 -14.52 -15.52
CA ALA D 45 -41.10 -13.10 -15.51
C ALA D 45 -39.58 -12.87 -15.33
N GLN D 46 -39.01 -12.13 -16.27
CA GLN D 46 -37.60 -11.81 -16.24
C GLN D 46 -37.18 -11.05 -14.98
N GLU D 47 -38.00 -10.11 -14.54
CA GLU D 47 -37.66 -9.31 -13.37
C GLU D 47 -37.47 -10.17 -12.12
N ASN D 48 -38.43 -11.06 -11.88
CA ASN D 48 -38.37 -12.01 -10.78
C ASN D 48 -37.13 -12.88 -10.85
N SER D 49 -36.81 -13.30 -12.07
CA SER D 49 -35.69 -14.20 -12.27
C SER D 49 -34.36 -13.47 -12.06
N GLU D 50 -34.26 -12.26 -12.59
CA GLU D 50 -33.02 -11.47 -12.45
C GLU D 50 -32.80 -11.03 -11.00
N LEU D 51 -33.82 -10.45 -10.38
CA LEU D 51 -33.70 -9.91 -9.02
C LEU D 51 -33.55 -11.01 -7.95
N ALA D 52 -34.22 -12.15 -8.17
CA ALA D 52 -34.13 -13.27 -7.23
C ALA D 52 -34.31 -12.76 -5.80
N VAL D 53 -35.41 -12.05 -5.57
CA VAL D 53 -35.64 -11.39 -4.28
C VAL D 53 -35.62 -12.36 -3.07
N ALA D 54 -36.35 -13.47 -3.17
CA ALA D 54 -36.41 -14.45 -2.07
C ALA D 54 -35.02 -15.02 -1.72
N THR D 55 -34.34 -15.49 -2.76
CA THR D 55 -32.95 -15.96 -2.65
C THR D 55 -32.07 -14.92 -1.96
N THR D 56 -32.17 -13.69 -2.44
CA THR D 56 -31.37 -12.60 -1.90
C THR D 56 -31.62 -12.39 -0.40
N SER D 57 -32.87 -12.49 0.04
CA SER D 57 -33.15 -12.29 1.46
C SER D 57 -32.43 -13.34 2.33
N VAL D 58 -32.40 -14.59 1.87
CA VAL D 58 -31.68 -15.65 2.58
C VAL D 58 -30.18 -15.39 2.64
N VAL D 61 -29.48 -12.54 5.27
CA VAL D 61 -29.52 -12.99 6.65
C VAL D 61 -28.26 -13.79 6.99
N ASN D 62 -27.89 -14.70 6.10
CA ASN D 62 -26.64 -15.44 6.26
C ASN D 62 -25.41 -14.55 6.32
N ASN D 63 -25.39 -13.51 5.48
CA ASN D 63 -24.30 -12.54 5.55
C ASN D 63 -24.24 -11.83 6.91
N GLN D 64 -25.42 -11.48 7.45
CA GLN D 64 -25.51 -10.91 8.81
C GLN D 64 -24.92 -11.89 9.83
N THR D 65 -25.37 -13.15 9.73
CA THR D 65 -24.90 -14.20 10.64
C THR D 65 -23.37 -14.43 10.59
N GLN D 67 -21.25 -12.25 10.14
CA GLN D 67 -20.66 -11.14 10.91
C GLN D 67 -20.95 -11.26 12.41
N LEU D 68 -22.14 -11.75 12.74
CA LEU D 68 -22.43 -12.01 14.14
C LEU D 68 -21.40 -13.00 14.72
N ILE D 69 -21.11 -14.06 13.96
CA ILE D 69 -20.13 -15.06 14.40
C ILE D 69 -18.75 -14.43 14.56
N LYS D 70 -18.32 -13.72 13.52
CA LYS D 70 -17.00 -13.09 13.54
C LYS D 70 -16.86 -12.25 14.81
N ASN D 71 -17.89 -11.46 15.12
CA ASN D 71 -17.84 -10.55 16.28
C ASN D 71 -18.00 -11.21 17.66
N VAL D 72 -18.79 -12.28 17.73
CA VAL D 72 -18.79 -13.10 18.96
C VAL D 72 -17.41 -13.73 19.20
N GLN D 73 -16.75 -14.15 18.13
CA GLN D 73 -15.39 -14.68 18.25
CA GLN D 73 -15.39 -14.68 18.24
C GLN D 73 -14.47 -13.62 18.84
N ASP D 74 -14.65 -12.37 18.40
CA ASP D 74 -13.90 -11.24 18.98
C ASP D 74 -14.13 -11.09 20.49
N LEU D 75 -15.35 -11.41 20.95
CA LEU D 75 -15.66 -11.40 22.38
C LEU D 75 -14.99 -12.56 23.11
N LEU D 76 -14.92 -13.72 22.45
CA LEU D 76 -14.33 -14.91 23.06
CA LEU D 76 -14.32 -14.92 23.02
C LEU D 76 -12.83 -14.70 23.25
N ILE D 77 -12.22 -14.02 22.30
CA ILE D 77 -10.80 -13.71 22.37
C ILE D 77 -10.56 -12.69 23.49
N LEU D 78 -11.46 -11.72 23.61
CA LEU D 78 -11.39 -10.75 24.69
C LEU D 78 -11.44 -11.44 26.06
N THR D 79 -12.38 -12.36 26.21
CA THR D 79 -12.51 -13.14 27.43
C THR D 79 -11.20 -13.90 27.75
N ARG D 80 -10.61 -14.50 26.72
CA ARG D 80 -9.36 -15.25 26.88
C ARG D 80 -8.24 -14.33 27.38
N SER D 81 -8.16 -13.15 26.80
CA SER D 81 -7.10 -12.22 27.16
C SER D 81 -7.18 -11.86 28.63
N ILE D 82 -8.40 -11.67 29.12
CA ILE D 82 -8.62 -11.27 30.51
C ILE D 82 -8.19 -12.41 31.44
N LYS D 83 -8.49 -13.64 31.05
CA LYS D 83 -8.05 -14.80 31.82
C LYS D 83 -6.53 -14.80 31.96
N GLU D 84 -5.86 -14.54 30.83
CA GLU D 84 -4.40 -14.60 30.80
C GLU D 84 -3.81 -13.55 31.73
N LYS D 85 -4.47 -12.41 31.84
CA LYS D 85 -4.00 -11.39 32.75
C LYS D 85 -3.99 -11.88 34.20
N TRP D 86 -5.05 -12.59 34.60
CA TRP D 86 -5.12 -13.17 35.94
C TRP D 86 -4.08 -14.28 36.08
N LEU D 87 -3.96 -15.10 35.05
CA LEU D 87 -3.08 -16.26 35.15
C LEU D 87 -1.61 -15.85 35.24
N LEU D 88 -1.24 -14.79 34.51
CA LEU D 88 0.15 -14.35 34.49
C LEU D 88 0.51 -13.32 35.54
N ASN D 89 -0.43 -12.43 35.88
CA ASN D 89 -0.11 -11.27 36.70
C ASN D 89 -0.52 -11.33 38.18
N GLN D 90 -0.97 -12.49 38.64
CA GLN D 90 -1.34 -12.66 40.04
C GLN D 90 -0.12 -12.58 40.95
N ILE D 91 -0.28 -11.97 42.12
CA ILE D 91 0.82 -11.82 43.07
C ILE D 91 1.32 -13.15 43.64
N GLY E 1 27.86 -12.60 39.90
CA GLY E 1 27.07 -11.39 40.04
C GLY E 1 25.59 -11.60 39.73
N TYR E 2 24.77 -10.60 40.05
CA TYR E 2 23.34 -10.69 39.84
C TYR E 2 23.01 -10.79 38.34
N ILE E 3 23.73 -10.03 37.52
CA ILE E 3 23.53 -10.10 36.07
C ILE E 3 23.78 -11.52 35.57
N GLN E 4 24.83 -12.17 36.07
CA GLN E 4 25.14 -13.53 35.67
C GLN E 4 24.01 -14.48 36.08
N GLU E 5 23.47 -14.27 37.29
CA GLU E 5 22.31 -15.02 37.73
C GLU E 5 21.08 -14.79 36.83
N ARG E 6 20.88 -13.57 36.36
CA ARG E 6 19.75 -13.31 35.48
C ARG E 6 19.94 -14.00 34.13
N LEU E 7 21.14 -13.91 33.57
CA LEU E 7 21.43 -14.55 32.28
C LEU E 7 21.30 -16.07 32.39
N LYS E 8 21.71 -16.63 33.52
CA LYS E 8 21.58 -18.06 33.74
C LYS E 8 20.10 -18.50 33.80
N SER E 9 19.27 -17.72 34.47
CA SER E 9 17.86 -18.07 34.52
C SER E 9 17.22 -17.92 33.12
N LEU E 10 17.66 -16.94 32.36
CA LEU E 10 17.15 -16.75 31.02
C LEU E 10 17.60 -17.87 30.08
N ASN E 11 18.81 -18.38 30.28
CA ASN E 11 19.28 -19.52 29.49
C ASN E 11 18.46 -20.76 29.84
N ASP E 12 18.16 -20.91 31.13
CA ASP E 12 17.30 -21.99 31.58
C ASP E 12 15.95 -21.94 30.85
N ILE E 13 15.35 -20.76 30.75
CA ILE E 13 14.08 -20.58 30.02
C ILE E 13 14.20 -20.98 28.54
N GLU E 14 15.29 -20.56 27.91
CA GLU E 14 15.59 -20.99 26.54
C GLU E 14 15.58 -22.51 26.39
N THR E 15 16.19 -23.20 27.35
CA THR E 15 16.14 -24.66 27.41
C THR E 15 14.72 -25.21 27.49
N GLN E 16 13.87 -24.62 28.34
CA GLN E 16 12.48 -25.05 28.48
C GLN E 16 11.68 -24.86 27.20
N LEU E 17 11.94 -23.77 26.49
CA LEU E 17 11.29 -23.50 25.22
C LEU E 17 11.68 -24.55 24.17
N CYS E 18 12.95 -24.95 24.17
CA CYS E 18 13.41 -26.03 23.29
C CYS E 18 12.72 -27.34 23.65
N SER E 19 12.56 -27.60 24.95
CA SER E 19 11.81 -28.77 25.38
C SER E 19 10.36 -28.74 24.89
N LEU E 21 9.24 -27.30 22.14
CA LEU E 21 9.29 -27.61 20.72
C LEU E 21 9.36 -29.11 20.51
N GLN E 22 10.18 -29.79 21.31
CA GLN E 22 10.23 -31.26 21.26
C GLN E 22 8.89 -31.94 21.64
N GLU E 23 8.17 -31.40 22.62
CA GLU E 23 6.82 -31.93 22.91
C GLU E 23 5.93 -31.80 21.68
N ALA E 24 5.97 -30.64 21.03
CA ALA E 24 5.10 -30.40 19.88
C ALA E 24 5.38 -31.38 18.76
N SER E 25 6.66 -31.64 18.48
CA SER E 25 7.06 -32.63 17.49
C SER E 25 6.54 -34.02 17.82
N GLN E 26 6.63 -34.41 19.09
CA GLN E 26 6.15 -35.75 19.48
C GLN E 26 4.65 -35.84 19.36
N VAL E 27 3.95 -34.80 19.79
CA VAL E 27 2.49 -34.78 19.68
C VAL E 27 2.07 -35.01 18.21
N THR E 28 2.80 -34.37 17.30
CA THR E 28 2.48 -34.41 15.88
C THR E 28 2.70 -35.79 15.27
N PHE E 29 3.87 -36.37 15.53
N PHE E 29 3.85 -36.40 15.52
CA PHE E 29 4.16 -37.72 15.05
CA PHE E 29 4.06 -37.72 14.96
C PHE E 29 3.18 -38.72 15.64
C PHE E 29 3.28 -38.84 15.66
N ILE E 30 3.02 -38.68 16.95
CA ILE E 30 2.12 -39.62 17.65
C ILE E 30 0.68 -39.49 17.11
N PHE E 31 0.21 -38.27 16.86
CA PHE E 31 -1.09 -38.13 16.21
C PHE E 31 -1.16 -38.94 14.90
N GLY E 32 -0.13 -38.85 14.08
CA GLY E 32 -0.09 -39.64 12.85
C GLY E 32 -0.21 -41.15 13.08
N GLU E 33 0.43 -41.64 14.14
CA GLU E 33 0.31 -43.05 14.51
C GLU E 33 -1.11 -43.39 14.94
N LEU E 34 -1.71 -42.54 15.75
CA LEU E 34 -3.10 -42.74 16.15
C LEU E 34 -4.00 -42.84 14.93
N LYS E 35 -3.85 -41.87 14.02
CA LYS E 35 -4.71 -41.82 12.84
C LYS E 35 -4.56 -43.09 11.98
N ARG E 36 -3.38 -43.71 12.02
CA ARG E 36 -3.14 -44.88 11.21
C ARG E 36 -3.48 -46.20 11.92
N GLY E 37 -4.13 -46.11 13.07
CA GLY E 37 -4.67 -47.28 13.72
C GLY E 37 -3.92 -47.81 14.93
N ASN E 38 -2.88 -47.11 15.36
CA ASN E 38 -2.16 -47.58 16.53
C ASN E 38 -2.65 -46.94 17.83
N GLU E 39 -3.73 -47.48 18.37
CA GLU E 39 -4.36 -46.97 19.60
C GLU E 39 -3.49 -47.07 20.85
N SER E 40 -2.52 -47.97 20.85
CA SER E 40 -1.70 -48.18 22.03
C SER E 40 -0.91 -46.94 22.49
N VAL E 41 -0.70 -45.96 21.60
CA VAL E 41 0.10 -44.78 21.95
C VAL E 41 -0.73 -43.57 22.42
N LYS E 42 -2.02 -43.78 22.62
CA LYS E 42 -2.91 -42.70 23.04
C LYS E 42 -2.51 -42.07 24.38
N PRO E 43 -2.17 -42.90 25.39
CA PRO E 43 -1.77 -42.32 26.67
C PRO E 43 -0.53 -41.45 26.55
N GLN E 44 0.40 -41.85 25.68
CA GLN E 44 1.62 -41.10 25.46
C GLN E 44 1.30 -39.78 24.74
N PHE E 45 0.35 -39.85 23.80
CA PHE E 45 -0.14 -38.65 23.14
C PHE E 45 -0.66 -37.65 24.18
N GLU E 46 -1.59 -38.11 25.02
CA GLU E 46 -2.13 -37.29 26.09
C GLU E 46 -1.05 -36.73 27.01
N ASN E 47 -0.03 -37.54 27.27
CA ASN E 47 1.03 -37.12 28.19
C ASN E 47 1.89 -35.99 27.64
N HIS E 48 2.19 -36.06 26.35
CA HIS E 48 2.94 -35.00 25.71
C HIS E 48 2.14 -33.69 25.54
N VAL E 49 0.82 -33.81 25.36
CA VAL E 49 -0.06 -32.64 25.34
C VAL E 49 -0.03 -31.96 26.70
N LYS E 50 -0.27 -32.74 27.75
CA LYS E 50 -0.27 -32.20 29.10
C LYS E 50 1.10 -31.57 29.40
N GLN E 51 2.17 -32.24 29.00
CA GLN E 51 3.52 -31.72 29.21
C GLN E 51 3.80 -30.41 28.47
N PHE E 52 3.30 -30.29 27.25
CA PHE E 52 3.41 -29.03 26.54
C PHE E 52 2.74 -27.94 27.40
N TYR E 53 1.55 -28.25 27.91
CA TYR E 53 0.84 -27.29 28.74
C TYR E 53 1.62 -26.91 29.99
N GLU E 54 2.12 -27.91 30.73
CA GLU E 54 2.86 -27.64 31.96
C GLU E 54 4.09 -26.75 31.69
N ARG E 55 4.79 -27.05 30.60
CA ARG E 55 5.97 -26.27 30.24
C ARG E 55 5.64 -24.84 29.80
N LEU E 56 4.52 -24.68 29.09
CA LEU E 56 4.04 -23.35 28.73
C LEU E 56 3.78 -22.55 30.01
N ASP E 57 3.11 -23.17 30.97
CA ASP E 57 2.78 -22.51 32.22
C ASP E 57 4.04 -22.09 32.96
N LYS E 58 4.95 -23.05 33.18
CA LYS E 58 6.18 -22.79 33.91
C LYS E 58 7.09 -21.76 33.22
N SER E 59 7.29 -21.92 31.92
CA SER E 59 8.19 -21.04 31.21
C SER E 59 7.67 -19.60 31.17
N THR E 60 6.38 -19.42 30.89
CA THR E 60 5.81 -18.07 30.81
C THR E 60 5.72 -17.41 32.20
N THR E 61 5.51 -18.22 33.24
CA THR E 61 5.50 -17.69 34.59
C THR E 61 6.91 -17.16 34.94
N GLN E 62 7.93 -17.94 34.64
CA GLN E 62 9.32 -17.52 34.87
C GLN E 62 9.68 -16.29 34.02
N LEU E 63 9.20 -16.23 32.79
CA LEU E 63 9.38 -15.03 31.96
C LEU E 63 8.75 -13.81 32.61
N ARG E 64 7.52 -13.96 33.10
CA ARG E 64 6.84 -12.87 33.78
C ARG E 64 7.69 -12.36 34.96
N LYS E 65 8.30 -13.26 35.72
CA LYS E 65 9.17 -12.86 36.83
C LYS E 65 10.41 -12.14 36.31
N GLU E 66 10.97 -12.64 35.21
CA GLU E 66 12.19 -12.02 34.69
C GLU E 66 11.89 -10.59 34.27
N ILE E 67 10.71 -10.36 33.69
CA ILE E 67 10.34 -9.01 33.30
C ILE E 67 10.19 -8.12 34.54
N GLN E 68 9.59 -8.69 35.58
CA GLN E 68 9.43 -8.00 36.86
C GLN E 68 10.79 -7.59 37.47
N LEU E 69 11.77 -8.50 37.43
CA LEU E 69 13.09 -8.20 37.96
C LEU E 69 13.78 -7.06 37.21
N LEU E 70 13.48 -6.89 35.92
CA LEU E 70 13.96 -5.73 35.18
C LEU E 70 13.39 -4.45 35.78
N ASP E 71 12.07 -4.44 35.97
CA ASP E 71 11.41 -3.30 36.61
C ASP E 71 11.96 -2.95 37.99
N GLU E 72 12.09 -3.96 38.84
CA GLU E 72 12.50 -3.74 40.23
C GLU E 72 13.96 -3.32 40.38
N ASN E 73 14.74 -3.56 39.32
CA ASN E 73 16.15 -3.19 39.33
C ASN E 73 16.45 -2.14 38.26
N SER F 5 9.08 2.26 29.76
CA SER F 5 8.33 1.24 30.49
C SER F 5 8.48 -0.12 29.82
N ASN F 6 8.38 -1.18 30.61
CA ASN F 6 8.43 -2.54 30.08
C ASN F 6 7.04 -3.16 29.93
N GLN F 7 6.01 -2.33 29.95
CA GLN F 7 4.64 -2.81 29.81
C GLN F 7 4.49 -3.62 28.51
N ALA F 8 5.26 -3.24 27.50
CA ALA F 8 5.17 -3.91 26.21
C ALA F 8 5.64 -5.36 26.31
N LEU F 9 6.58 -5.64 27.22
CA LEU F 9 7.07 -7.00 27.41
C LEU F 9 6.00 -7.89 28.05
N TYR F 10 5.36 -7.39 29.09
CA TYR F 10 4.26 -8.09 29.74
C TYR F 10 3.13 -8.38 28.74
N GLU F 11 2.81 -7.39 27.93
CA GLU F 11 1.72 -7.52 26.97
C GLU F 11 2.03 -8.53 25.86
N LYS F 12 3.25 -8.49 25.32
CA LYS F 12 3.67 -9.51 24.36
C LYS F 12 3.59 -10.91 24.97
N LEU F 13 4.04 -11.01 26.22
CA LEU F 13 4.01 -12.28 26.94
C LEU F 13 2.58 -12.77 27.08
N GLU F 14 1.67 -11.88 27.50
CA GLU F 14 0.27 -12.22 27.65
C GLU F 14 -0.31 -12.70 26.33
N GLN F 15 -0.05 -11.94 25.28
CA GLN F 15 -0.57 -12.23 23.95
C GLN F 15 -0.10 -13.60 23.47
N THR F 16 1.19 -13.84 23.59
CA THR F 16 1.77 -15.10 23.14
C THR F 16 1.27 -16.30 23.92
N ARG F 17 1.17 -16.18 25.24
CA ARG F 17 0.62 -17.29 26.03
C ARG F 17 -0.83 -17.57 25.65
N THR F 18 -1.59 -16.51 25.35
CA THR F 18 -2.99 -16.65 24.94
C THR F 18 -3.09 -17.47 23.65
N ILE F 19 -2.28 -17.09 22.66
CA ILE F 19 -2.28 -17.78 21.37
C ILE F 19 -1.86 -19.24 21.52
N LEU F 20 -0.80 -19.48 22.27
CA LEU F 20 -0.32 -20.85 22.49
C LEU F 20 -1.41 -21.73 23.13
N SER F 21 -2.08 -21.21 24.14
CA SER F 21 -3.14 -21.98 24.79
C SER F 21 -4.30 -22.23 23.82
N VAL F 22 -4.68 -21.22 23.05
CA VAL F 22 -5.71 -21.42 22.03
C VAL F 22 -5.31 -22.48 20.99
N LYS F 23 -4.09 -22.39 20.47
CA LYS F 23 -3.64 -23.34 19.44
C LYS F 23 -3.52 -24.76 20.00
N LEU F 24 -3.17 -24.89 21.28
CA LEU F 24 -3.11 -26.22 21.89
C LEU F 24 -4.53 -26.77 22.03
N ALA F 25 -5.44 -25.94 22.53
CA ALA F 25 -6.84 -26.35 22.69
C ALA F 25 -7.44 -26.81 21.36
N GLU F 26 -7.12 -26.10 20.28
CA GLU F 26 -7.60 -26.48 18.95
C GLU F 26 -7.05 -27.85 18.57
N LEU F 27 -5.76 -28.06 18.80
CA LEU F 27 -5.15 -29.36 18.49
C LEU F 27 -5.86 -30.50 19.25
N ILE F 28 -6.14 -30.27 20.53
CA ILE F 28 -6.84 -31.27 21.35
C ILE F 28 -8.21 -31.63 20.79
N ASN F 29 -8.84 -30.68 20.10
CA ASN F 29 -10.18 -30.91 19.53
C ASN F 29 -10.20 -31.68 18.20
N ILE F 30 -9.03 -31.96 17.63
CA ILE F 30 -9.01 -32.74 16.38
C ILE F 30 -9.13 -34.23 16.69
N THR F 31 -10.13 -34.88 16.10
CA THR F 31 -10.41 -36.28 16.39
C THR F 31 -9.20 -37.18 16.11
N THR F 32 -8.87 -38.03 17.07
CA THR F 32 -7.75 -38.95 16.94
C THR F 32 -8.20 -40.32 16.43
N ILE F 33 -9.51 -40.45 16.20
CA ILE F 33 -10.08 -41.72 15.76
C ILE F 33 -9.47 -42.22 14.45
N ALA F 34 -9.11 -43.49 14.43
CA ALA F 34 -8.42 -44.11 13.31
C ALA F 34 -9.22 -44.09 12.02
N ASP F 35 -8.52 -43.78 10.93
CA ASP F 35 -9.04 -43.82 9.57
C ASP F 35 -9.84 -45.09 9.28
N ALA F 45 -17.89 -43.60 -1.89
CA ALA F 45 -16.49 -43.65 -2.33
C ALA F 45 -16.02 -42.31 -2.91
N GLN F 46 -16.79 -41.73 -3.82
CA GLN F 46 -16.42 -40.41 -4.33
C GLN F 46 -16.36 -39.39 -3.20
N GLU F 47 -17.34 -39.40 -2.30
CA GLU F 47 -17.37 -38.46 -1.19
C GLU F 47 -16.11 -38.67 -0.35
N ASN F 48 -15.83 -39.93 -0.02
CA ASN F 48 -14.65 -40.29 0.75
C ASN F 48 -13.37 -39.78 0.15
N SER F 49 -13.23 -39.93 -1.17
CA SER F 49 -12.04 -39.46 -1.85
C SER F 49 -11.98 -37.93 -1.93
N GLU F 50 -13.13 -37.29 -2.14
CA GLU F 50 -13.14 -35.83 -2.25
C GLU F 50 -12.85 -35.16 -0.91
N LEU F 51 -13.45 -35.68 0.16
CA LEU F 51 -13.34 -35.04 1.45
C LEU F 51 -12.02 -35.36 2.12
N ALA F 52 -11.52 -36.58 1.88
CA ALA F 52 -10.22 -37.00 2.43
C ALA F 52 -10.09 -36.65 3.90
N VAL F 53 -11.05 -37.12 4.69
CA VAL F 53 -11.16 -36.72 6.08
C VAL F 53 -9.92 -37.08 6.92
N ALA F 54 -9.39 -38.28 6.72
CA ALA F 54 -8.24 -38.74 7.51
C ALA F 54 -7.01 -37.88 7.20
N THR F 55 -6.72 -37.71 5.91
CA THR F 55 -5.67 -36.80 5.46
C THR F 55 -5.86 -35.41 6.04
N THR F 56 -7.09 -34.88 5.96
CA THR F 56 -7.38 -33.54 6.47
C THR F 56 -7.08 -33.40 7.96
N SER F 57 -7.35 -34.44 8.75
CA SER F 57 -7.05 -34.35 10.18
C SER F 57 -5.54 -34.18 10.44
N VAL F 58 -4.72 -34.89 9.66
CA VAL F 58 -3.26 -34.79 9.80
C VAL F 58 -2.78 -33.40 9.40
N VAL F 61 -3.61 -30.94 12.30
CA VAL F 61 -2.71 -31.06 13.44
C VAL F 61 -1.35 -30.44 13.09
N ASN F 62 -0.85 -30.70 11.88
CA ASN F 62 0.42 -30.10 11.46
C ASN F 62 0.36 -28.59 11.36
N ASN F 63 -0.77 -28.07 10.89
CA ASN F 63 -0.98 -26.64 10.86
C ASN F 63 -0.98 -26.03 12.28
N GLN F 64 -1.55 -26.73 13.25
CA GLN F 64 -1.47 -26.29 14.65
C GLN F 64 -0.03 -26.25 15.15
N THR F 65 0.74 -27.29 14.80
CA THR F 65 2.14 -27.39 15.21
C THR F 65 2.98 -26.27 14.59
N GLN F 67 1.97 -23.44 14.00
CA GLN F 67 1.67 -22.24 14.80
C GLN F 67 2.24 -22.32 16.22
N LEU F 68 2.32 -23.51 16.78
CA LEU F 68 2.95 -23.67 18.08
C LEU F 68 4.43 -23.27 17.97
N ILE F 69 5.09 -23.71 16.91
CA ILE F 69 6.48 -23.35 16.67
C ILE F 69 6.64 -21.83 16.52
N LYS F 70 5.82 -21.24 15.66
CA LYS F 70 5.90 -19.81 15.43
C LYS F 70 5.79 -19.05 16.76
N ASN F 71 4.81 -19.44 17.58
CA ASN F 71 4.59 -18.70 18.82
C ASN F 71 5.63 -18.98 19.90
N VAL F 72 6.13 -20.22 20.00
CA VAL F 72 7.27 -20.50 20.87
C VAL F 72 8.50 -19.69 20.45
N GLN F 73 8.67 -19.47 19.15
CA GLN F 73 9.76 -18.62 18.68
CA GLN F 73 9.78 -18.63 18.71
C GLN F 73 9.58 -17.18 19.17
N ASP F 74 8.32 -16.74 19.32
CA ASP F 74 8.05 -15.42 19.87
C ASP F 74 8.46 -15.32 21.35
N LEU F 75 8.32 -16.41 22.10
CA LEU F 75 8.81 -16.47 23.47
C LEU F 75 10.35 -16.39 23.55
N LEU F 76 11.04 -17.06 22.63
CA LEU F 76 12.50 -17.00 22.54
CA LEU F 76 12.48 -17.00 22.57
C LEU F 76 12.95 -15.59 22.24
N ILE F 77 12.25 -14.94 21.32
CA ILE F 77 12.55 -13.56 20.97
C ILE F 77 12.39 -12.66 22.19
N LEU F 78 11.36 -12.90 22.98
CA LEU F 78 11.12 -12.10 24.18
C LEU F 78 12.25 -12.34 25.18
N THR F 79 12.66 -13.60 25.31
CA THR F 79 13.75 -13.97 26.21
C THR F 79 15.05 -13.27 25.82
N ARG F 80 15.35 -13.24 24.52
CA ARG F 80 16.55 -12.57 24.03
C ARG F 80 16.55 -11.09 24.35
N SER F 81 15.41 -10.44 24.19
CA SER F 81 15.28 -9.02 24.47
C SER F 81 15.64 -8.73 25.93
N ILE F 82 15.16 -9.58 26.83
CA ILE F 82 15.47 -9.40 28.25
C ILE F 82 16.97 -9.58 28.50
N LYS F 83 17.55 -10.63 27.91
CA LYS F 83 19.00 -10.86 28.03
C LYS F 83 19.76 -9.60 27.61
N GLU F 84 19.41 -9.07 26.45
CA GLU F 84 20.14 -7.95 25.88
C GLU F 84 20.00 -6.71 26.74
N LYS F 85 18.88 -6.59 27.45
CA LYS F 85 18.69 -5.43 28.32
C LYS F 85 19.66 -5.48 29.49
N TRP F 86 19.86 -6.66 30.07
CA TRP F 86 20.89 -6.80 31.10
C TRP F 86 22.28 -6.53 30.54
N LEU F 87 22.59 -7.16 29.40
CA LEU F 87 23.92 -7.09 28.83
C LEU F 87 24.32 -5.66 28.45
N LEU F 88 23.39 -4.90 27.89
CA LEU F 88 23.72 -3.57 27.39
C LEU F 88 23.79 -2.54 28.49
N ASN F 89 23.06 -2.81 29.58
CA ASN F 89 23.03 -1.89 30.70
C ASN F 89 23.76 -2.50 31.89
N GLN F 90 24.93 -3.04 31.59
CA GLN F 90 25.72 -3.83 32.52
C GLN F 90 26.75 -2.95 33.22
N GLY G 1 -13.25 -47.87 -12.85
CA GLY G 1 -13.10 -46.96 -13.99
C GLY G 1 -11.84 -46.12 -13.93
N TYR G 2 -11.53 -45.43 -15.03
CA TYR G 2 -10.32 -44.64 -15.15
C TYR G 2 -10.30 -43.49 -14.14
N ILE G 3 -11.44 -42.83 -13.99
CA ILE G 3 -11.56 -41.73 -13.05
C ILE G 3 -11.35 -42.21 -11.63
N GLN G 4 -11.87 -43.40 -11.33
CA GLN G 4 -11.65 -44.03 -10.03
C GLN G 4 -10.16 -44.30 -9.82
N GLU G 5 -9.46 -44.76 -10.86
CA GLU G 5 -8.02 -44.98 -10.78
C GLU G 5 -7.25 -43.68 -10.48
N ARG G 6 -7.66 -42.58 -11.12
CA ARG G 6 -7.01 -41.29 -10.90
C ARG G 6 -7.18 -40.86 -9.44
N LEU G 7 -8.43 -40.92 -8.97
CA LEU G 7 -8.74 -40.56 -7.59
C LEU G 7 -7.98 -41.45 -6.62
N LYS G 8 -7.87 -42.73 -6.95
CA LYS G 8 -7.11 -43.65 -6.12
C LYS G 8 -5.63 -43.24 -6.08
N SER G 9 -5.09 -42.86 -7.23
CA SER G 9 -3.70 -42.45 -7.34
C SER G 9 -3.49 -41.20 -6.48
N LEU G 10 -4.40 -40.25 -6.62
CA LEU G 10 -4.32 -39.00 -5.87
C LEU G 10 -4.47 -39.21 -4.36
N ASN G 11 -5.32 -40.16 -3.95
CA ASN G 11 -5.42 -40.55 -2.54
C ASN G 11 -4.10 -41.15 -2.04
N ASP G 12 -3.43 -41.90 -2.90
CA ASP G 12 -2.14 -42.48 -2.54
C ASP G 12 -1.10 -41.38 -2.33
N ILE G 13 -1.14 -40.36 -3.19
CA ILE G 13 -0.25 -39.22 -3.04
C ILE G 13 -0.47 -38.53 -1.71
N GLU G 14 -1.73 -38.34 -1.34
CA GLU G 14 -2.05 -37.78 -0.03
C GLU G 14 -1.41 -38.60 1.09
N THR G 15 -1.46 -39.92 0.97
CA THR G 15 -0.84 -40.79 1.95
C THR G 15 0.66 -40.51 2.08
N GLN G 16 1.36 -40.43 0.94
CA GLN G 16 2.78 -40.14 0.94
C GLN G 16 3.07 -38.79 1.59
N LEU G 17 2.23 -37.80 1.34
CA LEU G 17 2.43 -36.46 1.86
C LEU G 17 2.27 -36.45 3.36
N CYS G 18 1.31 -37.22 3.87
CA CYS G 18 1.12 -37.35 5.31
C CYS G 18 2.32 -38.06 5.95
N SER G 19 2.89 -39.02 5.24
CA SER G 19 4.10 -39.68 5.70
C SER G 19 5.27 -38.69 5.79
N LEU G 21 5.03 -35.50 6.43
CA LEU G 21 4.81 -34.68 7.63
C LEU G 21 5.29 -35.45 8.86
N GLN G 22 4.92 -36.73 8.95
CA GLN G 22 5.45 -37.62 9.98
C GLN G 22 6.97 -37.55 10.07
N GLU G 23 7.66 -37.78 8.95
CA GLU G 23 9.13 -37.78 8.92
C GLU G 23 9.71 -36.46 9.41
N ALA G 24 9.10 -35.36 8.98
CA ALA G 24 9.60 -34.03 9.32
C ALA G 24 9.57 -33.81 10.83
N SER G 25 8.50 -34.22 11.49
CA SER G 25 8.44 -34.09 12.95
C SER G 25 9.40 -35.04 13.70
N GLN G 26 9.59 -36.25 13.18
CA GLN G 26 10.62 -37.15 13.70
C GLN G 26 12.03 -36.58 13.59
N VAL G 27 12.39 -36.11 12.40
CA VAL G 27 13.67 -35.42 12.19
C VAL G 27 13.89 -34.31 13.21
N THR G 28 12.83 -33.54 13.48
CA THR G 28 12.93 -32.40 14.38
C THR G 28 13.12 -32.82 15.83
N PHE G 29 12.27 -33.74 16.29
CA PHE G 29 12.43 -34.30 17.63
C PHE G 29 13.82 -34.92 17.80
N ILE G 30 14.26 -35.69 16.81
CA ILE G 30 15.54 -36.37 16.91
C ILE G 30 16.72 -35.40 16.95
N PHE G 31 16.62 -34.30 16.21
CA PHE G 31 17.64 -33.26 16.27
C PHE G 31 17.80 -32.73 17.70
N GLY G 32 16.67 -32.41 18.35
CA GLY G 32 16.70 -32.00 19.74
C GLY G 32 17.37 -33.02 20.66
N GLU G 33 17.13 -34.31 20.40
CA GLU G 33 17.83 -35.37 21.15
C GLU G 33 19.35 -35.30 20.94
N LEU G 34 19.79 -35.24 19.69
CA LEU G 34 21.20 -35.10 19.37
C LEU G 34 21.82 -33.90 20.08
N LYS G 35 21.14 -32.76 19.99
CA LYS G 35 21.67 -31.53 20.59
C LYS G 35 21.86 -31.69 22.11
N ARG G 36 20.99 -32.49 22.73
CA ARG G 36 21.01 -32.72 24.18
C ARG G 36 22.09 -33.70 24.61
N GLY G 37 22.83 -34.24 23.65
CA GLY G 37 23.85 -35.23 23.96
C GLY G 37 23.37 -36.67 23.83
N ASN G 38 22.17 -36.90 23.30
CA ASN G 38 21.72 -38.26 23.01
C ASN G 38 22.14 -38.66 21.60
N GLU G 39 23.37 -39.14 21.48
CA GLU G 39 23.94 -39.51 20.19
C GLU G 39 23.44 -40.86 19.67
N SER G 40 22.70 -41.58 20.50
CA SER G 40 22.28 -42.92 20.12
C SER G 40 21.28 -42.91 18.97
N VAL G 41 20.63 -41.76 18.72
CA VAL G 41 19.64 -41.66 17.66
C VAL G 41 20.19 -41.11 16.32
N LYS G 42 21.50 -40.95 16.25
CA LYS G 42 22.14 -40.49 15.00
C LYS G 42 21.77 -41.32 13.76
N PRO G 43 21.86 -42.65 13.84
CA PRO G 43 21.43 -43.45 12.68
C PRO G 43 19.99 -43.15 12.22
N GLN G 44 19.07 -43.03 13.18
CA GLN G 44 17.67 -42.79 12.81
C GLN G 44 17.50 -41.39 12.19
N PHE G 45 18.24 -40.42 12.71
CA PHE G 45 18.23 -39.08 12.13
C PHE G 45 18.55 -39.12 10.65
N GLU G 46 19.66 -39.76 10.32
CA GLU G 46 20.11 -39.89 8.94
C GLU G 46 19.11 -40.62 8.06
N ASN G 47 18.49 -41.66 8.62
CA ASN G 47 17.51 -42.45 7.89
C ASN G 47 16.20 -41.68 7.60
N HIS G 48 15.72 -40.90 8.56
CA HIS G 48 14.50 -40.12 8.31
C HIS G 48 14.74 -38.96 7.34
N VAL G 49 15.94 -38.35 7.41
CA VAL G 49 16.32 -37.33 6.44
C VAL G 49 16.29 -37.92 5.03
N LYS G 50 16.92 -39.08 4.87
CA LYS G 50 16.97 -39.76 3.58
C LYS G 50 15.58 -40.17 3.09
N GLN G 51 14.73 -40.61 4.01
CA GLN G 51 13.38 -40.99 3.64
C GLN G 51 12.56 -39.80 3.19
N PHE G 52 12.72 -38.67 3.87
CA PHE G 52 12.01 -37.46 3.48
C PHE G 52 12.32 -37.13 2.02
N TYR G 53 13.60 -37.18 1.66
CA TYR G 53 14.00 -36.86 0.29
C TYR G 53 13.38 -37.82 -0.72
N GLU G 54 13.46 -39.11 -0.42
CA GLU G 54 12.86 -40.15 -1.29
C GLU G 54 11.36 -39.95 -1.50
N ARG G 55 10.64 -39.65 -0.42
CA ARG G 55 9.21 -39.38 -0.51
C ARG G 55 8.94 -38.10 -1.29
N LEU G 56 9.78 -37.08 -1.08
CA LEU G 56 9.69 -35.84 -1.84
C LEU G 56 9.81 -36.12 -3.34
N ASP G 57 10.84 -36.87 -3.72
CA ASP G 57 11.07 -37.21 -5.12
C ASP G 57 9.88 -37.98 -5.69
N LYS G 58 9.48 -39.06 -5.01
CA LYS G 58 8.39 -39.92 -5.45
C LYS G 58 7.02 -39.21 -5.54
N SER G 59 6.62 -38.51 -4.46
CA SER G 59 5.32 -37.84 -4.46
C SER G 59 5.22 -36.78 -5.55
N THR G 60 6.26 -35.97 -5.70
CA THR G 60 6.22 -34.89 -6.69
C THR G 60 6.30 -35.39 -8.11
N THR G 61 7.06 -36.46 -8.32
CA THR G 61 7.11 -37.17 -9.61
C THR G 61 5.72 -37.73 -9.98
N GLN G 62 5.05 -38.35 -9.02
CA GLN G 62 3.70 -38.87 -9.24
C GLN G 62 2.75 -37.71 -9.56
N LEU G 63 2.86 -36.60 -8.84
CA LEU G 63 2.00 -35.45 -9.10
C LEU G 63 2.24 -34.86 -10.50
N ARG G 64 3.49 -34.83 -10.94
CA ARG G 64 3.81 -34.35 -12.28
C ARG G 64 3.12 -35.23 -13.33
N LYS G 65 3.21 -36.53 -13.14
CA LYS G 65 2.50 -37.48 -13.99
C LYS G 65 0.98 -37.24 -14.00
N GLU G 66 0.38 -37.01 -12.84
CA GLU G 66 -1.06 -36.73 -12.77
C GLU G 66 -1.45 -35.46 -13.53
N ILE G 67 -0.61 -34.42 -13.45
CA ILE G 67 -0.86 -33.21 -14.20
C ILE G 67 -0.80 -33.50 -15.72
N GLN G 68 0.19 -34.30 -16.13
CA GLN G 68 0.30 -34.67 -17.54
C GLN G 68 -0.96 -35.40 -18.01
N LEU G 69 -1.51 -36.25 -17.16
CA LEU G 69 -2.69 -37.04 -17.52
C LEU G 69 -3.93 -36.14 -17.67
N LEU G 70 -3.99 -35.05 -16.93
CA LEU G 70 -5.02 -34.04 -17.16
C LEU G 70 -4.95 -33.50 -18.59
N ASP G 71 -3.75 -33.09 -19.00
CA ASP G 71 -3.53 -32.59 -20.36
C ASP G 71 -3.93 -33.62 -21.41
N GLU G 72 -3.47 -34.86 -21.22
CA GLU G 72 -3.69 -35.92 -22.21
C GLU G 72 -5.15 -36.35 -22.33
N ASN G 73 -5.94 -36.08 -21.30
CA ASN G 73 -7.32 -36.55 -21.31
C ASN G 73 -8.30 -35.48 -21.77
N VAL G 74 -7.80 -34.28 -22.01
CA VAL G 74 -8.63 -33.24 -22.57
C VAL G 74 -9.13 -33.67 -23.94
N GLY G 75 -10.46 -33.69 -24.10
CA GLY G 75 -11.08 -34.05 -25.36
C GLY G 75 -11.39 -35.52 -25.50
N THR G 76 -11.22 -36.28 -24.41
CA THR G 76 -11.53 -37.70 -24.41
C THR G 76 -12.30 -38.10 -23.15
N ARG G 77 -11.70 -37.89 -21.99
CA ARG G 77 -12.37 -38.15 -20.72
C ARG G 77 -12.70 -36.84 -20.00
N LEU G 78 -12.03 -35.77 -20.41
CA LEU G 78 -12.22 -34.48 -19.79
C LEU G 78 -12.62 -33.44 -20.84
N LEU G 79 -13.39 -32.44 -20.39
CA LEU G 79 -13.90 -31.40 -21.28
C LEU G 79 -12.88 -30.29 -21.48
N SER H 5 -5.27 -23.43 -13.74
CA SER H 5 -4.89 -23.98 -15.06
C SER H 5 -3.81 -25.04 -14.91
N ASN H 6 -3.74 -25.98 -15.87
CA ASN H 6 -2.71 -27.01 -15.83
C ASN H 6 -1.32 -26.39 -15.78
N GLN H 7 -1.16 -25.24 -16.41
CA GLN H 7 0.09 -24.50 -16.41
C GLN H 7 0.41 -23.96 -15.02
N ALA H 8 -0.56 -23.33 -14.38
CA ALA H 8 -0.41 -22.88 -13.00
C ALA H 8 -0.08 -24.06 -12.08
N LEU H 9 -0.72 -25.21 -12.32
CA LEU H 9 -0.50 -26.40 -11.50
C LEU H 9 0.94 -26.88 -11.60
N TYR H 10 1.45 -27.04 -12.82
CA TYR H 10 2.81 -27.52 -12.93
C TYR H 10 3.79 -26.53 -12.33
N GLU H 11 3.53 -25.24 -12.51
CA GLU H 11 4.47 -24.23 -12.05
C GLU H 11 4.53 -24.22 -10.53
N LYS H 12 3.36 -24.35 -9.91
CA LYS H 12 3.27 -24.46 -8.46
C LYS H 12 4.05 -25.69 -7.97
N LEU H 13 3.94 -26.81 -8.70
CA LEU H 13 4.62 -28.04 -8.32
C LEU H 13 6.13 -27.84 -8.34
N GLU H 14 6.63 -27.22 -9.40
CA GLU H 14 8.07 -27.03 -9.56
C GLU H 14 8.59 -26.16 -8.43
N GLN H 15 7.87 -25.08 -8.18
CA GLN H 15 8.25 -24.11 -7.17
C GLN H 15 8.31 -24.77 -5.80
N THR H 16 7.29 -25.56 -5.50
CA THR H 16 7.17 -26.21 -4.20
C THR H 16 8.25 -27.27 -4.02
N ARG H 17 8.50 -28.08 -5.04
CA ARG H 17 9.58 -29.06 -4.94
C ARG H 17 10.93 -28.39 -4.68
N THR H 18 11.17 -27.25 -5.33
CA THR H 18 12.41 -26.48 -5.18
C THR H 18 12.61 -26.02 -3.73
N ILE H 19 11.57 -25.41 -3.16
CA ILE H 19 11.62 -24.93 -1.77
C ILE H 19 11.83 -26.08 -0.78
N LEU H 20 11.10 -27.17 -0.96
CA LEU H 20 11.28 -28.36 -0.13
C LEU H 20 12.71 -28.92 -0.15
N SER H 21 13.31 -29.01 -1.34
CA SER H 21 14.67 -29.52 -1.40
C SER H 21 15.67 -28.55 -0.79
N VAL H 22 15.48 -27.25 -1.03
CA VAL H 22 16.31 -26.22 -0.40
C VAL H 22 16.22 -26.24 1.13
N LYS H 23 15.01 -26.29 1.67
CA LYS H 23 14.83 -26.29 3.12
C LYS H 23 15.41 -27.54 3.80
N LEU H 24 15.34 -28.66 3.11
CA LEU H 24 15.92 -29.88 3.59
C LEU H 24 17.44 -29.77 3.58
N ALA H 25 17.99 -29.21 2.50
CA ALA H 25 19.44 -29.01 2.39
C ALA H 25 19.96 -28.09 3.50
N GLU H 26 19.20 -27.04 3.79
CA GLU H 26 19.55 -26.11 4.86
C GLU H 26 19.53 -26.84 6.22
N LEU H 27 18.53 -27.69 6.42
CA LEU H 27 18.43 -28.43 7.68
C LEU H 27 19.60 -29.39 7.86
N ILE H 28 20.00 -30.04 6.77
CA ILE H 28 21.14 -30.94 6.80
C ILE H 28 22.42 -30.21 7.21
N ASN H 29 22.51 -28.92 6.87
CA ASN H 29 23.68 -28.11 7.18
C ASN H 29 23.79 -27.60 8.63
N ILE H 30 22.74 -27.77 9.43
CA ILE H 30 22.78 -27.33 10.83
C ILE H 30 23.59 -28.34 11.62
N THR H 31 24.66 -27.92 12.27
CA THR H 31 25.49 -28.86 13.05
C THR H 31 24.68 -29.62 14.10
N THR H 32 24.89 -30.93 14.14
CA THR H 32 24.22 -31.78 15.12
C THR H 32 25.06 -32.03 16.38
N ILE H 33 26.22 -31.39 16.47
CA ILE H 33 27.13 -31.59 17.61
C ILE H 33 26.50 -31.19 18.95
N ALA H 34 26.59 -32.10 19.92
CA ALA H 34 25.98 -31.87 21.23
C ALA H 34 26.52 -30.60 21.86
N ASP H 35 25.64 -29.92 22.60
CA ASP H 35 25.97 -28.69 23.30
C ASP H 35 27.21 -28.82 24.21
N ALA H 45 30.48 -18.20 30.80
CA ALA H 45 30.94 -17.07 30.00
C ALA H 45 29.78 -16.25 29.45
N GLN H 46 30.00 -14.95 29.31
CA GLN H 46 29.00 -14.08 28.76
C GLN H 46 28.73 -14.41 27.29
N GLU H 47 29.78 -14.69 26.53
CA GLU H 47 29.62 -14.98 25.10
C GLU H 47 28.67 -16.16 24.90
N ASN H 48 28.93 -17.25 25.62
CA ASN H 48 28.10 -18.44 25.56
C ASN H 48 26.64 -18.14 25.88
N SER H 49 26.44 -17.34 26.91
CA SER H 49 25.11 -16.99 27.38
C SER H 49 24.35 -16.10 26.38
N GLU H 50 25.03 -15.10 25.84
CA GLU H 50 24.40 -14.19 24.88
C GLU H 50 24.10 -14.89 23.54
N LEU H 51 25.09 -15.59 23.00
CA LEU H 51 24.91 -16.22 21.70
C LEU H 51 23.95 -17.41 21.73
N ALA H 52 23.91 -18.13 22.85
CA ALA H 52 23.04 -19.31 22.98
C ALA H 52 23.04 -20.16 21.71
N VAL H 53 24.22 -20.65 21.35
CA VAL H 53 24.42 -21.39 20.11
C VAL H 53 23.56 -22.66 20.00
N ALA H 54 23.56 -23.50 21.03
CA ALA H 54 22.82 -24.78 21.00
C ALA H 54 21.33 -24.55 20.86
N THR H 55 20.82 -23.65 21.69
CA THR H 55 19.43 -23.23 21.60
C THR H 55 19.11 -22.69 20.21
N THR H 56 20.02 -21.90 19.65
CA THR H 56 19.80 -21.34 18.32
C THR H 56 19.69 -22.41 17.25
N SER H 57 20.47 -23.48 17.36
CA SER H 57 20.43 -24.52 16.33
C SER H 57 19.08 -25.23 16.36
N VAL H 58 18.54 -25.44 17.56
CA VAL H 58 17.22 -26.06 17.68
C VAL H 58 16.14 -25.15 17.06
N VAL H 61 16.40 -25.44 13.20
CA VAL H 61 15.85 -26.67 12.67
C VAL H 61 14.31 -26.60 12.72
N ASN H 62 13.78 -26.11 13.82
CA ASN H 62 12.32 -25.99 13.94
C ASN H 62 11.73 -25.02 12.93
N ASN H 63 12.49 -23.97 12.63
CA ASN H 63 12.12 -23.00 11.59
C ASN H 63 12.08 -23.64 10.20
N GLN H 64 13.09 -24.46 9.91
CA GLN H 64 13.09 -25.27 8.69
C GLN H 64 11.85 -26.18 8.60
N THR H 65 11.52 -26.84 9.70
CA THR H 65 10.38 -27.76 9.75
C THR H 65 9.05 -27.02 9.55
N GLN H 67 8.65 -24.60 7.67
CA GLN H 67 8.57 -24.35 6.22
C GLN H 67 8.35 -25.64 5.43
N LEU H 68 8.90 -26.75 5.93
CA LEU H 68 8.62 -28.03 5.29
C LEU H 68 7.14 -28.36 5.38
N ILE H 69 6.56 -28.14 6.56
CA ILE H 69 5.12 -28.33 6.77
C ILE H 69 4.32 -27.45 5.82
N LYS H 70 4.64 -26.16 5.81
CA LYS H 70 3.91 -25.22 4.97
C LYS H 70 3.92 -25.67 3.51
N ASN H 71 5.08 -26.10 3.03
CA ASN H 71 5.22 -26.50 1.64
C ASN H 71 4.62 -27.87 1.32
N VAL H 72 4.68 -28.80 2.26
CA VAL H 72 3.95 -30.05 2.05
C VAL H 72 2.44 -29.78 1.97
N GLN H 73 1.97 -28.86 2.79
CA GLN H 73 0.55 -28.47 2.78
CA GLN H 73 0.56 -28.45 2.78
C GLN H 73 0.15 -27.92 1.40
N ASP H 74 1.06 -27.19 0.75
CA ASP H 74 0.82 -26.71 -0.61
C ASP H 74 0.71 -27.85 -1.63
N LEU H 75 1.53 -28.90 -1.46
CA LEU H 75 1.41 -30.10 -2.30
C LEU H 75 0.05 -30.79 -2.10
N LEU H 76 -0.43 -30.86 -0.86
CA LEU H 76 -1.74 -31.47 -0.61
C LEU H 76 -2.85 -30.65 -1.27
N ILE H 77 -2.73 -29.33 -1.21
CA ILE H 77 -3.70 -28.46 -1.85
C ILE H 77 -3.70 -28.73 -3.35
N LEU H 78 -2.50 -28.85 -3.93
CA LEU H 78 -2.33 -29.15 -5.33
C LEU H 78 -3.02 -30.47 -5.67
N THR H 79 -2.82 -31.47 -4.82
CA THR H 79 -3.41 -32.77 -5.02
C THR H 79 -4.92 -32.68 -5.03
N ARG H 80 -5.47 -31.90 -4.10
CA ARG H 80 -6.91 -31.71 -4.04
C ARG H 80 -7.46 -31.00 -5.29
N SER H 81 -6.70 -30.06 -5.85
CA SER H 81 -7.15 -29.35 -7.05
C SER H 81 -7.24 -30.27 -8.25
N ILE H 82 -6.35 -31.26 -8.30
CA ILE H 82 -6.33 -32.19 -9.40
C ILE H 82 -7.54 -33.11 -9.28
N LYS H 83 -7.83 -33.55 -8.06
CA LYS H 83 -9.04 -34.30 -7.79
C LYS H 83 -10.25 -33.55 -8.31
N GLU H 84 -10.33 -32.27 -7.98
CA GLU H 84 -11.50 -31.47 -8.32
C GLU H 84 -11.69 -31.34 -9.83
N LYS H 85 -10.59 -31.28 -10.56
CA LYS H 85 -10.66 -31.23 -12.02
C LYS H 85 -11.32 -32.47 -12.61
N TRP H 86 -10.93 -33.65 -12.13
CA TRP H 86 -11.62 -34.89 -12.51
C TRP H 86 -13.09 -34.92 -12.06
N LEU H 87 -13.36 -34.52 -10.82
CA LEU H 87 -14.72 -34.55 -10.30
C LEU H 87 -15.70 -33.62 -11.06
N LEU H 88 -15.21 -32.45 -11.50
CA LEU H 88 -16.06 -31.44 -12.15
C LEU H 88 -16.11 -31.49 -13.68
N ASN H 89 -14.99 -31.81 -14.31
CA ASN H 89 -14.90 -31.71 -15.77
C ASN H 89 -15.02 -33.08 -16.43
N GLN H 90 -15.47 -34.05 -15.64
CA GLN H 90 -15.81 -35.38 -16.11
C GLN H 90 -16.62 -35.30 -17.39
N ILE H 91 -16.35 -36.22 -18.31
CA ILE H 91 -17.00 -36.21 -19.61
C ILE H 91 -18.36 -36.92 -19.56
N GLY I 1 39.07 19.83 24.18
CA GLY I 1 37.82 20.11 24.87
C GLY I 1 36.89 18.90 24.89
N TYR I 2 35.80 19.03 25.65
CA TYR I 2 34.90 17.91 25.85
C TYR I 2 34.24 17.41 24.56
N ILE I 3 33.76 18.34 23.73
CA ILE I 3 33.18 17.97 22.44
C ILE I 3 34.16 17.18 21.60
N GLN I 4 35.41 17.66 21.54
CA GLN I 4 36.46 16.95 20.81
C GLN I 4 36.65 15.52 21.31
N GLU I 5 36.56 15.31 22.61
CA GLU I 5 36.76 13.97 23.17
C GLU I 5 35.58 13.05 22.85
N ARG I 6 34.37 13.61 22.86
CA ARG I 6 33.21 12.87 22.39
C ARG I 6 33.41 12.47 20.92
N LEU I 7 33.84 13.40 20.08
CA LEU I 7 34.01 13.12 18.65
C LEU I 7 35.10 12.08 18.41
N LYS I 8 36.18 12.17 19.20
CA LYS I 8 37.26 11.18 19.15
C LYS I 8 36.78 9.79 19.58
N SER I 9 36.05 9.72 20.68
CA SER I 9 35.46 8.45 21.11
C SER I 9 34.59 7.84 20.01
N LEU I 10 33.77 8.67 19.36
CA LEU I 10 32.91 8.19 18.29
C LEU I 10 33.70 7.73 17.04
N ASN I 11 34.77 8.44 16.73
CA ASN I 11 35.65 8.04 15.63
C ASN I 11 36.30 6.69 15.92
N ASP I 12 36.65 6.49 17.19
CA ASP I 12 37.20 5.22 17.63
C ASP I 12 36.20 4.06 17.44
N ILE I 13 34.94 4.34 17.76
CA ILE I 13 33.87 3.37 17.53
C ILE I 13 33.74 3.04 16.05
N GLU I 14 33.87 4.04 15.18
CA GLU I 14 33.77 3.79 13.76
C GLU I 14 34.90 2.86 13.30
N THR I 15 36.08 3.05 13.89
CA THR I 15 37.23 2.20 13.61
C THR I 15 36.95 0.75 13.97
N GLN I 16 36.33 0.55 15.14
CA GLN I 16 35.96 -0.78 15.61
C GLN I 16 34.95 -1.47 14.70
N LEU I 17 33.97 -0.70 14.24
CA LEU I 17 32.93 -1.25 13.38
C LEU I 17 33.51 -1.60 12.01
N CYS I 18 34.51 -0.83 11.55
CA CYS I 18 35.17 -1.16 10.29
C CYS I 18 35.94 -2.46 10.41
N SER I 19 36.54 -2.69 11.59
CA SER I 19 37.23 -3.95 11.89
C SER I 19 36.27 -5.14 11.88
N LEU I 21 33.56 -5.31 10.07
CA LEU I 21 33.21 -5.61 8.68
C LEU I 21 34.28 -6.44 8.03
N GLN I 22 35.53 -6.06 8.30
CA GLN I 22 36.66 -6.77 7.73
C GLN I 22 36.65 -8.20 8.22
N GLU I 23 36.41 -8.36 9.51
CA GLU I 23 36.37 -9.70 10.09
C GLU I 23 35.26 -10.58 9.54
N ALA I 24 34.09 -10.00 9.27
CA ALA I 24 32.95 -10.76 8.78
C ALA I 24 33.27 -11.34 7.40
N SER I 25 33.95 -10.55 6.58
CA SER I 25 34.36 -11.05 5.27
C SER I 25 35.50 -12.08 5.35
N GLN I 26 36.38 -11.93 6.34
CA GLN I 26 37.41 -12.95 6.56
C GLN I 26 36.79 -14.27 6.97
N VAL I 27 35.86 -14.20 7.92
CA VAL I 27 35.14 -15.40 8.37
C VAL I 27 34.47 -16.13 7.20
N THR I 28 33.83 -15.35 6.32
CA THR I 28 33.13 -15.91 5.18
C THR I 28 34.07 -16.60 4.20
N PHE I 29 35.17 -15.93 3.87
CA PHE I 29 36.16 -16.53 2.97
C PHE I 29 36.73 -17.81 3.58
N ILE I 30 37.06 -17.76 4.87
CA ILE I 30 37.66 -18.91 5.53
C ILE I 30 36.67 -20.08 5.56
N PHE I 31 35.39 -19.80 5.79
CA PHE I 31 34.37 -20.86 5.77
C PHE I 31 34.41 -21.58 4.42
N GLY I 32 34.48 -20.81 3.34
CA GLY I 32 34.56 -21.40 2.01
C GLY I 32 35.78 -22.29 1.86
N GLU I 33 36.90 -21.88 2.46
CA GLU I 33 38.13 -22.67 2.40
C GLU I 33 37.96 -23.98 3.13
N LEU I 34 37.34 -23.92 4.31
CA LEU I 34 37.05 -25.12 5.10
C LEU I 34 36.18 -26.08 4.30
N LYS I 35 35.15 -25.54 3.65
CA LYS I 35 34.17 -26.38 2.95
C LYS I 35 34.84 -27.11 1.78
N ARG I 36 35.85 -26.50 1.18
CA ARG I 36 36.52 -27.11 0.04
C ARG I 36 37.69 -28.01 0.46
N GLY I 37 37.84 -28.25 1.76
CA GLY I 37 38.85 -29.19 2.24
C GLY I 37 40.17 -28.60 2.72
N ASN I 38 40.24 -27.28 2.86
CA ASN I 38 41.47 -26.68 3.36
C ASN I 38 41.41 -26.61 4.87
N GLU I 39 42.02 -27.59 5.51
CA GLU I 39 41.97 -27.71 6.96
C GLU I 39 42.81 -26.67 7.70
N SER I 40 43.92 -26.25 7.08
CA SER I 40 44.92 -25.41 7.75
C SER I 40 44.37 -24.13 8.39
N VAL I 41 43.14 -23.77 8.05
CA VAL I 41 42.58 -22.48 8.46
C VAL I 41 41.55 -22.53 9.61
N LYS I 42 41.29 -23.73 10.15
CA LYS I 42 40.30 -23.85 11.22
C LYS I 42 40.59 -22.98 12.46
N PRO I 43 41.85 -23.03 12.96
CA PRO I 43 42.16 -22.18 14.12
C PRO I 43 41.90 -20.69 13.82
N GLN I 44 42.27 -20.24 12.64
CA GLN I 44 42.02 -18.86 12.20
C GLN I 44 40.51 -18.56 12.17
N PHE I 45 39.73 -19.50 11.65
CA PHE I 45 38.27 -19.36 11.61
C PHE I 45 37.71 -19.08 13.01
N GLU I 46 38.11 -19.91 13.97
CA GLU I 46 37.59 -19.79 15.33
C GLU I 46 38.03 -18.50 16.00
N ASN I 47 39.24 -18.06 15.69
CA ASN I 47 39.74 -16.81 16.27
C ASN I 47 38.98 -15.58 15.76
N HIS I 48 38.72 -15.56 14.46
CA HIS I 48 37.97 -14.46 13.88
C HIS I 48 36.53 -14.37 14.40
N VAL I 49 35.89 -15.52 14.57
CA VAL I 49 34.53 -15.54 15.12
C VAL I 49 34.53 -14.95 16.55
N LYS I 50 35.49 -15.36 17.37
CA LYS I 50 35.59 -14.86 18.73
C LYS I 50 35.87 -13.36 18.77
N GLN I 51 36.75 -12.90 17.89
CA GLN I 51 37.09 -11.47 17.85
C GLN I 51 35.90 -10.65 17.39
N PHE I 52 35.13 -11.20 16.47
CA PHE I 52 33.94 -10.51 16.02
C PHE I 52 32.99 -10.29 17.21
N TYR I 53 32.77 -11.34 18.01
CA TYR I 53 31.92 -11.21 19.19
C TYR I 53 32.48 -10.18 20.18
N GLU I 54 33.79 -10.23 20.45
CA GLU I 54 34.42 -9.27 21.35
C GLU I 54 34.25 -7.82 20.88
N ARG I 55 34.43 -7.59 19.58
CA ARG I 55 34.24 -6.25 19.03
C ARG I 55 32.78 -5.82 19.10
N LEU I 56 31.86 -6.75 18.87
CA LEU I 56 30.44 -6.46 19.00
C LEU I 56 30.14 -5.98 20.43
N ASP I 57 30.62 -6.73 21.41
CA ASP I 57 30.38 -6.41 22.80
C ASP I 57 30.97 -5.04 23.18
N LYS I 58 32.23 -4.83 22.82
CA LYS I 58 32.90 -3.58 23.16
C LYS I 58 32.30 -2.37 22.44
N SER I 59 32.08 -2.49 21.13
CA SER I 59 31.53 -1.37 20.36
C SER I 59 30.14 -0.92 20.80
N THR I 60 29.23 -1.87 21.06
CA THR I 60 27.86 -1.51 21.44
C THR I 60 27.77 -0.99 22.88
N THR I 61 28.67 -1.47 23.74
CA THR I 61 28.80 -0.99 25.11
C THR I 61 29.29 0.46 25.10
N GLN I 62 30.26 0.74 24.23
CA GLN I 62 30.79 2.10 24.12
C GLN I 62 29.70 3.03 23.58
N LEU I 63 28.94 2.57 22.59
CA LEU I 63 27.84 3.38 22.06
C LEU I 63 26.75 3.67 23.09
N ARG I 64 26.44 2.66 23.90
CA ARG I 64 25.47 2.82 24.97
C ARG I 64 25.88 3.99 25.88
N LYS I 65 27.14 3.99 26.29
CA LYS I 65 27.66 5.07 27.13
C LYS I 65 27.60 6.43 26.40
N GLU I 66 27.92 6.46 25.10
CA GLU I 66 27.86 7.70 24.35
C GLU I 66 26.45 8.27 24.30
N ILE I 67 25.45 7.40 24.20
CA ILE I 67 24.06 7.86 24.18
C ILE I 67 23.71 8.47 25.55
N GLN I 68 24.14 7.81 26.62
CA GLN I 68 23.92 8.29 27.97
C GLN I 68 24.61 9.65 28.21
N LEU I 69 25.82 9.80 27.68
CA LEU I 69 26.50 11.09 27.73
C LEU I 69 25.77 12.21 26.97
N LEU I 70 25.12 11.87 25.86
CA LEU I 70 24.28 12.83 25.14
C LEU I 70 23.21 13.34 26.06
N ASP I 71 22.49 12.40 26.65
CA ASP I 71 21.40 12.67 27.57
C ASP I 71 21.85 13.55 28.73
N GLU I 72 23.03 13.25 29.27
CA GLU I 72 23.49 13.94 30.47
C GLU I 72 23.90 15.36 30.18
N ASN I 73 24.14 15.66 28.91
CA ASN I 73 24.63 16.99 28.54
C ASN I 73 23.59 17.95 27.98
N VAL I 74 22.37 17.45 27.79
CA VAL I 74 21.28 18.32 27.37
C VAL I 74 21.04 19.36 28.45
N GLY I 75 20.94 20.63 28.03
CA GLY I 75 20.72 21.71 28.97
C GLY I 75 22.01 22.32 29.49
N THR I 76 23.11 21.58 29.37
CA THR I 76 24.40 22.09 29.83
C THR I 76 25.36 22.38 28.67
N ARG I 77 25.85 21.34 28.00
CA ARG I 77 26.72 21.56 26.84
C ARG I 77 25.92 21.55 25.54
N LEU I 78 24.69 21.05 25.61
CA LEU I 78 23.85 20.89 24.42
C LEU I 78 22.51 21.61 24.55
N LEU I 79 22.11 22.29 23.48
CA LEU I 79 20.81 22.96 23.41
C LEU I 79 19.65 22.02 23.71
N PRO I 80 18.80 22.40 24.68
CA PRO I 80 17.63 21.58 25.02
C PRO I 80 16.76 21.40 23.79
N SER J 5 15.15 11.16 19.04
CA SER J 5 15.29 11.26 20.49
C SER J 5 16.36 10.29 20.98
N ASN J 6 16.90 10.56 22.17
CA ASN J 6 17.92 9.70 22.72
C ASN J 6 17.38 8.32 23.09
N GLN J 7 16.11 8.27 23.49
CA GLN J 7 15.47 7.00 23.83
C GLN J 7 15.34 6.08 22.59
N ALA J 8 14.98 6.67 21.45
CA ALA J 8 14.88 5.89 20.21
C ALA J 8 16.26 5.40 19.82
N LEU J 9 17.30 6.17 20.16
CA LEU J 9 18.67 5.75 19.93
C LEU J 9 19.02 4.49 20.73
N TYR J 10 18.69 4.48 22.02
CA TYR J 10 18.96 3.29 22.82
C TYR J 10 18.20 2.09 22.30
N GLU J 11 16.95 2.30 21.89
CA GLU J 11 16.13 1.21 21.39
C GLU J 11 16.71 0.62 20.12
N LYS J 12 17.19 1.49 19.23
CA LYS J 12 17.88 1.07 18.02
C LYS J 12 19.12 0.25 18.34
N LEU J 13 19.95 0.73 19.27
CA LEU J 13 21.17 0.03 19.66
C LEU J 13 20.87 -1.38 20.15
N GLU J 14 19.88 -1.51 21.02
CA GLU J 14 19.51 -2.79 21.60
C GLU J 14 19.04 -3.80 20.54
N GLN J 15 18.18 -3.36 19.61
CA GLN J 15 17.69 -4.26 18.55
C GLN J 15 18.86 -4.70 17.65
N THR J 16 19.73 -3.77 17.32
CA THR J 16 20.83 -4.07 16.42
C THR J 16 21.83 -5.04 17.07
N ARG J 17 22.16 -4.81 18.33
CA ARG J 17 23.03 -5.75 19.02
C ARG J 17 22.37 -7.12 19.09
N THR J 18 21.06 -7.13 19.35
CA THR J 18 20.33 -8.39 19.41
C THR J 18 20.45 -9.12 18.08
N ILE J 19 20.18 -8.42 16.98
CA ILE J 19 20.20 -9.06 15.66
C ILE J 19 21.61 -9.56 15.31
N LEU J 20 22.63 -8.76 15.63
CA LEU J 20 24.01 -9.13 15.35
C LEU J 20 24.38 -10.41 16.07
N SER J 21 23.93 -10.53 17.32
CA SER J 21 24.21 -11.69 18.14
C SER J 21 23.51 -12.93 17.58
N VAL J 22 22.26 -12.76 17.17
CA VAL J 22 21.52 -13.84 16.55
C VAL J 22 22.15 -14.31 15.23
N LYS J 23 22.52 -13.39 14.36
CA LYS J 23 23.07 -13.77 13.07
C LYS J 23 24.44 -14.43 13.22
N LEU J 24 25.22 -13.98 14.20
CA LEU J 24 26.49 -14.62 14.48
C LEU J 24 26.28 -16.06 14.99
N ALA J 25 25.32 -16.24 15.91
CA ALA J 25 25.02 -17.58 16.44
C ALA J 25 24.53 -18.55 15.34
N GLU J 26 23.70 -18.05 14.43
CA GLU J 26 23.26 -18.85 13.28
C GLU J 26 24.48 -19.25 12.42
N LEU J 27 25.38 -18.31 12.15
CA LEU J 27 26.58 -18.61 11.35
C LEU J 27 27.41 -19.74 11.98
N ILE J 28 27.60 -19.66 13.29
CA ILE J 28 28.37 -20.64 14.03
C ILE J 28 27.76 -22.05 13.91
N ASN J 29 26.45 -22.11 13.69
CA ASN J 29 25.75 -23.40 13.59
C ASN J 29 25.82 -24.07 12.21
N ILE J 30 26.37 -23.38 11.22
CA ILE J 30 26.50 -23.99 9.89
C ILE J 30 27.71 -24.93 9.86
N THR J 31 27.48 -26.22 9.56
CA THR J 31 28.56 -27.21 9.62
C THR J 31 29.75 -26.82 8.75
N THR J 32 30.95 -26.93 9.28
CA THR J 32 32.15 -26.60 8.52
C THR J 32 32.77 -27.84 7.89
N ILE J 33 32.16 -29.00 8.10
CA ILE J 33 32.72 -30.24 7.56
C ILE J 33 32.92 -30.18 6.05
N ALA J 34 34.11 -30.59 5.61
CA ALA J 34 34.51 -30.47 4.22
C ALA J 34 33.62 -31.29 3.31
N ASP J 35 33.32 -30.69 2.15
CA ASP J 35 32.65 -31.36 1.05
C ASP J 35 33.51 -32.52 0.56
N ALA J 45 23.51 -40.11 -6.28
CA ALA J 45 23.95 -39.10 -7.23
C ALA J 45 22.88 -38.04 -7.48
N GLN J 46 21.66 -38.47 -7.81
CA GLN J 46 20.60 -37.48 -8.00
C GLN J 46 20.31 -36.67 -6.74
N GLU J 47 20.19 -37.34 -5.59
CA GLU J 47 19.91 -36.64 -4.34
C GLU J 47 21.00 -35.62 -4.07
N ASN J 48 22.24 -36.04 -4.25
CA ASN J 48 23.39 -35.18 -4.03
C ASN J 48 23.34 -33.97 -4.95
N SER J 49 23.03 -34.21 -6.21
CA SER J 49 22.95 -33.15 -7.19
C SER J 49 21.78 -32.19 -6.90
N GLU J 50 20.62 -32.72 -6.54
CA GLU J 50 19.46 -31.87 -6.24
C GLU J 50 19.65 -31.04 -4.96
N LEU J 51 20.12 -31.67 -3.89
CA LEU J 51 20.21 -30.98 -2.61
C LEU J 51 21.37 -29.99 -2.55
N ALA J 52 22.47 -30.30 -3.23
CA ALA J 52 23.62 -29.39 -3.33
C ALA J 52 23.98 -28.89 -1.91
N VAL J 53 24.16 -29.86 -1.01
CA VAL J 53 24.41 -29.54 0.39
C VAL J 53 25.63 -28.62 0.63
N ALA J 54 26.76 -28.93 0.02
CA ALA J 54 27.98 -28.13 0.25
C ALA J 54 27.82 -26.70 -0.26
N THR J 55 27.34 -26.57 -1.48
CA THR J 55 27.03 -25.29 -2.11
C THR J 55 26.05 -24.49 -1.24
N THR J 56 25.00 -25.16 -0.79
CA THR J 56 24.00 -24.56 0.08
C THR J 56 24.62 -24.01 1.38
N SER J 57 25.58 -24.71 1.96
CA SER J 57 26.20 -24.22 3.19
C SER J 57 26.96 -22.91 2.98
N VAL J 58 27.65 -22.80 1.85
CA VAL J 58 28.35 -21.55 1.54
C VAL J 58 27.37 -20.39 1.32
N VAL J 61 26.08 -19.16 4.77
CA VAL J 61 27.04 -18.33 5.47
C VAL J 61 27.10 -16.93 4.82
N ASN J 62 27.10 -16.88 3.49
CA ASN J 62 27.12 -15.58 2.82
C ASN J 62 25.88 -14.76 3.12
N ASN J 63 24.76 -15.44 3.30
CA ASN J 63 23.51 -14.81 3.68
C ASN J 63 23.61 -14.24 5.10
N GLN J 64 24.20 -14.99 6.03
CA GLN J 64 24.43 -14.44 7.37
C GLN J 64 25.32 -13.18 7.28
N THR J 65 26.38 -13.26 6.49
CA THR J 65 27.32 -12.15 6.35
C THR J 65 26.68 -10.90 5.75
N GLN J 67 23.75 -9.99 6.24
CA GLN J 67 22.98 -9.41 7.34
C GLN J 67 23.87 -8.83 8.43
N LEU J 68 25.02 -9.46 8.66
CA LEU J 68 25.98 -8.88 9.59
C LEU J 68 26.45 -7.51 9.10
N ILE J 69 26.76 -7.41 7.81
CA ILE J 69 27.18 -6.17 7.20
C ILE J 69 26.10 -5.11 7.35
N LYS J 70 24.87 -5.48 7.02
CA LYS J 70 23.72 -4.57 7.07
C LYS J 70 23.54 -4.02 8.49
N ASN J 71 23.65 -4.91 9.45
CA ASN J 71 23.48 -4.52 10.84
C ASN J 71 24.66 -3.73 11.43
N VAL J 72 25.88 -4.07 11.02
CA VAL J 72 27.02 -3.25 11.39
C VAL J 72 26.86 -1.85 10.77
N GLN J 73 26.34 -1.78 9.55
CA GLN J 73 26.06 -0.49 8.93
CA GLN J 73 26.03 -0.49 8.93
C GLN J 73 25.06 0.30 9.79
N ASP J 74 24.07 -0.36 10.37
CA ASP J 74 23.13 0.32 11.27
C ASP J 74 23.87 0.92 12.48
N LEU J 75 24.84 0.20 13.01
CA LEU J 75 25.64 0.73 14.11
C LEU J 75 26.45 1.96 13.71
N LEU J 76 26.92 1.98 12.47
CA LEU J 76 27.71 3.13 11.98
C LEU J 76 26.82 4.35 11.79
N ILE J 77 25.58 4.10 11.39
CA ILE J 77 24.60 5.15 11.16
C ILE J 77 24.20 5.78 12.51
N LEU J 78 24.02 4.93 13.51
CA LEU J 78 23.74 5.40 14.85
C LEU J 78 24.89 6.27 15.37
N THR J 79 26.12 5.81 15.15
CA THR J 79 27.34 6.50 15.58
C THR J 79 27.40 7.89 14.96
N ARG J 80 27.08 7.94 13.67
CA ARG J 80 27.03 9.18 12.92
C ARG J 80 25.97 10.13 13.49
N SER J 81 24.79 9.60 13.83
CA SER J 81 23.72 10.39 14.43
C SER J 81 24.14 11.06 15.75
N ILE J 82 24.88 10.32 16.58
CA ILE J 82 25.43 10.88 17.81
C ILE J 82 26.41 12.04 17.52
N LYS J 83 27.35 11.83 16.60
CA LYS J 83 28.26 12.90 16.21
C LYS J 83 27.52 14.17 15.81
N GLU J 84 26.50 14.01 14.96
CA GLU J 84 25.82 15.18 14.41
C GLU J 84 25.09 15.94 15.50
N LYS J 85 24.65 15.23 16.53
CA LYS J 85 23.98 15.90 17.64
C LYS J 85 24.95 16.79 18.41
N TRP J 86 26.17 16.32 18.61
CA TRP J 86 27.21 17.15 19.25
C TRP J 86 27.61 18.33 18.37
N LEU J 87 27.79 18.06 17.08
CA LEU J 87 28.27 19.09 16.15
C LEU J 87 27.26 20.20 15.96
N LEU J 88 25.99 19.85 15.93
CA LEU J 88 24.94 20.81 15.59
C LEU J 88 24.41 21.54 16.82
N ASN J 89 24.31 20.84 17.95
CA ASN J 89 23.60 21.37 19.11
C ASN J 89 24.48 21.94 20.22
N GLN J 90 25.76 22.13 19.91
CA GLN J 90 26.71 22.75 20.84
C GLN J 90 26.19 24.07 21.38
N ILE J 91 26.45 24.33 22.65
CA ILE J 91 26.11 25.62 23.26
C ILE J 91 27.37 26.47 23.39
N PRO J 92 27.50 27.51 22.54
CA PRO J 92 28.64 28.42 22.58
C PRO J 92 28.58 29.36 23.78
N GLY K 1 24.32 -40.20 -19.05
CA GLY K 1 23.05 -39.80 -19.63
C GLY K 1 22.91 -38.30 -19.80
N TYR K 2 22.17 -37.88 -20.82
CA TYR K 2 22.05 -36.46 -21.14
C TYR K 2 21.59 -35.63 -19.94
N ILE K 3 20.55 -36.11 -19.25
CA ILE K 3 20.02 -35.41 -18.09
C ILE K 3 21.10 -35.25 -17.03
N GLN K 4 21.87 -36.32 -16.84
CA GLN K 4 22.92 -36.28 -15.83
C GLN K 4 24.00 -35.29 -16.21
N GLU K 5 24.29 -35.18 -17.51
CA GLU K 5 25.19 -34.14 -17.99
C GLU K 5 24.67 -32.72 -17.70
N ARG K 6 23.37 -32.51 -17.86
CA ARG K 6 22.78 -31.22 -17.54
C ARG K 6 22.89 -30.94 -16.04
N LEU K 7 22.59 -31.93 -15.22
CA LEU K 7 22.67 -31.77 -13.77
C LEU K 7 24.11 -31.48 -13.34
N LYS K 8 25.08 -32.18 -13.92
CA LYS K 8 26.50 -31.91 -13.64
C LYS K 8 26.92 -30.50 -14.05
N SER K 9 26.47 -30.05 -15.23
CA SER K 9 26.81 -28.72 -15.70
C SER K 9 26.28 -27.69 -14.73
N LEU K 10 25.06 -27.90 -14.26
CA LEU K 10 24.42 -26.96 -13.35
C LEU K 10 25.05 -26.98 -11.95
N ASN K 11 25.48 -28.16 -11.48
CA ASN K 11 26.24 -28.25 -10.24
C ASN K 11 27.59 -27.54 -10.37
N ASP K 12 28.19 -27.62 -11.55
CA ASP K 12 29.40 -26.87 -11.83
C ASP K 12 29.20 -25.35 -11.79
N ILE K 13 28.03 -24.90 -12.25
CA ILE K 13 27.68 -23.49 -12.13
C ILE K 13 27.51 -23.10 -10.67
N GLU K 14 26.95 -24.00 -9.87
CA GLU K 14 26.79 -23.70 -8.44
C GLU K 14 28.17 -23.50 -7.78
N THR K 15 29.14 -24.29 -8.21
CA THR K 15 30.50 -24.19 -7.70
C THR K 15 31.13 -22.85 -8.13
N GLN K 16 30.89 -22.44 -9.37
CA GLN K 16 31.41 -21.17 -9.85
C GLN K 16 30.83 -20.00 -9.06
N LEU K 17 29.54 -20.08 -8.75
CA LEU K 17 28.87 -19.03 -7.98
C LEU K 17 29.47 -18.92 -6.57
N CYS K 18 29.76 -20.06 -5.95
CA CYS K 18 30.42 -20.03 -4.65
C CYS K 18 31.79 -19.38 -4.77
N SER K 19 32.51 -19.68 -5.86
CA SER K 19 33.82 -19.06 -6.09
C SER K 19 33.74 -17.54 -6.23
N LEU K 21 31.52 -15.64 -4.74
CA LEU K 21 31.37 -15.12 -3.38
C LEU K 21 32.70 -15.08 -2.63
N GLN K 22 33.51 -16.14 -2.77
CA GLN K 22 34.86 -16.17 -2.20
C GLN K 22 35.71 -14.99 -2.68
N GLU K 23 35.63 -14.70 -3.97
CA GLU K 23 36.37 -13.56 -4.54
C GLU K 23 35.87 -12.27 -3.90
N ALA K 24 34.54 -12.12 -3.79
CA ALA K 24 33.98 -10.88 -3.26
C ALA K 24 34.42 -10.66 -1.81
N SER K 25 34.47 -11.73 -1.04
CA SER K 25 34.94 -11.62 0.36
C SER K 25 36.38 -11.12 0.45
N GLN K 26 37.23 -11.68 -0.40
CA GLN K 26 38.65 -11.33 -0.41
C GLN K 26 38.81 -9.88 -0.83
N VAL K 27 38.13 -9.50 -1.90
CA VAL K 27 38.13 -8.11 -2.35
C VAL K 27 37.79 -7.20 -1.16
N THR K 28 36.79 -7.59 -0.37
CA THR K 28 36.36 -6.75 0.74
C THR K 28 37.36 -6.65 1.88
N PHE K 29 37.88 -7.78 2.36
CA PHE K 29 38.82 -7.65 3.47
C PHE K 29 40.16 -7.07 3.00
N ILE K 30 40.55 -7.36 1.75
CA ILE K 30 41.77 -6.74 1.21
C ILE K 30 41.65 -5.22 1.08
N PHE K 31 40.48 -4.74 0.66
CA PHE K 31 40.23 -3.30 0.63
C PHE K 31 40.48 -2.71 2.03
N GLY K 32 40.00 -3.40 3.06
CA GLY K 32 40.20 -2.98 4.44
C GLY K 32 41.67 -2.87 4.82
N GLU K 33 42.47 -3.83 4.37
CA GLU K 33 43.93 -3.78 4.58
C GLU K 33 44.58 -2.60 3.85
N LEU K 34 44.16 -2.36 2.61
CA LEU K 34 44.66 -1.20 1.84
C LEU K 34 44.34 0.12 2.54
N LYS K 35 43.09 0.26 2.97
CA LYS K 35 42.65 1.50 3.63
C LYS K 35 43.44 1.75 4.91
N ARG K 36 43.87 0.67 5.57
CA ARG K 36 44.62 0.79 6.82
C ARG K 36 46.14 0.90 6.63
N GLY K 37 46.57 1.02 5.38
CA GLY K 37 47.95 1.39 5.09
C GLY K 37 48.84 0.28 4.54
N ASN K 38 48.29 -0.92 4.36
CA ASN K 38 49.08 -1.99 3.76
C ASN K 38 48.99 -2.02 2.24
N GLU K 39 49.88 -1.28 1.61
CA GLU K 39 49.86 -1.07 0.18
C GLU K 39 50.23 -2.30 -0.61
N SER K 40 51.00 -3.19 0.01
CA SER K 40 51.58 -4.33 -0.69
C SER K 40 50.56 -5.36 -1.20
N VAL K 41 49.32 -5.29 -0.72
CA VAL K 41 48.30 -6.25 -1.17
C VAL K 41 47.51 -5.71 -2.37
N LYS K 42 47.89 -4.54 -2.86
CA LYS K 42 47.21 -3.93 -4.00
C LYS K 42 47.13 -4.85 -5.23
N PRO K 43 48.25 -5.51 -5.60
CA PRO K 43 48.17 -6.42 -6.75
C PRO K 43 47.18 -7.58 -6.54
N GLN K 44 47.10 -8.11 -5.33
CA GLN K 44 46.14 -9.18 -5.01
C GLN K 44 44.68 -8.67 -5.12
N PHE K 45 44.45 -7.46 -4.61
CA PHE K 45 43.14 -6.82 -4.75
C PHE K 45 42.71 -6.76 -6.22
N GLU K 46 43.60 -6.26 -7.07
CA GLU K 46 43.31 -6.16 -8.50
C GLU K 46 43.05 -7.52 -9.12
N ASN K 47 43.80 -8.53 -8.68
CA ASN K 47 43.60 -9.89 -9.21
C ASN K 47 42.25 -10.51 -8.85
N HIS K 48 41.79 -10.32 -7.61
CA HIS K 48 40.50 -10.87 -7.19
C HIS K 48 39.31 -10.12 -7.84
N VAL K 49 39.46 -8.82 -8.05
CA VAL K 49 38.46 -8.04 -8.80
C VAL K 49 38.34 -8.60 -10.22
N LYS K 50 39.49 -8.75 -10.87
CA LYS K 50 39.54 -9.36 -12.20
C LYS K 50 38.91 -10.76 -12.24
N GLN K 51 39.28 -11.60 -11.29
CA GLN K 51 38.70 -12.95 -11.23
C GLN K 51 37.20 -12.91 -11.03
N PHE K 52 36.72 -12.00 -10.19
CA PHE K 52 35.28 -11.90 -9.99
C PHE K 52 34.59 -11.68 -11.34
N TYR K 53 35.12 -10.75 -12.13
CA TYR K 53 34.58 -10.43 -13.45
C TYR K 53 34.59 -11.63 -14.38
N GLU K 54 35.74 -12.30 -14.45
CA GLU K 54 35.91 -13.45 -15.32
C GLU K 54 34.89 -14.54 -14.98
N ARG K 55 34.68 -14.77 -13.68
CA ARG K 55 33.73 -15.79 -13.26
C ARG K 55 32.29 -15.34 -13.51
N LEU K 56 32.02 -14.05 -13.36
CA LEU K 56 30.72 -13.49 -13.73
C LEU K 56 30.44 -13.78 -15.20
N ASP K 57 31.44 -13.52 -16.03
CA ASP K 57 31.30 -13.69 -17.47
C ASP K 57 31.04 -15.16 -17.81
N LYS K 58 31.85 -16.04 -17.24
CA LYS K 58 31.75 -17.48 -17.54
C LYS K 58 30.45 -18.11 -17.02
N SER K 59 30.11 -17.81 -15.77
CA SER K 59 28.92 -18.41 -15.17
C SER K 59 27.63 -17.95 -15.85
N THR K 60 27.54 -16.67 -16.18
CA THR K 60 26.31 -16.16 -16.81
C THR K 60 26.14 -16.66 -18.25
N THR K 61 27.23 -16.74 -19.01
CA THR K 61 27.14 -17.27 -20.37
C THR K 61 26.80 -18.75 -20.34
N GLN K 62 27.35 -19.49 -19.38
CA GLN K 62 27.02 -20.89 -19.21
C GLN K 62 25.53 -21.04 -18.86
N LEU K 63 25.03 -20.19 -17.97
CA LEU K 63 23.61 -20.20 -17.64
C LEU K 63 22.71 -19.90 -18.84
N ARG K 64 23.14 -18.96 -19.68
CA ARG K 64 22.42 -18.63 -20.89
C ARG K 64 22.30 -19.88 -21.78
N LYS K 65 23.40 -20.61 -21.92
CA LYS K 65 23.38 -21.83 -22.73
C LYS K 65 22.43 -22.89 -22.12
N GLU K 66 22.47 -23.04 -20.80
CA GLU K 66 21.59 -23.99 -20.14
C GLU K 66 20.10 -23.66 -20.36
N ILE K 67 19.76 -22.37 -20.37
CA ILE K 67 18.37 -21.99 -20.60
C ILE K 67 17.97 -22.37 -22.03
N GLN K 68 18.85 -22.07 -22.97
CA GLN K 68 18.68 -22.45 -24.36
C GLN K 68 18.42 -23.97 -24.51
N LEU K 69 19.22 -24.79 -23.83
CA LEU K 69 19.09 -26.24 -23.90
C LEU K 69 17.76 -26.72 -23.34
N LEU K 70 17.22 -25.98 -22.38
CA LEU K 70 15.89 -26.28 -21.84
C LEU K 70 14.86 -26.11 -22.93
N ASP K 71 14.93 -24.97 -23.60
CA ASP K 71 14.04 -24.69 -24.73
C ASP K 71 14.13 -25.79 -25.76
N GLU K 72 15.36 -26.16 -26.14
CA GLU K 72 15.56 -27.11 -27.21
C GLU K 72 14.99 -28.48 -26.88
N ASN K 73 14.86 -28.79 -25.60
CA ASN K 73 14.40 -30.11 -25.17
C ASN K 73 12.92 -30.18 -24.81
N VAL K 74 12.24 -29.05 -24.88
CA VAL K 74 10.81 -29.05 -24.65
C VAL K 74 10.16 -29.90 -25.74
N GLY K 75 9.46 -30.94 -25.31
CA GLY K 75 8.73 -31.79 -26.25
C GLY K 75 9.49 -33.02 -26.71
N THR K 76 10.78 -33.10 -26.38
CA THR K 76 11.56 -34.29 -26.68
C THR K 76 11.97 -34.99 -25.40
N ARG K 77 12.86 -34.37 -24.63
CA ARG K 77 13.27 -34.94 -23.35
C ARG K 77 12.44 -34.40 -22.19
N LEU K 78 11.79 -33.26 -22.39
CA LEU K 78 11.02 -32.62 -21.33
C LEU K 78 9.53 -32.51 -21.68
N LEU K 79 8.69 -32.80 -20.70
CA LEU K 79 7.24 -32.61 -20.86
C LEU K 79 6.88 -31.23 -21.41
N PRO K 80 6.13 -31.21 -22.52
CA PRO K 80 5.65 -29.98 -23.15
C PRO K 80 4.61 -29.27 -22.29
N SER L 5 8.14 -18.77 -20.16
CA SER L 5 8.64 -19.20 -18.86
C SER L 5 10.17 -19.24 -18.88
N ASN L 6 10.73 -19.89 -19.90
CA ASN L 6 12.16 -19.83 -20.11
C ASN L 6 12.53 -18.41 -20.57
N GLN L 7 11.58 -17.75 -21.24
CA GLN L 7 11.76 -16.35 -21.58
C GLN L 7 12.05 -15.52 -20.33
N ALA L 8 11.27 -15.74 -19.27
CA ALA L 8 11.44 -15.01 -18.03
C ALA L 8 12.76 -15.37 -17.34
N LEU L 9 13.24 -16.59 -17.56
CA LEU L 9 14.57 -16.95 -17.08
C LEU L 9 15.65 -16.13 -17.79
N TYR L 10 15.51 -15.96 -19.11
CA TYR L 10 16.47 -15.20 -19.91
C TYR L 10 16.52 -13.77 -19.40
N GLU L 11 15.36 -13.20 -19.15
CA GLU L 11 15.27 -11.80 -18.77
C GLU L 11 15.85 -11.60 -17.39
N LYS L 12 15.65 -12.58 -16.51
CA LYS L 12 16.21 -12.47 -15.17
C LYS L 12 17.73 -12.55 -15.20
N LEU L 13 18.26 -13.47 -16.00
CA LEU L 13 19.70 -13.59 -16.17
C LEU L 13 20.31 -12.27 -16.67
N GLU L 14 19.64 -11.64 -17.64
CA GLU L 14 20.18 -10.42 -18.22
C GLU L 14 20.23 -9.32 -17.17
N GLN L 15 19.14 -9.17 -16.45
CA GLN L 15 19.02 -8.18 -15.39
C GLN L 15 20.11 -8.38 -14.34
N THR L 16 20.31 -9.62 -13.93
CA THR L 16 21.23 -9.92 -12.85
C THR L 16 22.69 -9.71 -13.28
N ARG L 17 23.03 -10.09 -14.50
CA ARG L 17 24.39 -9.84 -14.97
C ARG L 17 24.63 -8.34 -15.05
N THR L 18 23.62 -7.59 -15.47
CA THR L 18 23.76 -6.14 -15.60
C THR L 18 24.07 -5.54 -14.23
N ILE L 19 23.31 -5.94 -13.23
CA ILE L 19 23.49 -5.37 -11.89
C ILE L 19 24.85 -5.76 -11.30
N LEU L 20 25.24 -7.02 -11.48
CA LEU L 20 26.55 -7.45 -10.98
C LEU L 20 27.67 -6.64 -11.61
N SER L 21 27.59 -6.38 -12.92
CA SER L 21 28.66 -5.61 -13.55
C SER L 21 28.67 -4.15 -13.05
N VAL L 22 27.49 -3.56 -12.90
CA VAL L 22 27.40 -2.19 -12.36
C VAL L 22 27.98 -2.11 -10.95
N LYS L 23 27.60 -3.05 -10.08
CA LYS L 23 28.08 -3.03 -8.69
C LYS L 23 29.59 -3.26 -8.57
N LEU L 24 30.16 -4.05 -9.47
CA LEU L 24 31.62 -4.24 -9.47
C LEU L 24 32.33 -2.98 -9.96
N ALA L 25 31.82 -2.41 -11.05
CA ALA L 25 32.36 -1.13 -11.58
C ALA L 25 32.32 -0.03 -10.53
N GLU L 26 31.25 0.02 -9.73
CA GLU L 26 31.13 1.03 -8.68
C GLU L 26 32.19 0.76 -7.62
N LEU L 27 32.33 -0.52 -7.26
CA LEU L 27 33.32 -0.92 -6.24
C LEU L 27 34.74 -0.51 -6.66
N ILE L 28 35.06 -0.73 -7.92
CA ILE L 28 36.36 -0.36 -8.48
C ILE L 28 36.67 1.14 -8.37
N ASN L 29 35.63 1.98 -8.44
CA ASN L 29 35.80 3.42 -8.34
C ASN L 29 35.99 3.99 -6.93
N ILE L 30 35.93 3.14 -5.91
CA ILE L 30 36.13 3.64 -4.53
C ILE L 30 37.64 3.71 -4.27
N THR L 31 38.13 4.89 -3.91
CA THR L 31 39.57 5.07 -3.73
C THR L 31 40.12 4.10 -2.68
N THR L 32 41.24 3.47 -3.00
CA THR L 32 41.91 2.58 -2.06
C THR L 32 43.01 3.28 -1.27
N ILE L 33 43.18 4.59 -1.48
CA ILE L 33 44.26 5.34 -0.81
C ILE L 33 44.14 5.27 0.72
N ALA L 34 45.26 5.04 1.38
CA ALA L 34 45.27 4.80 2.81
C ALA L 34 44.80 6.01 3.60
N ASP L 35 44.05 5.74 4.66
CA ASP L 35 43.69 6.79 5.62
C ASP L 35 44.96 7.50 6.09
N ALA L 45 40.47 19.24 11.78
CA ALA L 45 40.09 18.24 12.77
C ALA L 45 38.58 17.96 12.76
N GLN L 46 37.78 18.99 12.97
CA GLN L 46 36.33 18.80 12.99
C GLN L 46 35.81 18.24 11.66
N GLU L 47 36.27 18.80 10.54
CA GLU L 47 35.84 18.30 9.24
C GLU L 47 36.22 16.84 9.07
N ASN L 48 37.43 16.47 9.49
CA ASN L 48 37.89 15.11 9.37
C ASN L 48 36.96 14.20 10.15
N SER L 49 36.59 14.65 11.34
CA SER L 49 35.79 13.85 12.24
C SER L 49 34.32 13.71 11.78
N GLU L 50 33.73 14.80 11.29
CA GLU L 50 32.37 14.72 10.77
C GLU L 50 32.27 13.89 9.47
N LEU L 51 33.15 14.16 8.52
CA LEU L 51 33.06 13.49 7.21
C LEU L 51 33.48 12.02 7.30
N ALA L 52 34.46 11.71 8.15
CA ALA L 52 34.90 10.33 8.34
C ALA L 52 35.08 9.62 6.99
N VAL L 53 35.95 10.17 6.17
CA VAL L 53 36.10 9.74 4.79
C VAL L 53 36.58 8.29 4.65
N ALA L 54 37.57 7.89 5.43
CA ALA L 54 38.10 6.52 5.37
C ALA L 54 37.05 5.49 5.76
N THR L 55 36.37 5.74 6.88
CA THR L 55 35.27 4.91 7.34
C THR L 55 34.17 4.80 6.28
N THR L 56 33.81 5.93 5.68
CA THR L 56 32.83 5.96 4.62
C THR L 56 33.25 5.06 3.44
N SER L 57 34.53 5.08 3.07
CA SER L 57 34.98 4.26 1.94
C SER L 57 34.77 2.76 2.24
N VAL L 58 35.07 2.36 3.47
CA VAL L 58 34.86 0.98 3.88
C VAL L 58 33.38 0.59 3.84
N VAL L 61 32.30 0.15 0.12
CA VAL L 61 32.76 -1.13 -0.41
C VAL L 61 31.92 -2.26 0.13
N ASN L 62 31.66 -2.25 1.43
CA ASN L 62 30.86 -3.31 2.04
C ASN L 62 29.41 -3.32 1.56
N ASN L 63 28.88 -2.13 1.31
CA ASN L 63 27.56 -2.03 0.70
C ASN L 63 27.54 -2.64 -0.72
N GLN L 64 28.62 -2.43 -1.47
CA GLN L 64 28.74 -3.05 -2.80
C GLN L 64 28.73 -4.58 -2.65
N THR L 65 29.52 -5.08 -1.71
CA THR L 65 29.62 -6.52 -1.43
C THR L 65 28.28 -7.14 -1.03
N GLN L 67 25.50 -6.18 -2.00
CA GLN L 67 24.73 -6.29 -3.24
C GLN L 67 25.27 -7.34 -4.21
N LEU L 68 26.59 -7.53 -4.22
CA LEU L 68 27.15 -8.65 -4.99
C LEU L 68 26.62 -9.98 -4.47
N ILE L 69 26.62 -10.15 -3.17
CA ILE L 69 26.09 -11.37 -2.56
C ILE L 69 24.62 -11.58 -2.94
N LYS L 70 23.80 -10.57 -2.72
CA LYS L 70 22.37 -10.67 -3.02
C LYS L 70 22.15 -11.11 -4.48
N ASN L 71 22.94 -10.55 -5.39
CA ASN L 71 22.72 -10.80 -6.82
C ASN L 71 23.30 -12.12 -7.29
N VAL L 72 24.40 -12.55 -6.67
CA VAL L 72 24.86 -13.92 -6.89
C VAL L 72 23.81 -14.92 -6.39
N GLN L 73 23.16 -14.63 -5.26
CA GLN L 73 22.03 -15.43 -4.75
CA GLN L 73 22.13 -15.53 -4.81
C GLN L 73 20.94 -15.57 -5.80
N ASP L 74 20.67 -14.49 -6.54
CA ASP L 74 19.67 -14.58 -7.62
C ASP L 74 20.10 -15.53 -8.75
N LEU L 75 21.39 -15.56 -9.06
CA LEU L 75 21.89 -16.52 -10.05
C LEU L 75 21.69 -17.97 -9.58
N LEU L 76 21.74 -18.17 -8.27
CA LEU L 76 21.55 -19.51 -7.72
CA LEU L 76 21.56 -19.50 -7.70
C LEU L 76 20.09 -19.93 -7.79
N ILE L 77 19.20 -18.99 -7.49
CA ILE L 77 17.80 -19.25 -7.62
C ILE L 77 17.51 -19.65 -9.07
N LEU L 78 18.16 -18.98 -10.01
CA LEU L 78 17.98 -19.29 -11.44
C LEU L 78 18.48 -20.72 -11.72
N THR L 79 19.71 -21.00 -11.28
CA THR L 79 20.31 -22.33 -11.44
C THR L 79 19.43 -23.45 -10.87
N ARG L 80 18.90 -23.22 -9.68
CA ARG L 80 18.04 -24.21 -9.03
C ARG L 80 16.79 -24.47 -9.85
N SER L 81 16.18 -23.41 -10.35
CA SER L 81 14.98 -23.53 -11.18
C SER L 81 15.27 -24.39 -12.40
N ILE L 82 16.41 -24.15 -13.05
CA ILE L 82 16.76 -24.95 -14.22
C ILE L 82 16.96 -26.42 -13.83
N LYS L 83 17.67 -26.67 -12.74
CA LYS L 83 17.86 -28.05 -12.27
C LYS L 83 16.51 -28.73 -12.02
N GLU L 84 15.61 -28.03 -11.34
CA GLU L 84 14.33 -28.61 -10.99
C GLU L 84 13.45 -28.93 -12.21
N LYS L 85 13.56 -28.12 -13.27
CA LYS L 85 12.85 -28.41 -14.52
C LYS L 85 13.32 -29.72 -15.14
N TRP L 86 14.63 -29.95 -15.12
CA TRP L 86 15.15 -31.24 -15.59
C TRP L 86 14.68 -32.39 -14.71
N LEU L 87 14.74 -32.21 -13.39
CA LEU L 87 14.39 -33.28 -12.47
C LEU L 87 12.90 -33.65 -12.56
N LEU L 88 12.04 -32.63 -12.70
CA LEU L 88 10.61 -32.83 -12.58
C LEU L 88 9.96 -33.22 -13.91
N ASN L 89 10.43 -32.63 -15.00
CA ASN L 89 9.75 -32.71 -16.28
C ASN L 89 10.31 -33.68 -17.30
N GLN L 90 11.31 -34.47 -16.91
CA GLN L 90 11.92 -35.37 -17.88
C GLN L 90 10.92 -36.44 -18.28
N ILE L 91 10.73 -36.60 -19.58
CA ILE L 91 9.89 -37.67 -20.11
C ILE L 91 10.50 -39.00 -19.71
N PRO L 92 9.77 -39.76 -18.87
CA PRO L 92 10.26 -40.98 -18.23
C PRO L 92 11.00 -41.89 -19.22
N GLY M 1 14.50 47.10 13.11
CA GLY M 1 13.97 46.38 14.27
C GLY M 1 14.51 44.97 14.38
N TYR M 2 14.07 44.25 15.40
CA TYR M 2 14.52 42.88 15.64
C TYR M 2 14.06 41.93 14.54
N ILE M 3 12.79 42.05 14.16
CA ILE M 3 12.22 41.24 13.09
C ILE M 3 12.99 41.43 11.77
N GLN M 4 13.34 42.68 11.47
CA GLN M 4 14.13 42.95 10.27
C GLN M 4 15.51 42.31 10.35
N GLU M 5 16.08 42.27 11.54
CA GLU M 5 17.37 41.60 11.76
C GLU M 5 17.28 40.10 11.52
N ARG M 6 16.20 39.49 12.02
CA ARG M 6 15.99 38.07 11.80
C ARG M 6 15.86 37.76 10.31
N LEU M 7 15.04 38.56 9.61
CA LEU M 7 14.85 38.38 8.18
C LEU M 7 16.16 38.57 7.43
N LYS M 8 16.96 39.53 7.87
CA LYS M 8 18.26 39.77 7.25
C LYS M 8 19.18 38.57 7.44
N SER M 9 19.19 38.00 8.64
CA SER M 9 20.02 36.84 8.94
C SER M 9 19.60 35.64 8.08
N LEU M 10 18.29 35.53 7.84
CA LEU M 10 17.76 34.42 7.08
C LEU M 10 18.03 34.59 5.58
N ASN M 11 17.87 35.81 5.06
CA ASN M 11 18.26 36.10 3.68
C ASN M 11 19.75 35.79 3.50
N ASP M 12 20.52 36.05 4.54
CA ASP M 12 21.96 35.80 4.53
C ASP M 12 22.24 34.30 4.38
N ILE M 13 21.51 33.52 5.15
CA ILE M 13 21.58 32.07 5.06
C ILE M 13 21.25 31.61 3.65
N GLU M 14 20.20 32.19 3.05
CA GLU M 14 19.82 31.84 1.69
C GLU M 14 21.00 32.04 0.74
N THR M 15 21.77 33.10 0.95
CA THR M 15 22.92 33.39 0.10
C THR M 15 23.96 32.28 0.20
N GLN M 16 24.26 31.88 1.43
CA GLN M 16 25.18 30.78 1.68
C GLN M 16 24.74 29.49 0.99
N LEU M 17 23.44 29.22 1.00
CA LEU M 17 22.92 28.00 0.42
C LEU M 17 23.04 28.04 -1.11
N CYS M 18 22.75 29.19 -1.70
CA CYS M 18 23.00 29.35 -3.12
C CYS M 18 24.49 29.18 -3.45
N SER M 19 25.35 29.67 -2.58
CA SER M 19 26.79 29.50 -2.77
C SER M 19 27.19 28.02 -2.71
N LEU M 21 25.25 25.50 -3.68
CA LEU M 21 24.83 24.94 -4.96
C LEU M 21 25.86 25.20 -6.06
N GLN M 22 26.44 26.41 -6.03
CA GLN M 22 27.53 26.77 -6.95
C GLN M 22 28.75 25.86 -6.76
N GLU M 23 29.17 25.65 -5.51
CA GLU M 23 30.34 24.82 -5.24
C GLU M 23 30.09 23.42 -5.77
N ALA M 24 28.88 22.91 -5.53
CA ALA M 24 28.57 21.54 -5.91
C ALA M 24 28.67 21.37 -7.42
N SER M 25 28.21 22.36 -8.18
CA SER M 25 28.28 22.31 -9.65
C SER M 25 29.72 22.35 -10.13
N GLN M 26 30.52 23.20 -9.48
CA GLN M 26 31.94 23.29 -9.80
C GLN M 26 32.68 22.01 -9.47
N VAL M 27 32.43 21.47 -8.28
CA VAL M 27 32.98 20.16 -7.92
C VAL M 27 32.66 19.15 -9.02
N THR M 28 31.42 19.19 -9.51
CA THR M 28 30.99 18.21 -10.51
C THR M 28 31.70 18.37 -11.86
N PHE M 29 31.72 19.59 -12.39
CA PHE M 29 32.42 19.85 -13.65
C PHE M 29 33.92 19.55 -13.56
N ILE M 30 34.55 20.02 -12.49
CA ILE M 30 35.99 19.77 -12.33
C ILE M 30 36.32 18.26 -12.23
N PHE M 31 35.45 17.50 -11.56
CA PHE M 31 35.66 16.05 -11.51
C PHE M 31 35.75 15.50 -12.93
N GLY M 32 34.86 15.96 -13.80
CA GLY M 32 34.87 15.50 -15.18
C GLY M 32 36.18 15.83 -15.86
N GLU M 33 36.76 16.98 -15.49
CA GLU M 33 38.05 17.40 -16.03
C GLU M 33 39.19 16.52 -15.55
N LEU M 34 39.21 16.21 -14.26
CA LEU M 34 40.23 15.32 -13.72
C LEU M 34 40.18 13.95 -14.38
N LYS M 35 38.97 13.44 -14.63
CA LYS M 35 38.81 12.12 -15.22
C LYS M 35 39.29 12.09 -16.66
N ARG M 36 39.34 13.27 -17.28
CA ARG M 36 39.76 13.37 -18.67
C ARG M 36 41.23 13.70 -18.83
N GLY M 37 41.96 13.74 -17.71
CA GLY M 37 43.40 13.88 -17.78
C GLY M 37 44.04 15.13 -17.20
N ASN M 38 43.25 16.17 -16.92
CA ASN M 38 43.81 17.40 -16.39
C ASN M 38 44.05 17.36 -14.88
N GLU M 39 45.28 17.03 -14.51
CA GLU M 39 45.62 16.83 -13.10
C GLU M 39 45.90 18.13 -12.34
N SER M 40 46.20 19.20 -13.08
CA SER M 40 46.54 20.47 -12.46
C SER M 40 45.41 21.07 -11.61
N VAL M 41 44.17 20.76 -11.98
CA VAL M 41 43.00 21.31 -11.28
C VAL M 41 42.65 20.58 -9.97
N LYS M 42 43.43 19.58 -9.62
CA LYS M 42 43.19 18.81 -8.42
C LYS M 42 43.05 19.67 -7.14
N PRO M 43 43.99 20.60 -6.93
CA PRO M 43 43.87 21.44 -5.72
C PRO M 43 42.62 22.33 -5.72
N GLN M 44 42.13 22.70 -6.91
CA GLN M 44 40.91 23.49 -6.98
C GLN M 44 39.69 22.64 -6.64
N PHE M 45 39.68 21.43 -7.16
CA PHE M 45 38.66 20.45 -6.83
C PHE M 45 38.59 20.36 -5.31
N GLU M 46 39.72 20.10 -4.68
CA GLU M 46 39.80 19.99 -3.22
C GLU M 46 39.35 21.24 -2.48
N ASN M 47 39.71 22.42 -3.00
CA ASN M 47 39.29 23.64 -2.33
C ASN M 47 37.77 23.87 -2.43
N HIS M 48 37.18 23.47 -3.53
CA HIS M 48 35.73 23.61 -3.67
C HIS M 48 34.99 22.62 -2.76
N VAL M 49 35.55 21.42 -2.62
CA VAL M 49 35.02 20.46 -1.67
C VAL M 49 35.06 21.09 -0.27
N LYS M 50 36.20 21.70 0.05
CA LYS M 50 36.40 22.30 1.35
C LYS M 50 35.45 23.48 1.61
N GLN M 51 35.25 24.31 0.60
CA GLN M 51 34.30 25.41 0.69
C GLN M 51 32.88 24.91 0.92
N PHE M 52 32.50 23.85 0.22
CA PHE M 52 31.18 23.26 0.42
C PHE M 52 31.03 22.85 1.89
N TYR M 53 32.05 22.19 2.45
CA TYR M 53 31.95 21.74 3.84
C TYR M 53 31.85 22.90 4.82
N GLU M 54 32.66 23.92 4.61
CA GLU M 54 32.65 25.08 5.52
C GLU M 54 31.31 25.80 5.48
N ARG M 55 30.72 25.92 4.30
CA ARG M 55 29.41 26.56 4.21
C ARG M 55 28.30 25.67 4.80
N LEU M 56 28.44 24.36 4.64
CA LEU M 56 27.51 23.42 5.27
C LEU M 56 27.49 23.65 6.77
N ASP M 57 28.69 23.69 7.35
CA ASP M 57 28.86 23.86 8.78
C ASP M 57 28.30 25.21 9.23
N LYS M 58 28.68 26.27 8.52
CA LYS M 58 28.26 27.61 8.88
C LYS M 58 26.73 27.79 8.73
N SER M 59 26.20 27.39 7.57
CA SER M 59 24.77 27.57 7.32
C SER M 59 23.90 26.81 8.33
N THR M 60 24.25 25.56 8.62
CA THR M 60 23.41 24.75 9.49
C THR M 60 23.50 25.22 10.95
N THR M 61 24.71 25.63 11.37
CA THR M 61 24.91 26.25 12.69
C THR M 61 24.04 27.50 12.85
N GLN M 62 24.07 28.38 11.84
CA GLN M 62 23.27 29.61 11.88
C GLN M 62 21.78 29.28 11.94
N LEU M 63 21.35 28.31 11.14
CA LEU M 63 19.96 27.85 11.15
C LEU M 63 19.58 27.29 12.53
N ARG M 64 20.50 26.58 13.17
CA ARG M 64 20.24 26.04 14.50
C ARG M 64 19.94 27.18 15.49
N LYS M 65 20.71 28.26 15.38
CA LYS M 65 20.56 29.43 16.24
C LYS M 65 19.25 30.14 15.96
N GLU M 66 18.91 30.27 14.68
CA GLU M 66 17.63 30.89 14.33
C GLU M 66 16.47 30.10 14.95
N ILE M 67 16.57 28.77 14.96
CA ILE M 67 15.52 27.96 15.56
C ILE M 67 15.47 28.17 17.08
N GLN M 68 16.63 28.27 17.71
CA GLN M 68 16.67 28.54 19.13
C GLN M 68 16.01 29.89 19.45
N LEU M 69 16.17 30.87 18.56
CA LEU M 69 15.61 32.20 18.75
C LEU M 69 14.09 32.24 18.58
N LEU M 70 13.55 31.32 17.80
CA LEU M 70 12.10 31.16 17.75
C LEU M 70 11.60 30.75 19.13
N ASP M 71 12.31 29.81 19.75
CA ASP M 71 11.92 29.32 21.07
C ASP M 71 12.01 30.42 22.13
N GLU M 72 13.08 31.22 22.06
CA GLU M 72 13.35 32.25 23.06
C GLU M 72 12.44 33.47 22.92
N ASN M 73 11.82 33.62 21.76
CA ASN M 73 11.00 34.81 21.53
C ASN M 73 9.52 34.56 21.66
N VAL M 74 9.16 33.33 22.05
CA VAL M 74 7.79 33.05 22.44
C VAL M 74 7.44 33.88 23.67
N GLY M 75 6.36 34.66 23.59
CA GLY M 75 5.92 35.48 24.71
C GLY M 75 6.61 36.83 24.78
N THR M 76 7.65 37.02 23.98
CA THR M 76 8.36 38.29 23.95
C THR M 76 8.04 39.08 22.68
N ARG M 77 8.48 38.56 21.54
CA ARG M 77 8.24 39.21 20.26
C ARG M 77 7.38 38.35 19.33
N LEU M 78 7.02 37.16 19.82
CA LEU M 78 6.18 36.23 19.06
C LEU M 78 4.99 35.79 19.89
N LEU M 79 3.84 35.63 19.25
CA LEU M 79 2.64 35.15 19.92
C LEU M 79 2.73 33.65 20.23
N PRO M 80 2.10 33.23 21.34
CA PRO M 80 2.01 31.81 21.71
C PRO M 80 1.13 31.03 20.74
N SER N 5 6.34 22.56 13.54
CA SER N 5 6.71 23.02 14.88
C SER N 5 8.22 23.21 15.01
N ASN N 6 8.65 23.87 16.08
CA ASN N 6 10.07 24.17 16.28
C ASN N 6 10.93 22.92 16.44
N GLN N 7 10.42 21.93 17.16
CA GLN N 7 11.15 20.67 17.30
C GLN N 7 11.23 19.92 15.97
N ALA N 8 10.18 20.01 15.16
CA ALA N 8 10.19 19.37 13.86
C ALA N 8 11.21 20.07 12.96
N LEU N 9 11.31 21.38 13.09
CA LEU N 9 12.29 22.14 12.31
C LEU N 9 13.69 21.68 12.67
N TYR N 10 13.96 21.53 13.96
CA TYR N 10 15.29 21.13 14.39
C TYR N 10 15.66 19.74 13.87
N GLU N 11 14.68 18.84 13.88
CA GLU N 11 14.93 17.45 13.48
C GLU N 11 15.22 17.38 12.00
N LYS N 12 14.45 18.13 11.22
CA LYS N 12 14.67 18.26 9.79
C LYS N 12 16.08 18.80 9.53
N LEU N 13 16.51 19.78 10.32
CA LEU N 13 17.85 20.35 10.19
C LEU N 13 18.92 19.30 10.46
N GLU N 14 18.74 18.50 11.50
CA GLU N 14 19.75 17.51 11.87
C GLU N 14 19.86 16.42 10.80
N GLN N 15 18.72 15.95 10.31
CA GLN N 15 18.70 14.94 9.25
C GLN N 15 19.40 15.46 8.02
N THR N 16 19.08 16.69 7.65
CA THR N 16 19.62 17.26 6.42
C THR N 16 21.14 17.47 6.48
N ARG N 17 21.63 17.99 7.59
CA ARG N 17 23.08 18.17 7.72
C ARG N 17 23.78 16.81 7.65
N THR N 18 23.17 15.84 8.33
CA THR N 18 23.71 14.50 8.33
C THR N 18 23.86 13.95 6.91
N ILE N 19 22.78 14.07 6.13
CA ILE N 19 22.78 13.54 4.79
C ILE N 19 23.79 14.26 3.91
N LEU N 20 23.85 15.58 4.04
CA LEU N 20 24.79 16.39 3.27
C LEU N 20 26.24 15.97 3.54
N SER N 21 26.53 15.75 4.82
CA SER N 21 27.85 15.29 5.23
C SER N 21 28.22 13.94 4.60
N VAL N 22 27.28 13.00 4.68
CA VAL N 22 27.47 11.67 4.13
C VAL N 22 27.68 11.71 2.61
N LYS N 23 26.85 12.46 1.90
CA LYS N 23 26.95 12.53 0.44
C LYS N 23 28.25 13.16 -0.04
N LEU N 24 28.76 14.13 0.73
CA LEU N 24 30.04 14.75 0.43
C LEU N 24 31.20 13.77 0.69
N ALA N 25 31.15 13.09 1.83
CA ALA N 25 32.16 12.08 2.12
C ALA N 25 32.21 10.99 1.02
N GLU N 26 31.03 10.55 0.56
CA GLU N 26 30.95 9.55 -0.53
C GLU N 26 31.57 10.11 -1.82
N LEU N 27 31.24 11.36 -2.13
CA LEU N 27 31.81 12.03 -3.30
C LEU N 27 33.35 12.06 -3.24
N ILE N 28 33.89 12.48 -2.11
CA ILE N 28 35.32 12.51 -1.89
C ILE N 28 36.00 11.15 -2.14
N ASN N 29 35.25 10.07 -1.88
CA ASN N 29 35.78 8.72 -2.07
C ASN N 29 35.77 8.17 -3.51
N ILE N 30 35.21 8.90 -4.46
CA ILE N 30 35.25 8.44 -5.85
C ILE N 30 36.61 8.83 -6.44
N THR N 31 37.37 7.83 -6.86
CA THR N 31 38.70 8.06 -7.42
C THR N 31 38.65 9.08 -8.55
N THR N 32 39.55 10.06 -8.48
CA THR N 32 39.63 11.08 -9.50
C THR N 32 40.67 10.72 -10.56
N ILE N 33 41.30 9.54 -10.42
CA ILE N 33 42.38 9.14 -11.32
C ILE N 33 41.96 9.14 -12.78
N ALA N 34 42.83 9.66 -13.63
CA ALA N 34 42.52 9.86 -15.03
C ALA N 34 42.19 8.57 -15.77
N ASP N 35 41.19 8.66 -16.65
CA ASP N 35 40.82 7.56 -17.52
C ASP N 35 41.92 7.27 -18.54
N ALA N 45 39.60 -5.80 -22.99
CA ALA N 45 38.72 -5.08 -23.89
C ALA N 45 37.25 -5.29 -23.56
N GLN N 46 36.80 -6.54 -23.55
CA GLN N 46 35.41 -6.81 -23.20
C GLN N 46 35.11 -6.32 -21.79
N GLU N 47 35.94 -6.71 -20.83
CA GLU N 47 35.79 -6.27 -19.45
C GLU N 47 35.69 -4.75 -19.35
N ASN N 48 36.63 -4.04 -19.97
CA ASN N 48 36.67 -2.58 -19.97
C ASN N 48 35.38 -2.01 -20.56
N SER N 49 34.94 -2.61 -21.65
CA SER N 49 33.76 -2.14 -22.34
C SER N 49 32.48 -2.39 -21.55
N GLU N 50 32.39 -3.56 -20.92
CA GLU N 50 31.25 -3.91 -20.09
C GLU N 50 31.17 -3.08 -18.79
N LEU N 51 32.27 -3.04 -18.05
CA LEU N 51 32.29 -2.34 -16.76
C LEU N 51 32.21 -0.83 -16.92
N ALA N 52 32.81 -0.30 -17.98
CA ALA N 52 32.79 1.14 -18.24
C ALA N 52 33.10 1.92 -16.96
N VAL N 53 34.27 1.66 -16.39
CA VAL N 53 34.59 2.18 -15.05
C VAL N 53 34.68 3.71 -15.03
N ALA N 54 35.31 4.28 -16.06
CA ALA N 54 35.49 5.74 -16.11
C ALA N 54 34.14 6.45 -16.22
N THR N 55 33.29 5.95 -17.11
CA THR N 55 31.92 6.46 -17.25
C THR N 55 31.18 6.34 -15.92
N THR N 56 31.37 5.21 -15.26
CA THR N 56 30.69 4.93 -14.01
C THR N 56 31.05 5.93 -12.92
N SER N 57 32.33 6.30 -12.85
CA SER N 57 32.76 7.24 -11.83
C SER N 57 32.09 8.59 -12.03
N VAL N 58 31.96 9.04 -13.29
CA VAL N 58 31.25 10.29 -13.55
C VAL N 58 29.78 10.22 -13.13
N VAL N 61 29.54 10.43 -9.25
CA VAL N 61 29.71 11.80 -8.77
C VAL N 61 28.45 12.63 -9.05
N ASN N 62 27.91 12.53 -10.26
CA ASN N 62 26.66 13.24 -10.59
C ASN N 62 25.48 12.81 -9.74
N ASN N 63 25.43 11.52 -9.44
CA ASN N 63 24.42 11.01 -8.53
C ASN N 63 24.55 11.68 -7.14
N GLN N 64 25.78 11.82 -6.64
CA GLN N 64 26.02 12.49 -5.35
C GLN N 64 25.55 13.94 -5.42
N THR N 65 25.88 14.61 -6.52
CA THR N 65 25.48 16.01 -6.73
C THR N 65 23.97 16.22 -6.77
N GLN N 67 21.85 14.58 -5.16
CA GLN N 67 21.45 14.51 -3.75
C GLN N 67 21.91 15.72 -2.95
N LEU N 68 23.11 16.21 -3.21
CA LEU N 68 23.53 17.44 -2.56
C LEU N 68 22.51 18.54 -2.86
N ILE N 69 22.13 18.67 -4.12
CA ILE N 69 21.12 19.66 -4.53
C ILE N 69 19.79 19.46 -3.81
N LYS N 70 19.27 18.23 -3.84
CA LYS N 70 18.00 17.92 -3.19
C LYS N 70 18.03 18.35 -1.71
N ASN N 71 19.10 18.00 -1.02
CA ASN N 71 19.23 18.34 0.39
C ASN N 71 19.46 19.82 0.69
N VAL N 72 20.19 20.51 -0.17
CA VAL N 72 20.31 21.97 -0.04
C VAL N 72 18.94 22.64 -0.22
N GLN N 73 18.14 22.12 -1.15
CA GLN N 73 16.78 22.60 -1.34
CA GLN N 73 16.78 22.61 -1.34
C GLN N 73 16.00 22.47 -0.03
N ASP N 74 16.20 21.37 0.68
CA ASP N 74 15.53 21.15 1.96
C ASP N 74 15.90 22.24 2.97
N LEU N 75 17.19 22.60 3.02
CA LEU N 75 17.65 23.69 3.87
C LEU N 75 17.00 25.04 3.51
N LEU N 76 16.80 25.30 2.22
CA LEU N 76 16.16 26.53 1.79
CA LEU N 76 16.14 26.54 1.79
C LEU N 76 14.69 26.55 2.25
N ILE N 77 14.03 25.40 2.13
CA ILE N 77 12.66 25.24 2.59
C ILE N 77 12.57 25.51 4.09
N LEU N 78 13.51 24.94 4.84
CA LEU N 78 13.62 25.19 6.26
C LEU N 78 13.72 26.69 6.55
N THR N 79 14.56 27.37 5.77
CA THR N 79 14.85 28.79 5.98
C THR N 79 13.62 29.65 5.69
N ARG N 80 12.92 29.31 4.62
CA ARG N 80 11.70 30.03 4.26
C ARG N 80 10.65 29.86 5.35
N SER N 81 10.60 28.66 5.95
CA SER N 81 9.65 28.35 7.02
C SER N 81 9.90 29.18 8.27
N ILE N 82 11.17 29.41 8.58
CA ILE N 82 11.51 30.23 9.72
C ILE N 82 11.11 31.70 9.48
N LYS N 83 11.37 32.22 8.28
CA LYS N 83 10.93 33.56 7.92
C LYS N 83 9.42 33.74 8.10
N GLU N 84 8.64 32.76 7.65
CA GLU N 84 7.18 32.83 7.72
C GLU N 84 6.67 32.88 9.17
N LYS N 85 7.39 32.22 10.07
CA LYS N 85 7.04 32.30 11.50
C LYS N 85 7.20 33.72 12.06
N TRP N 86 8.25 34.42 11.63
CA TRP N 86 8.42 35.81 12.03
C TRP N 86 7.38 36.68 11.33
N LEU N 87 7.22 36.48 10.04
CA LEU N 87 6.29 37.28 9.26
C LEU N 87 4.86 37.19 9.79
N LEU N 88 4.45 35.99 10.20
CA LEU N 88 3.08 35.76 10.66
C LEU N 88 2.88 35.98 12.15
N ASN N 89 3.81 35.51 12.97
CA ASN N 89 3.54 35.43 14.40
C ASN N 89 4.13 36.55 15.26
N GLN N 90 4.60 37.61 14.60
CA GLN N 90 5.11 38.77 15.32
C GLN N 90 3.99 39.45 16.08
N ILE N 91 4.37 40.31 17.03
CA ILE N 91 3.41 41.12 17.76
C ILE N 91 3.58 42.59 17.38
N PRO N 92 2.56 43.15 16.70
CA PRO N 92 2.60 44.55 16.27
C PRO N 92 2.58 45.51 17.45
N GLY O 1 35.20 -8.23 -34.49
CA GLY O 1 33.88 -8.75 -34.77
C GLY O 1 32.82 -7.68 -34.64
N TYR O 2 31.63 -7.95 -35.17
CA TYR O 2 30.57 -6.96 -35.17
C TYR O 2 30.22 -6.55 -33.74
N ILE O 3 30.17 -7.53 -32.83
CA ILE O 3 29.84 -7.27 -31.43
C ILE O 3 30.78 -6.26 -30.80
N GLN O 4 32.06 -6.42 -31.09
CA GLN O 4 33.06 -5.46 -30.63
C GLN O 4 32.79 -4.07 -31.19
N GLU O 5 32.38 -4.00 -32.45
CA GLU O 5 32.01 -2.72 -33.05
C GLU O 5 30.81 -2.09 -32.36
N ARG O 6 29.81 -2.90 -32.04
CA ARG O 6 28.62 -2.42 -31.36
C ARG O 6 28.97 -1.86 -29.97
N LEU O 7 29.77 -2.62 -29.21
CA LEU O 7 30.21 -2.20 -27.88
C LEU O 7 30.98 -0.87 -27.91
N LYS O 8 31.81 -0.70 -28.94
CA LYS O 8 32.57 0.53 -29.11
C LYS O 8 31.69 1.75 -29.35
N SER O 9 30.71 1.58 -30.23
CA SER O 9 29.74 2.64 -30.46
C SER O 9 28.99 2.96 -29.17
N LEU O 10 28.63 1.91 -28.42
CA LEU O 10 27.89 2.13 -27.17
C LEU O 10 28.74 2.86 -26.12
N ASN O 11 30.03 2.51 -26.05
CA ASN O 11 30.94 3.19 -25.15
C ASN O 11 31.11 4.66 -25.58
N ASP O 12 31.06 4.88 -26.88
CA ASP O 12 31.11 6.23 -27.45
C ASP O 12 29.88 7.04 -26.98
N ILE O 13 28.72 6.42 -27.00
CA ILE O 13 27.51 7.04 -26.47
C ILE O 13 27.65 7.37 -25.00
N GLU O 14 28.25 6.46 -24.23
CA GLU O 14 28.48 6.73 -22.81
C GLU O 14 29.33 7.98 -22.59
N THR O 15 30.38 8.12 -23.38
CA THR O 15 31.22 9.32 -23.35
C THR O 15 30.41 10.59 -23.65
N GLN O 16 29.57 10.55 -24.69
CA GLN O 16 28.69 11.67 -25.02
C GLN O 16 27.75 12.07 -23.87
N LEU O 17 27.21 11.09 -23.16
CA LEU O 17 26.29 11.33 -22.05
C LEU O 17 27.01 11.96 -20.85
N CYS O 18 28.23 11.54 -20.61
CA CYS O 18 29.06 12.16 -19.56
C CYS O 18 29.37 13.62 -19.92
N SER O 19 29.60 13.89 -21.20
CA SER O 19 29.81 15.26 -21.66
C SER O 19 28.57 16.13 -21.41
N LEU O 21 26.36 15.68 -19.03
CA LEU O 21 26.36 15.93 -17.58
C LEU O 21 27.30 17.09 -17.24
N GLN O 22 28.48 17.08 -17.85
CA GLN O 22 29.44 18.16 -17.68
C GLN O 22 28.86 19.50 -18.13
N GLU O 23 28.21 19.50 -19.29
CA GLU O 23 27.54 20.69 -19.82
C GLU O 23 26.46 21.22 -18.86
N ALA O 24 25.64 20.32 -18.33
CA ALA O 24 24.57 20.68 -17.40
C ALA O 24 25.12 21.39 -16.15
N SER O 25 26.24 20.90 -15.64
CA SER O 25 26.78 21.52 -14.43
C SER O 25 27.40 22.90 -14.71
N GLN O 26 28.00 23.09 -15.88
CA GLN O 26 28.50 24.40 -16.28
C GLN O 26 27.34 25.41 -16.44
N VAL O 27 26.29 24.98 -17.11
CA VAL O 27 25.12 25.81 -17.28
C VAL O 27 24.61 26.29 -15.91
N THR O 28 24.58 25.38 -14.95
CA THR O 28 24.06 25.67 -13.62
C THR O 28 24.94 26.66 -12.86
N PHE O 29 26.24 26.39 -12.83
CA PHE O 29 27.20 27.31 -12.23
C PHE O 29 27.19 28.71 -12.87
N ILE O 30 27.14 28.76 -14.20
CA ILE O 30 27.12 30.05 -14.92
C ILE O 30 25.82 30.83 -14.65
N PHE O 31 24.69 30.13 -14.59
CA PHE O 31 23.45 30.79 -14.21
C PHE O 31 23.62 31.53 -12.88
N GLY O 32 24.21 30.84 -11.91
CA GLY O 32 24.43 31.45 -10.61
C GLY O 32 25.31 32.68 -10.67
N GLU O 33 26.30 32.67 -11.56
CA GLU O 33 27.19 33.83 -11.75
C GLU O 33 26.40 34.99 -12.32
N LEU O 34 25.59 34.71 -13.33
CA LEU O 34 24.76 35.72 -13.98
C LEU O 34 23.84 36.35 -12.95
N LYS O 35 23.20 35.51 -12.14
CA LYS O 35 22.22 35.98 -11.18
C LYS O 35 22.89 36.92 -10.17
N ARG O 36 24.17 36.70 -9.92
CA ARG O 36 24.92 37.50 -8.96
C ARG O 36 25.57 38.75 -9.56
N GLY O 37 25.30 39.01 -10.84
CA GLY O 37 25.77 40.22 -11.49
C GLY O 37 26.99 40.07 -12.38
N ASN O 38 27.47 38.85 -12.55
CA ASN O 38 28.57 38.62 -13.48
C ASN O 38 28.05 38.46 -14.92
N GLU O 39 27.78 39.58 -15.58
CA GLU O 39 27.29 39.57 -16.96
C GLU O 39 28.35 39.08 -17.96
N SER O 40 29.61 39.06 -17.54
CA SER O 40 30.69 38.73 -18.49
C SER O 40 30.60 37.30 -19.03
N VAL O 41 29.86 36.43 -18.33
CA VAL O 41 29.80 35.02 -18.75
C VAL O 41 28.55 34.65 -19.55
N LYS O 42 27.77 35.67 -19.92
CA LYS O 42 26.53 35.46 -20.67
C LYS O 42 26.76 34.68 -21.97
N PRO O 43 27.79 35.05 -22.76
CA PRO O 43 28.12 34.26 -23.95
C PRO O 43 28.38 32.77 -23.67
N GLN O 44 29.12 32.47 -22.61
CA GLN O 44 29.40 31.08 -22.27
C GLN O 44 28.12 30.32 -21.91
N PHE O 45 27.24 30.98 -21.17
CA PHE O 45 25.95 30.41 -20.81
C PHE O 45 25.19 29.94 -22.04
N GLU O 46 25.07 30.81 -23.04
CA GLU O 46 24.30 30.47 -24.23
C GLU O 46 24.97 29.37 -25.05
N ASN O 47 26.29 29.37 -25.11
CA ASN O 47 27.00 28.28 -25.79
C ASN O 47 26.80 26.92 -25.14
N HIS O 48 26.83 26.86 -23.82
CA HIS O 48 26.66 25.57 -23.15
C HIS O 48 25.23 25.04 -23.26
N VAL O 49 24.26 25.94 -23.21
CA VAL O 49 22.86 25.55 -23.38
C VAL O 49 22.68 24.93 -24.77
N LYS O 50 23.25 25.58 -25.78
CA LYS O 50 23.20 25.07 -27.15
C LYS O 50 23.91 23.72 -27.29
N GLN O 51 25.08 23.61 -26.69
CA GLN O 51 25.85 22.37 -26.77
C GLN O 51 25.14 21.21 -26.08
N PHE O 52 24.48 21.51 -24.98
CA PHE O 52 23.71 20.47 -24.32
C PHE O 52 22.64 19.92 -25.27
N TYR O 53 21.92 20.80 -25.97
CA TYR O 53 20.91 20.35 -26.93
C TYR O 53 21.53 19.55 -28.09
N GLU O 54 22.62 20.08 -28.64
CA GLU O 54 23.32 19.42 -29.74
C GLU O 54 23.76 18.00 -29.37
N ARG O 55 24.25 17.84 -28.15
CA ARG O 55 24.64 16.53 -27.64
C ARG O 55 23.45 15.60 -27.37
N LEU O 56 22.36 16.16 -26.82
CA LEU O 56 21.11 15.43 -26.65
C LEU O 56 20.66 14.82 -27.96
N ASP O 57 20.67 15.67 -29.00
CA ASP O 57 20.21 15.27 -30.32
C ASP O 57 21.07 14.15 -30.89
N LYS O 58 22.39 14.32 -30.83
CA LYS O 58 23.34 13.37 -31.40
C LYS O 58 23.32 12.03 -30.65
N SER O 59 23.32 12.09 -29.32
CA SER O 59 23.42 10.89 -28.52
C SER O 59 22.17 10.03 -28.64
N THR O 60 20.99 10.65 -28.63
CA THR O 60 19.74 9.91 -28.71
C THR O 60 19.51 9.37 -30.12
N THR O 61 19.97 10.12 -31.12
CA THR O 61 19.93 9.64 -32.50
C THR O 61 20.81 8.39 -32.65
N GLN O 62 21.99 8.42 -32.04
CA GLN O 62 22.89 7.27 -32.07
C GLN O 62 22.30 6.07 -31.35
N LEU O 63 21.72 6.31 -30.19
CA LEU O 63 21.06 5.26 -29.42
C LEU O 63 19.89 4.64 -30.18
N ARG O 64 19.11 5.47 -30.87
CA ARG O 64 18.00 4.95 -31.64
C ARG O 64 18.51 3.96 -32.70
N LYS O 65 19.64 4.31 -33.33
CA LYS O 65 20.26 3.43 -34.32
C LYS O 65 20.75 2.11 -33.71
N GLU O 66 21.30 2.17 -32.49
CA GLU O 66 21.74 0.94 -31.80
C GLU O 66 20.57 0.01 -31.50
N ILE O 67 19.44 0.59 -31.13
CA ILE O 67 18.23 -0.17 -30.90
C ILE O 67 17.79 -0.82 -32.20
N GLN O 68 17.82 -0.04 -33.27
CA GLN O 68 17.52 -0.58 -34.60
C GLN O 68 18.44 -1.76 -34.95
N LEU O 69 19.72 -1.63 -34.67
CA LEU O 69 20.67 -2.69 -35.04
C LEU O 69 20.46 -3.96 -34.21
N LEU O 70 20.08 -3.79 -32.95
CA LEU O 70 19.65 -4.90 -32.11
C LEU O 70 18.52 -5.62 -32.83
N ASP O 71 17.51 -4.84 -33.20
CA ASP O 71 16.30 -5.36 -33.82
C ASP O 71 16.56 -6.11 -35.12
N GLU O 72 17.53 -5.64 -35.91
CA GLU O 72 17.76 -6.20 -37.24
C GLU O 72 18.66 -7.44 -37.21
N ASN O 73 19.29 -7.69 -36.08
CA ASN O 73 20.20 -8.82 -35.94
C ASN O 73 19.64 -9.88 -35.02
N VAL O 74 18.42 -9.64 -34.53
CA VAL O 74 17.68 -10.61 -33.75
C VAL O 74 17.35 -11.82 -34.61
N GLY O 75 17.62 -13.01 -34.08
CA GLY O 75 17.34 -14.25 -34.78
C GLY O 75 18.31 -14.53 -35.90
N THR O 76 19.38 -13.74 -35.96
CA THR O 76 20.37 -13.89 -37.02
C THR O 76 21.78 -13.62 -36.48
N SER P 5 12.14 -6.30 -24.51
CA SER P 5 11.37 -5.76 -25.63
C SER P 5 12.11 -4.61 -26.29
N ASN P 6 12.36 -4.72 -27.59
CA ASN P 6 13.00 -3.64 -28.30
C ASN P 6 12.04 -2.47 -28.49
N GLN P 7 10.76 -2.76 -28.64
CA GLN P 7 9.74 -1.71 -28.69
C GLN P 7 9.76 -0.89 -27.40
N ALA P 8 9.95 -1.59 -26.27
CA ALA P 8 10.06 -0.93 -24.98
C ALA P 8 11.31 -0.04 -24.94
N LEU P 9 12.36 -0.44 -25.63
CA LEU P 9 13.59 0.35 -25.66
C LEU P 9 13.35 1.66 -26.42
N TYR P 10 12.76 1.57 -27.61
CA TYR P 10 12.42 2.77 -28.40
C TYR P 10 11.56 3.71 -27.58
N GLU P 11 10.59 3.14 -26.88
CA GLU P 11 9.62 3.95 -26.15
C GLU P 11 10.29 4.64 -24.98
N LYS P 12 11.17 3.92 -24.28
CA LYS P 12 11.92 4.51 -23.18
C LYS P 12 12.78 5.65 -23.70
N LEU P 13 13.41 5.44 -24.86
CA LEU P 13 14.23 6.48 -25.49
C LEU P 13 13.40 7.71 -25.86
N GLU P 14 12.23 7.49 -26.48
CA GLU P 14 11.39 8.62 -26.87
C GLU P 14 10.95 9.43 -25.65
N GLN P 15 10.55 8.74 -24.60
CA GLN P 15 10.07 9.40 -23.40
C GLN P 15 11.18 10.21 -22.75
N THR P 16 12.37 9.62 -22.66
CA THR P 16 13.50 10.27 -22.02
C THR P 16 13.97 11.49 -22.81
N ARG P 17 13.99 11.40 -24.13
CA ARG P 17 14.39 12.57 -24.92
C ARG P 17 13.37 13.70 -24.76
N THR P 18 12.09 13.31 -24.70
CA THR P 18 11.00 14.25 -24.46
C THR P 18 11.22 15.04 -23.15
N ILE P 19 11.45 14.31 -22.07
CA ILE P 19 11.62 14.93 -20.77
C ILE P 19 12.85 15.84 -20.76
N LEU P 20 13.96 15.39 -21.34
CA LEU P 20 15.17 16.22 -21.39
C LEU P 20 14.94 17.52 -22.18
N SER P 21 14.25 17.43 -23.31
CA SER P 21 13.90 18.64 -24.06
C SER P 21 13.04 19.61 -23.27
N VAL P 22 12.05 19.06 -22.57
CA VAL P 22 11.15 19.89 -21.79
C VAL P 22 11.89 20.57 -20.66
N LYS P 23 12.73 19.81 -19.96
CA LYS P 23 13.44 20.35 -18.81
C LYS P 23 14.44 21.42 -19.23
N LEU P 24 15.06 21.25 -20.41
CA LEU P 24 15.96 22.27 -20.94
C LEU P 24 15.17 23.52 -21.36
N ALA P 25 14.04 23.32 -22.04
CA ALA P 25 13.18 24.45 -22.40
C ALA P 25 12.75 25.25 -21.17
N GLU P 26 12.44 24.53 -20.09
CA GLU P 26 12.05 25.16 -18.82
C GLU P 26 13.21 25.98 -18.24
N LEU P 27 14.41 25.39 -18.25
CA LEU P 27 15.58 26.07 -17.75
C LEU P 27 15.84 27.37 -18.52
N ILE P 28 15.70 27.31 -19.83
CA ILE P 28 15.90 28.46 -20.70
C ILE P 28 14.94 29.60 -20.38
N ASN P 29 13.77 29.26 -19.84
CA ASN P 29 12.72 30.25 -19.55
C ASN P 29 12.88 30.93 -18.21
N ILE P 30 13.88 30.54 -17.44
CA ILE P 30 14.13 31.19 -16.16
C ILE P 30 14.96 32.44 -16.37
N THR P 31 14.46 33.57 -15.90
CA THR P 31 15.15 34.84 -16.17
C THR P 31 16.56 34.87 -15.60
N THR P 32 17.52 35.26 -16.44
CA THR P 32 18.91 35.38 -16.02
C THR P 32 19.24 36.80 -15.53
N ILE P 33 18.25 37.68 -15.46
CA ILE P 33 18.52 39.05 -15.04
C ILE P 33 19.16 39.12 -13.64
N ALA P 34 20.24 39.89 -13.52
CA ALA P 34 20.96 39.99 -12.25
C ALA P 34 20.04 40.49 -11.15
N ASP P 35 20.23 39.94 -9.96
CA ASP P 35 19.48 40.32 -8.77
C ASP P 35 19.46 41.86 -8.61
N ALA P 45 10.44 45.69 0.75
CA ALA P 45 11.48 45.17 1.65
C ALA P 45 11.02 43.89 2.33
N GLN P 46 9.89 43.94 3.03
CA GLN P 46 9.30 42.70 3.53
C GLN P 46 9.00 41.79 2.34
N GLU P 47 8.40 42.37 1.30
CA GLU P 47 8.02 41.57 0.15
C GLU P 47 9.25 40.95 -0.48
N ASN P 48 10.32 41.73 -0.59
CA ASN P 48 11.56 41.29 -1.21
C ASN P 48 12.16 40.15 -0.42
N SER P 49 12.11 40.29 0.90
CA SER P 49 12.62 39.26 1.79
C SER P 49 11.76 37.99 1.76
N GLU P 50 10.45 38.15 1.75
CA GLU P 50 9.59 36.97 1.76
C GLU P 50 9.61 36.22 0.42
N LEU P 51 9.55 36.95 -0.69
CA LEU P 51 9.53 36.29 -2.00
C LEU P 51 10.90 35.73 -2.39
N ALA P 52 11.98 36.41 -2.00
CA ALA P 52 13.33 35.94 -2.27
C ALA P 52 13.41 35.49 -3.72
N VAL P 53 13.11 36.40 -4.64
CA VAL P 53 13.00 36.08 -6.06
C VAL P 53 14.31 35.57 -6.66
N ALA P 54 15.43 36.23 -6.34
CA ALA P 54 16.72 35.82 -6.89
C ALA P 54 17.13 34.41 -6.44
N THR P 55 17.02 34.17 -5.14
CA THR P 55 17.31 32.86 -4.55
C THR P 55 16.43 31.79 -5.18
N THR P 56 15.17 32.14 -5.41
CA THR P 56 14.21 31.24 -6.00
C THR P 56 14.63 30.84 -7.41
N SER P 57 15.14 31.79 -8.20
CA SER P 57 15.53 31.44 -9.57
C SER P 57 16.69 30.43 -9.57
N VAL P 58 17.63 30.61 -8.65
CA VAL P 58 18.73 29.68 -8.51
C VAL P 58 18.24 28.28 -8.14
N VAL P 61 16.63 26.64 -11.23
CA VAL P 61 17.59 26.17 -12.22
C VAL P 61 18.29 24.90 -11.72
N ASN P 62 18.65 24.87 -10.43
CA ASN P 62 19.23 23.66 -9.84
C ASN P 62 18.26 22.47 -9.85
N ASN P 63 16.99 22.74 -9.65
CA ASN P 63 15.96 21.71 -9.75
C ASN P 63 15.81 21.16 -11.18
N GLN P 64 15.90 22.02 -12.18
CA GLN P 64 15.96 21.54 -13.56
C GLN P 64 17.20 20.63 -13.77
N THR P 65 18.33 21.04 -13.21
CA THR P 65 19.59 20.31 -13.40
C THR P 65 19.55 18.94 -12.74
N GLN P 67 17.00 17.22 -12.53
CA GLN P 67 16.19 16.42 -13.47
C GLN P 67 16.92 16.07 -14.77
N LEU P 68 17.76 16.97 -15.25
CA LEU P 68 18.62 16.65 -16.39
C LEU P 68 19.56 15.49 -16.05
N ILE P 69 20.21 15.58 -14.89
CA ILE P 69 21.05 14.48 -14.43
C ILE P 69 20.27 13.18 -14.35
N LYS P 70 19.09 13.22 -13.74
CA LYS P 70 18.30 12.01 -13.55
C LYS P 70 17.98 11.37 -14.90
N ASN P 71 17.60 12.18 -15.88
CA ASN P 71 17.20 11.65 -17.16
C ASN P 71 18.40 11.24 -18.06
N VAL P 72 19.51 11.97 -17.98
CA VAL P 72 20.72 11.50 -18.65
C VAL P 72 21.11 10.13 -18.09
N GLN P 73 20.96 9.96 -16.77
CA GLN P 73 21.23 8.68 -16.13
CA GLN P 73 21.25 8.68 -16.16
C GLN P 73 20.30 7.58 -16.69
N ASP P 74 19.07 7.94 -17.05
CA ASP P 74 18.18 6.97 -17.69
C ASP P 74 18.68 6.56 -19.08
N LEU P 75 19.34 7.48 -19.79
CA LEU P 75 19.91 7.16 -21.10
C LEU P 75 21.10 6.21 -20.95
N LEU P 76 21.86 6.37 -19.88
CA LEU P 76 23.00 5.49 -19.62
C LEU P 76 22.53 4.09 -19.25
N ILE P 77 21.45 4.00 -18.49
CA ILE P 77 20.87 2.71 -18.16
C ILE P 77 20.38 2.01 -19.45
N LEU P 78 19.77 2.76 -20.35
CA LEU P 78 19.34 2.20 -21.63
C LEU P 78 20.54 1.69 -22.43
N THR P 79 21.62 2.47 -22.47
CA THR P 79 22.84 2.10 -23.18
C THR P 79 23.43 0.80 -22.63
N ARG P 80 23.40 0.71 -21.31
CA ARG P 80 23.87 -0.44 -20.56
C ARG P 80 23.07 -1.69 -20.93
N SER P 81 21.74 -1.53 -21.02
CA SER P 81 20.89 -2.65 -21.37
C SER P 81 21.24 -3.20 -22.75
N ILE P 82 21.51 -2.30 -23.69
CA ILE P 82 21.84 -2.71 -25.05
C ILE P 82 23.16 -3.47 -25.07
N LYS P 83 24.15 -2.99 -24.32
CA LYS P 83 25.45 -3.66 -24.25
C LYS P 83 25.27 -5.09 -23.76
N GLU P 84 24.48 -5.24 -22.70
CA GLU P 84 24.30 -6.53 -22.08
C GLU P 84 23.60 -7.50 -23.03
N LYS P 85 22.67 -7.00 -23.84
CA LYS P 85 21.97 -7.87 -24.79
C LYS P 85 22.96 -8.46 -25.79
N TRP P 86 23.92 -7.67 -26.24
CA TRP P 86 24.98 -8.19 -27.12
C TRP P 86 25.90 -9.16 -26.37
N LEU P 87 26.29 -8.81 -25.15
CA LEU P 87 27.23 -9.64 -24.40
C LEU P 87 26.66 -11.02 -24.05
N LEU P 88 25.37 -11.08 -23.75
CA LEU P 88 24.75 -12.34 -23.33
C LEU P 88 24.33 -13.21 -24.51
N ASN P 89 24.58 -12.75 -25.72
CA ASN P 89 24.15 -13.51 -26.89
C ASN P 89 25.30 -13.76 -27.86
N GLN P 90 26.52 -13.73 -27.36
CA GLN P 90 27.69 -14.02 -28.18
C GLN P 90 27.73 -15.49 -28.59
N GLY Q 1 -23.69 40.98 17.69
CA GLY Q 1 -22.96 40.30 18.76
C GLY Q 1 -21.57 39.89 18.30
N TYR Q 2 -20.75 39.45 19.25
CA TYR Q 2 -19.35 39.12 18.98
C TYR Q 2 -19.21 37.96 18.00
N ILE Q 3 -19.98 36.90 18.21
CA ILE Q 3 -19.93 35.74 17.33
C ILE Q 3 -20.23 36.18 15.91
N GLN Q 4 -21.28 37.00 15.77
CA GLN Q 4 -21.64 37.57 14.48
C GLN Q 4 -20.50 38.41 13.87
N GLU Q 5 -19.78 39.14 14.72
CA GLU Q 5 -18.62 39.89 14.25
C GLU Q 5 -17.52 38.95 13.72
N ARG Q 6 -17.30 37.85 14.42
CA ARG Q 6 -16.29 36.88 13.99
C ARG Q 6 -16.69 36.29 12.63
N LEU Q 7 -17.94 35.85 12.52
CA LEU Q 7 -18.43 35.27 11.27
C LEU Q 7 -18.35 36.25 10.10
N LYS Q 8 -18.67 37.51 10.38
CA LYS Q 8 -18.55 38.58 9.39
C LYS Q 8 -17.10 38.77 8.93
N SER Q 9 -16.16 38.78 9.88
CA SER Q 9 -14.75 38.92 9.59
C SER Q 9 -14.28 37.77 8.69
N LEU Q 10 -14.69 36.56 9.05
CA LEU Q 10 -14.33 35.37 8.27
C LEU Q 10 -14.93 35.40 6.85
N ASN Q 11 -16.17 35.86 6.73
CA ASN Q 11 -16.79 36.01 5.42
C ASN Q 11 -16.03 37.02 4.56
N ASP Q 12 -15.55 38.09 5.20
CA ASP Q 12 -14.71 39.07 4.52
C ASP Q 12 -13.41 38.45 4.02
N ILE Q 13 -12.80 37.59 4.83
CA ILE Q 13 -11.61 36.86 4.41
C ILE Q 13 -11.92 36.02 3.18
N GLU Q 14 -13.07 35.35 3.19
CA GLU Q 14 -13.46 34.56 2.01
C GLU Q 14 -13.55 35.45 0.78
N THR Q 15 -14.08 36.65 0.95
CA THR Q 15 -14.13 37.62 -0.14
C THR Q 15 -12.74 37.96 -0.70
N GLN Q 16 -11.81 38.23 0.21
CA GLN Q 16 -10.44 38.52 -0.18
C GLN Q 16 -9.78 37.37 -0.95
N LEU Q 17 -10.01 36.15 -0.48
CA LEU Q 17 -9.44 34.98 -1.13
C LEU Q 17 -10.02 34.76 -2.54
N CYS Q 18 -11.30 35.04 -2.73
CA CYS Q 18 -11.89 34.99 -4.06
C CYS Q 18 -11.26 36.05 -4.97
N SER Q 19 -10.93 37.22 -4.43
CA SER Q 19 -10.24 38.23 -5.18
C SER Q 19 -8.86 37.73 -5.59
N LEU Q 21 -8.02 34.66 -6.19
CA LEU Q 21 -8.23 33.78 -7.34
C LEU Q 21 -8.38 34.57 -8.65
N GLN Q 22 -9.19 35.65 -8.62
CA GLN Q 22 -9.35 36.55 -9.77
C GLN Q 22 -8.02 37.06 -10.27
N GLU Q 23 -7.18 37.53 -9.35
CA GLU Q 23 -5.85 38.03 -9.68
C GLU Q 23 -4.99 36.94 -10.34
N ALA Q 24 -5.06 35.72 -9.82
CA ALA Q 24 -4.25 34.63 -10.40
C ALA Q 24 -4.62 34.39 -11.86
N SER Q 25 -5.90 34.44 -12.17
CA SER Q 25 -6.33 34.17 -13.53
C SER Q 25 -5.98 35.35 -14.43
N GLN Q 26 -6.06 36.57 -13.88
CA GLN Q 26 -5.64 37.76 -14.64
C GLN Q 26 -4.15 37.73 -14.96
N VAL Q 27 -3.31 37.44 -13.97
CA VAL Q 27 -1.87 37.31 -14.19
C VAL Q 27 -1.62 36.31 -15.33
N THR Q 28 -2.34 35.20 -15.29
CA THR Q 28 -2.17 34.14 -16.28
C THR Q 28 -2.52 34.57 -17.69
N PHE Q 29 -3.70 35.17 -17.84
CA PHE Q 29 -4.16 35.64 -19.15
C PHE Q 29 -3.23 36.74 -19.69
N ILE Q 30 -2.86 37.68 -18.83
CA ILE Q 30 -1.96 38.75 -19.24
C ILE Q 30 -0.59 38.23 -19.65
N PHE Q 31 -0.05 37.27 -18.89
CA PHE Q 31 1.21 36.66 -19.31
C PHE Q 31 1.12 36.15 -20.75
N GLY Q 32 0.00 35.49 -21.08
CA GLY Q 32 -0.19 34.99 -22.43
C GLY Q 32 -0.14 36.12 -23.47
N GLU Q 33 -0.75 37.25 -23.12
CA GLU Q 33 -0.69 38.45 -23.97
C GLU Q 33 0.74 38.95 -24.17
N LEU Q 34 1.51 39.03 -23.08
CA LEU Q 34 2.91 39.45 -23.15
C LEU Q 34 3.73 38.54 -24.04
N LYS Q 35 3.55 37.23 -23.86
CA LYS Q 35 4.33 36.25 -24.61
C LYS Q 35 4.04 36.36 -26.10
N ARG Q 36 2.83 36.81 -26.44
CA ARG Q 36 2.43 36.89 -27.84
C ARG Q 36 2.78 38.23 -28.48
N GLY Q 37 3.44 39.10 -27.73
CA GLY Q 37 4.01 40.31 -28.31
C GLY Q 37 3.36 41.61 -27.85
N ASN Q 38 2.29 41.52 -27.06
CA ASN Q 38 1.61 42.72 -26.60
C ASN Q 38 2.28 43.29 -25.35
N GLU Q 39 3.37 44.01 -25.55
CA GLU Q 39 4.15 44.50 -24.42
C GLU Q 39 3.46 45.63 -23.64
N SER Q 40 2.41 46.18 -24.23
CA SER Q 40 1.69 47.29 -23.60
C SER Q 40 0.94 46.90 -22.32
N VAL Q 41 0.76 45.61 -22.06
CA VAL Q 41 0.04 45.20 -20.84
C VAL Q 41 1.00 44.86 -19.71
N LYS Q 42 2.29 45.10 -19.94
CA LYS Q 42 3.30 44.79 -18.94
C LYS Q 42 3.02 45.44 -17.58
N PRO Q 43 2.65 46.73 -17.56
CA PRO Q 43 2.39 47.36 -16.26
C PRO Q 43 1.21 46.70 -15.54
N GLN Q 44 0.17 46.34 -16.28
CA GLN Q 44 -0.96 45.66 -15.65
C GLN Q 44 -0.52 44.31 -15.04
N PHE Q 45 0.36 43.62 -15.74
CA PHE Q 45 0.89 42.35 -15.26
C PHE Q 45 1.61 42.55 -13.92
N GLU Q 46 2.50 43.54 -13.90
CA GLU Q 46 3.24 43.86 -12.69
C GLU Q 46 2.32 44.27 -11.55
N ASN Q 47 1.30 45.06 -11.87
CA ASN Q 47 0.34 45.50 -10.86
C ASN Q 47 -0.46 44.33 -10.25
N HIS Q 48 -0.90 43.41 -11.09
CA HIS Q 48 -1.64 42.27 -10.56
C HIS Q 48 -0.76 41.32 -9.73
N VAL Q 49 0.48 41.13 -10.15
CA VAL Q 49 1.40 40.34 -9.35
C VAL Q 49 1.56 40.96 -7.97
N LYS Q 50 1.75 42.27 -7.94
CA LYS Q 50 1.88 42.99 -6.68
C LYS Q 50 0.63 42.88 -5.80
N GLN Q 51 -0.54 43.01 -6.41
CA GLN Q 51 -1.79 42.92 -5.65
C GLN Q 51 -2.01 41.53 -5.09
N PHE Q 52 -1.64 40.51 -5.85
CA PHE Q 52 -1.73 39.15 -5.33
C PHE Q 52 -0.92 39.06 -4.03
N TYR Q 53 0.30 39.58 -4.04
CA TYR Q 53 1.12 39.54 -2.83
C TYR Q 53 0.50 40.34 -1.68
N GLU Q 54 0.01 41.54 -1.97
CA GLU Q 54 -0.59 42.38 -0.92
C GLU Q 54 -1.82 41.71 -0.32
N ARG Q 55 -2.62 41.07 -1.17
CA ARG Q 55 -3.79 40.33 -0.69
C ARG Q 55 -3.40 39.08 0.11
N LEU Q 56 -2.30 38.44 -0.30
CA LEU Q 56 -1.80 37.29 0.43
C LEU Q 56 -1.41 37.72 1.85
N ASP Q 57 -0.72 38.85 1.94
CA ASP Q 57 -0.24 39.34 3.21
C ASP Q 57 -1.39 39.75 4.14
N LYS Q 58 -2.31 40.54 3.61
CA LYS Q 58 -3.47 40.99 4.37
C LYS Q 58 -4.40 39.83 4.79
N SER Q 59 -4.72 38.94 3.87
CA SER Q 59 -5.64 37.85 4.22
C SER Q 59 -5.05 36.88 5.25
N THR Q 60 -3.77 36.54 5.12
CA THR Q 60 -3.18 35.56 6.03
C THR Q 60 -2.97 36.18 7.42
N THR Q 61 -2.67 37.46 7.43
CA THR Q 61 -2.52 38.20 8.69
C THR Q 61 -3.85 38.24 9.45
N GLN Q 62 -4.93 38.51 8.73
CA GLN Q 62 -6.25 38.53 9.33
C GLN Q 62 -6.62 37.14 9.83
N LEU Q 63 -6.27 36.12 9.05
CA LEU Q 63 -6.56 34.75 9.45
C LEU Q 63 -5.81 34.39 10.73
N ARG Q 64 -4.58 34.86 10.85
CA ARG Q 64 -3.79 34.56 12.03
C ARG Q 64 -4.41 35.20 13.27
N LYS Q 65 -4.89 36.42 13.11
CA LYS Q 65 -5.64 37.10 14.17
C LYS Q 65 -6.90 36.33 14.54
N GLU Q 66 -7.63 35.83 13.55
CA GLU Q 66 -8.84 35.04 13.85
C GLU Q 66 -8.51 33.78 14.64
N ILE Q 67 -7.41 33.11 14.32
CA ILE Q 67 -7.00 31.92 15.08
C ILE Q 67 -6.66 32.29 16.53
N GLN Q 68 -6.00 33.42 16.70
CA GLN Q 68 -5.66 33.95 18.01
C GLN Q 68 -6.92 34.25 18.83
N LEU Q 69 -7.95 34.79 18.17
CA LEU Q 69 -9.22 35.07 18.85
C LEU Q 69 -9.96 33.78 19.23
N LEU Q 70 -9.84 32.75 18.41
CA LEU Q 70 -10.29 31.41 18.81
C LEU Q 70 -9.67 31.05 20.15
N ASP Q 71 -8.34 31.03 20.20
CA ASP Q 71 -7.61 30.68 21.41
C ASP Q 71 -8.04 31.49 22.62
N GLU Q 72 -8.08 32.80 22.45
CA GLU Q 72 -8.38 33.72 23.54
C GLU Q 72 -9.80 33.60 24.06
N ASN Q 73 -10.69 33.10 23.22
CA ASN Q 73 -12.11 33.08 23.57
C ASN Q 73 -12.54 31.78 24.23
N VAL Q 74 -11.60 30.84 24.37
CA VAL Q 74 -11.88 29.58 25.04
C VAL Q 74 -12.21 29.83 26.51
N GLY Q 75 -13.29 29.23 26.98
CA GLY Q 75 -13.74 29.41 28.35
C GLY Q 75 -14.45 30.73 28.58
N THR Q 76 -14.50 31.54 27.52
CA THR Q 76 -15.19 32.83 27.60
C THR Q 76 -16.41 32.90 26.69
N ARG Q 77 -16.21 32.66 25.39
CA ARG Q 77 -17.32 32.64 24.45
C ARG Q 77 -17.40 31.31 23.72
N LEU Q 78 -16.40 30.46 23.96
CA LEU Q 78 -16.33 29.16 23.31
C LEU Q 78 -16.17 28.09 24.38
N LEU Q 79 -16.80 26.94 24.18
CA LEU Q 79 -16.61 25.80 25.05
C LEU Q 79 -15.19 25.25 24.83
N PRO Q 80 -14.68 24.44 25.78
CA PRO Q 80 -15.31 23.94 27.01
C PRO Q 80 -15.70 25.05 27.98
N SER R 5 -4.72 21.74 20.78
CA SER R 5 -5.04 23.16 20.69
C SER R 5 -5.19 23.63 19.24
N ASN R 6 -5.16 24.94 19.06
CA ASN R 6 -5.29 25.52 17.73
C ASN R 6 -3.93 25.67 17.02
N GLN R 7 -2.91 25.06 17.60
CA GLN R 7 -1.56 25.11 17.03
C GLN R 7 -1.55 24.57 15.60
N ALA R 8 -2.41 23.60 15.34
CA ALA R 8 -2.48 22.96 14.03
C ALA R 8 -3.00 23.96 12.99
N LEU R 9 -3.89 24.84 13.43
CA LEU R 9 -4.40 25.88 12.54
C LEU R 9 -3.29 26.86 12.18
N TYR R 10 -2.51 27.29 13.18
CA TYR R 10 -1.41 28.21 12.95
C TYR R 10 -0.40 27.63 11.97
N GLU R 11 -0.13 26.34 12.12
CA GLU R 11 0.89 25.68 11.31
C GLU R 11 0.43 25.48 9.87
N LYS R 12 -0.85 25.15 9.68
CA LYS R 12 -1.40 25.06 8.32
C LYS R 12 -1.28 26.41 7.63
N LEU R 13 -1.57 27.48 8.36
CA LEU R 13 -1.54 28.84 7.82
C LEU R 13 -0.11 29.22 7.39
N GLU R 14 0.87 28.96 8.26
CA GLU R 14 2.28 29.23 7.94
C GLU R 14 2.74 28.49 6.70
N GLN R 15 2.42 27.21 6.65
CA GLN R 15 2.80 26.35 5.56
C GLN R 15 2.17 26.81 4.24
N THR R 16 0.89 27.17 4.29
CA THR R 16 0.18 27.64 3.10
C THR R 16 0.71 28.99 2.63
N ARG R 17 0.96 29.92 3.54
CA ARG R 17 1.57 31.17 3.14
C ARG R 17 2.97 30.96 2.53
N THR R 18 3.74 30.04 3.12
CA THR R 18 5.07 29.70 2.62
C THR R 18 4.97 29.25 1.17
N ILE R 19 4.14 28.25 0.92
CA ILE R 19 3.96 27.72 -0.45
C ILE R 19 3.48 28.79 -1.42
N LEU R 20 2.49 29.58 -1.01
CA LEU R 20 1.99 30.64 -1.88
C LEU R 20 3.07 31.64 -2.28
N SER R 21 3.90 32.05 -1.32
CA SER R 21 4.98 32.98 -1.61
C SER R 21 6.03 32.34 -2.53
N VAL R 22 6.32 31.06 -2.32
CA VAL R 22 7.23 30.36 -3.22
C VAL R 22 6.69 30.25 -4.67
N LYS R 23 5.42 29.89 -4.81
CA LYS R 23 4.82 29.74 -6.15
C LYS R 23 4.71 31.07 -6.88
N LEU R 24 4.48 32.14 -6.14
CA LEU R 24 4.46 33.47 -6.75
C LEU R 24 5.86 33.87 -7.20
N ALA R 25 6.84 33.63 -6.34
CA ALA R 25 8.24 33.94 -6.67
C ALA R 25 8.70 33.19 -7.92
N GLU R 26 8.27 31.94 -8.05
CA GLU R 26 8.63 31.16 -9.24
C GLU R 26 7.97 31.74 -10.50
N LEU R 27 6.69 32.09 -10.39
CA LEU R 27 5.96 32.72 -11.49
C LEU R 27 6.69 34.00 -11.94
N ILE R 28 7.13 34.80 -10.98
CA ILE R 28 7.84 36.05 -11.29
C ILE R 28 9.16 35.79 -12.05
N ASN R 29 9.75 34.62 -11.85
CA ASN R 29 11.00 34.27 -12.50
C ASN R 29 10.86 33.72 -13.93
N ILE R 30 9.63 33.56 -14.40
CA ILE R 30 9.46 33.06 -15.77
C ILE R 30 9.52 34.21 -16.76
N THR R 31 10.43 34.14 -17.72
CA THR R 31 10.67 35.30 -18.59
C THR R 31 9.41 35.69 -19.38
N THR R 32 9.12 36.99 -19.41
CA THR R 32 7.94 37.50 -20.11
C THR R 32 8.24 37.95 -21.55
N ILE R 33 9.51 37.89 -21.94
CA ILE R 33 9.94 38.31 -23.28
C ILE R 33 9.20 37.55 -24.37
N ALA R 34 8.67 38.29 -25.34
CA ALA R 34 7.95 37.69 -26.45
C ALA R 34 8.89 36.85 -27.31
N ASP R 35 8.41 35.73 -27.83
CA ASP R 35 9.22 34.92 -28.74
C ASP R 35 9.33 35.59 -30.11
N ALA R 45 15.79 25.49 -36.49
CA ALA R 45 14.44 25.08 -36.86
C ALA R 45 14.00 23.85 -36.07
N GLN R 46 14.79 22.78 -36.13
CA GLN R 46 14.47 21.58 -35.35
C GLN R 46 14.57 21.86 -33.86
N GLU R 47 15.67 22.47 -33.44
CA GLU R 47 15.88 22.79 -32.03
C GLU R 47 14.69 23.58 -31.53
N ASN R 48 14.37 24.66 -32.26
CA ASN R 48 13.25 25.52 -31.94
C ASN R 48 11.94 24.76 -31.81
N SER R 49 11.67 23.87 -32.75
CA SER R 49 10.39 23.17 -32.76
C SER R 49 10.32 22.10 -31.66
N GLU R 50 11.44 21.45 -31.40
CA GLU R 50 11.50 20.45 -30.33
C GLU R 50 11.40 21.11 -28.96
N LEU R 51 12.18 22.17 -28.74
CA LEU R 51 12.18 22.86 -27.45
C LEU R 51 10.89 23.64 -27.18
N ALA R 52 10.31 24.25 -28.23
CA ALA R 52 9.08 25.03 -28.07
C ALA R 52 9.13 25.89 -26.80
N VAL R 53 10.12 26.76 -26.73
CA VAL R 53 10.39 27.59 -25.57
C VAL R 53 9.21 28.49 -25.20
N ALA R 54 8.60 29.14 -26.19
CA ALA R 54 7.48 30.05 -25.93
C ALA R 54 6.26 29.34 -25.31
N THR R 55 5.86 28.26 -25.96
CA THR R 55 4.81 27.36 -25.47
C THR R 55 5.10 26.89 -24.05
N THR R 56 6.35 26.48 -23.83
CA THR R 56 6.74 25.98 -22.52
C THR R 56 6.58 27.05 -21.42
N SER R 57 6.93 28.30 -21.72
CA SER R 57 6.76 29.36 -20.72
C SER R 57 5.28 29.49 -20.35
N VAL R 58 4.39 29.36 -21.33
CA VAL R 58 2.96 29.50 -21.06
C VAL R 58 2.47 28.38 -20.16
N VAL R 61 3.70 28.90 -16.51
CA VAL R 61 2.96 29.90 -15.77
C VAL R 61 1.60 29.34 -15.36
N ASN R 62 0.97 28.58 -16.25
CA ASN R 62 -0.31 27.96 -15.92
C ASN R 62 -0.18 26.90 -14.85
N ASN R 63 0.96 26.22 -14.84
CA ASN R 63 1.24 25.27 -13.78
C ASN R 63 1.36 26.00 -12.44
N GLN R 64 2.01 27.15 -12.45
CA GLN R 64 2.12 27.94 -11.22
C GLN R 64 0.74 28.35 -10.74
N THR R 65 -0.10 28.78 -11.68
CA THR R 65 -1.49 29.15 -11.41
C THR R 65 -2.33 28.04 -10.79
N GLN R 67 -1.28 25.76 -8.98
CA GLN R 67 -0.83 25.65 -7.61
CA GLN R 67 -0.83 25.66 -7.59
C GLN R 67 -1.27 26.83 -6.73
N LEU R 68 -1.30 28.03 -7.31
CA LEU R 68 -1.79 29.18 -6.57
C LEU R 68 -3.26 28.94 -6.19
N ILE R 69 -4.04 28.38 -7.13
CA ILE R 69 -5.44 28.10 -6.87
C ILE R 69 -5.58 27.05 -5.77
N LYS R 70 -4.86 25.93 -5.91
CA LYS R 70 -4.89 24.87 -4.92
C LYS R 70 -4.63 25.40 -3.52
N ASN R 71 -3.62 26.25 -3.39
CA ASN R 71 -3.22 26.73 -2.07
C ASN R 71 -4.15 27.84 -1.53
N VAL R 72 -4.68 28.68 -2.41
CA VAL R 72 -5.66 29.67 -1.96
C VAL R 72 -6.91 28.92 -1.48
N GLN R 73 -7.17 27.78 -2.09
CA GLN R 73 -8.28 26.94 -1.65
CA GLN R 73 -8.24 26.88 -1.68
C GLN R 73 -7.99 26.37 -0.27
N ASP R 74 -6.73 26.01 0.01
CA ASP R 74 -6.37 25.57 1.36
C ASP R 74 -6.67 26.68 2.41
N LEU R 75 -6.50 27.95 2.03
CA LEU R 75 -6.84 29.05 2.94
C LEU R 75 -8.36 29.14 3.18
N LEU R 76 -9.15 28.93 2.14
CA LEU R 76 -10.61 28.91 2.29
CA LEU R 76 -10.61 28.89 2.28
C LEU R 76 -11.05 27.77 3.20
N ILE R 77 -10.42 26.60 3.06
CA ILE R 77 -10.71 25.47 3.93
C ILE R 77 -10.35 25.80 5.39
N LEU R 78 -9.22 26.47 5.61
CA LEU R 78 -8.87 26.85 6.98
C LEU R 78 -9.93 27.84 7.53
N THR R 79 -10.29 28.82 6.71
CA THR R 79 -11.30 29.81 7.06
C THR R 79 -12.63 29.17 7.45
N ARG R 80 -13.09 28.20 6.66
CA ARG R 80 -14.35 27.54 7.00
C ARG R 80 -14.22 26.69 8.26
N SER R 81 -13.03 26.15 8.51
CA SER R 81 -12.80 25.41 9.74
C SER R 81 -12.97 26.32 10.97
N ILE R 82 -12.44 27.53 10.89
CA ILE R 82 -12.58 28.49 11.97
C ILE R 82 -14.03 28.89 12.18
N LYS R 83 -14.77 29.11 11.09
CA LYS R 83 -16.21 29.43 11.20
C LYS R 83 -16.96 28.34 11.95
N GLU R 84 -16.66 27.08 11.64
CA GLU R 84 -17.39 25.97 12.24
C GLU R 84 -17.10 25.84 13.73
N LYS R 85 -15.88 26.16 14.14
CA LYS R 85 -15.56 26.17 15.56
C LYS R 85 -16.45 27.17 16.31
N TRP R 86 -16.63 28.36 15.73
CA TRP R 86 -17.56 29.31 16.32
C TRP R 86 -18.99 28.78 16.32
N LEU R 87 -19.43 28.29 15.17
CA LEU R 87 -20.81 27.86 15.00
C LEU R 87 -21.18 26.73 15.95
N LEU R 88 -20.25 25.83 16.21
CA LEU R 88 -20.56 24.60 16.94
C LEU R 88 -20.17 24.66 18.41
N ASN R 89 -19.23 25.55 18.76
CA ASN R 89 -18.71 25.58 20.12
C ASN R 89 -19.00 26.86 20.90
N GLN R 90 -19.78 27.75 20.30
CA GLN R 90 -20.13 29.01 20.95
C GLN R 90 -20.91 28.76 22.22
N ILE R 91 -20.62 29.53 23.26
CA ILE R 91 -21.42 29.50 24.49
C ILE R 91 -22.70 30.30 24.26
N PRO R 92 -23.87 29.63 24.30
CA PRO R 92 -25.14 30.32 24.05
C PRO R 92 -25.31 31.53 24.98
N GLY S 1 9.77 20.11 -46.63
CA GLY S 1 9.71 18.67 -46.45
C GLY S 1 8.47 18.21 -45.71
N TYR S 2 8.17 16.93 -45.82
CA TYR S 2 7.01 16.36 -45.15
C TYR S 2 7.16 16.38 -43.63
N ILE S 3 8.39 16.13 -43.15
CA ILE S 3 8.64 16.11 -41.71
C ILE S 3 8.47 17.52 -41.13
N GLN S 4 8.98 18.52 -41.84
CA GLN S 4 8.80 19.90 -41.44
C GLN S 4 7.32 20.29 -41.40
N GLU S 5 6.53 19.74 -42.32
CA GLU S 5 5.09 20.02 -42.32
C GLU S 5 4.42 19.41 -41.09
N ARG S 6 4.83 18.21 -40.70
CA ARG S 6 4.32 17.59 -39.48
C ARG S 6 4.68 18.45 -38.27
N LEU S 7 5.95 18.82 -38.15
CA LEU S 7 6.39 19.65 -37.03
C LEU S 7 5.63 20.97 -36.98
N LYS S 8 5.42 21.58 -38.14
CA LYS S 8 4.67 22.83 -38.22
C LYS S 8 3.22 22.66 -37.75
N SER S 9 2.58 21.59 -38.20
CA SER S 9 1.22 21.28 -37.79
C SER S 9 1.17 21.09 -36.27
N LEU S 10 2.17 20.39 -35.73
CA LEU S 10 2.26 20.16 -34.30
C LEU S 10 2.51 21.47 -33.53
N ASN S 11 3.32 22.36 -34.09
CA ASN S 11 3.52 23.69 -33.48
C ASN S 11 2.21 24.48 -33.43
N ASP S 12 1.41 24.37 -34.49
CA ASP S 12 0.16 25.09 -34.56
C ASP S 12 -0.83 24.53 -33.52
N ILE S 13 -0.78 23.23 -33.29
CA ILE S 13 -1.58 22.63 -32.24
C ILE S 13 -1.19 23.19 -30.88
N GLU S 14 0.11 23.32 -30.64
CA GLU S 14 0.56 23.90 -29.38
C GLU S 14 0.02 25.31 -29.18
N THR S 15 -0.06 26.06 -30.27
CA THR S 15 -0.60 27.42 -30.24
C THR S 15 -2.08 27.40 -29.84
N GLN S 16 -2.84 26.48 -30.44
CA GLN S 16 -4.24 26.30 -30.10
C GLN S 16 -4.42 25.93 -28.63
N LEU S 17 -3.51 25.12 -28.11
CA LEU S 17 -3.58 24.69 -26.73
C LEU S 17 -3.30 25.85 -25.78
N CYS S 18 -2.35 26.72 -26.15
CA CYS S 18 -2.08 27.88 -25.30
C CYS S 18 -3.27 28.84 -25.35
N SER S 19 -3.91 28.95 -26.50
CA SER S 19 -5.13 29.75 -26.63
C SER S 19 -6.25 29.23 -25.72
N LEU S 21 -5.75 27.64 -22.87
CA LEU S 21 -5.35 28.03 -21.52
C LEU S 21 -5.76 29.47 -21.27
N GLN S 22 -5.58 30.30 -22.30
CA GLN S 22 -5.98 31.70 -22.24
C GLN S 22 -7.48 31.84 -22.02
N GLU S 23 -8.27 31.09 -22.78
CA GLU S 23 -9.73 31.17 -22.65
C GLU S 23 -10.17 30.73 -21.27
N ALA S 24 -9.52 29.72 -20.71
CA ALA S 24 -9.96 29.14 -19.43
C ALA S 24 -9.78 30.16 -18.31
N SER S 25 -8.67 30.88 -18.34
CA SER S 25 -8.43 31.90 -17.33
C SER S 25 -9.40 33.08 -17.48
N GLN S 26 -9.74 33.41 -18.72
CA GLN S 26 -10.75 34.45 -18.96
C GLN S 26 -12.13 34.03 -18.46
N VAL S 27 -12.56 32.84 -18.86
CA VAL S 27 -13.79 32.27 -18.31
C VAL S 27 -13.80 32.39 -16.79
N THR S 28 -12.70 32.00 -16.16
CA THR S 28 -12.60 32.02 -14.70
C THR S 28 -12.70 33.42 -14.11
N PHE S 29 -11.90 34.34 -14.63
CA PHE S 29 -11.94 35.71 -14.14
C PHE S 29 -13.33 36.32 -14.36
N ILE S 30 -13.90 36.09 -15.54
CA ILE S 30 -15.22 36.64 -15.85
C ILE S 30 -16.34 36.06 -14.96
N PHE S 31 -16.26 34.77 -14.63
CA PHE S 31 -17.23 34.20 -13.70
C PHE S 31 -17.26 34.99 -12.37
N GLY S 32 -16.07 35.30 -11.87
CA GLY S 32 -15.96 36.05 -10.62
C GLY S 32 -16.60 37.42 -10.72
N GLU S 33 -16.42 38.09 -11.85
CA GLU S 33 -17.09 39.37 -12.11
C GLU S 33 -18.62 39.19 -12.07
N LEU S 34 -19.11 38.17 -12.79
CA LEU S 34 -20.55 37.90 -12.79
C LEU S 34 -21.07 37.68 -11.39
N LYS S 35 -20.33 36.89 -10.61
CA LYS S 35 -20.78 36.51 -9.28
C LYS S 35 -20.88 37.72 -8.37
N ARG S 36 -20.00 38.70 -8.60
CA ARG S 36 -20.00 39.91 -7.78
C ARG S 36 -21.03 40.92 -8.27
N GLY S 37 -21.74 40.58 -9.35
CA GLY S 37 -22.81 41.42 -9.85
C GLY S 37 -22.50 42.20 -11.12
N ASN S 38 -21.34 41.94 -11.72
CA ASN S 38 -21.00 42.62 -12.98
C ASN S 38 -21.63 41.92 -14.18
N GLU S 39 -22.91 42.19 -14.39
CA GLU S 39 -23.64 41.58 -15.49
C GLU S 39 -23.17 42.07 -16.87
N SER S 40 -22.38 43.15 -16.89
CA SER S 40 -21.94 43.72 -18.19
C SER S 40 -21.09 42.75 -18.99
N VAL S 41 -20.45 41.77 -18.33
CA VAL S 41 -19.53 40.87 -19.04
C VAL S 41 -20.14 39.51 -19.38
N LYS S 42 -21.46 39.39 -19.22
CA LYS S 42 -22.15 38.14 -19.54
C LYS S 42 -22.00 37.67 -21.00
N PRO S 43 -22.10 38.61 -21.97
CA PRO S 43 -21.89 38.20 -23.37
C PRO S 43 -20.48 37.66 -23.60
N GLN S 44 -19.49 38.29 -23.00
CA GLN S 44 -18.12 37.83 -23.14
C GLN S 44 -17.95 36.45 -22.51
N PHE S 45 -18.60 36.24 -21.36
CA PHE S 45 -18.52 34.95 -20.68
C PHE S 45 -19.01 33.85 -21.61
N GLU S 46 -20.16 34.08 -22.23
CA GLU S 46 -20.74 33.09 -23.12
C GLU S 46 -19.88 32.86 -24.36
N ASN S 47 -19.29 33.94 -24.87
CA ASN S 47 -18.38 33.85 -26.02
C ASN S 47 -17.13 33.02 -25.73
N HIS S 48 -16.54 33.22 -24.56
CA HIS S 48 -15.32 32.49 -24.24
C HIS S 48 -15.60 31.01 -23.96
N VAL S 49 -16.76 30.72 -23.36
CA VAL S 49 -17.15 29.34 -23.13
C VAL S 49 -17.26 28.63 -24.48
N LYS S 50 -17.95 29.28 -25.41
CA LYS S 50 -18.11 28.76 -26.77
C LYS S 50 -16.78 28.57 -27.48
N GLN S 51 -15.89 29.55 -27.43
CA GLN S 51 -14.59 29.41 -28.06
C GLN S 51 -13.74 28.31 -27.44
N PHE S 52 -13.85 28.14 -26.12
CA PHE S 52 -13.14 27.02 -25.50
C PHE S 52 -13.61 25.69 -26.13
N TYR S 53 -14.92 25.48 -26.24
CA TYR S 53 -15.42 24.25 -26.84
C TYR S 53 -14.94 24.10 -28.29
N GLU S 54 -15.06 25.17 -29.08
CA GLU S 54 -14.63 25.13 -30.48
C GLU S 54 -13.15 24.78 -30.62
N ARG S 55 -12.34 25.31 -29.72
CA ARG S 55 -10.90 25.03 -29.74
C ARG S 55 -10.62 23.61 -29.27
N LEU S 56 -11.38 23.14 -28.28
CA LEU S 56 -11.27 21.75 -27.82
C LEU S 56 -11.54 20.80 -29.01
N ASP S 57 -12.64 21.04 -29.70
CA ASP S 57 -13.03 20.21 -30.85
C ASP S 57 -11.94 20.23 -31.94
N LYS S 58 -11.46 21.42 -32.28
CA LYS S 58 -10.51 21.54 -33.38
C LYS S 58 -9.17 20.94 -33.05
N SER S 59 -8.65 21.24 -31.86
CA SER S 59 -7.32 20.78 -31.48
C SER S 59 -7.27 19.27 -31.40
N THR S 60 -8.25 18.66 -30.75
CA THR S 60 -8.22 17.21 -30.53
C THR S 60 -8.48 16.43 -31.84
N THR S 61 -9.30 17.02 -32.72
CA THR S 61 -9.51 16.45 -34.06
C THR S 61 -8.22 16.49 -34.89
N GLN S 62 -7.53 17.63 -34.82
CA GLN S 62 -6.26 17.74 -35.51
C GLN S 62 -5.21 16.77 -34.94
N LEU S 63 -5.24 16.57 -33.61
CA LEU S 63 -4.32 15.61 -32.99
C LEU S 63 -4.61 14.17 -33.43
N ARG S 64 -5.89 13.82 -33.53
CA ARG S 64 -6.25 12.47 -33.94
C ARG S 64 -5.74 12.19 -35.36
N LYS S 65 -5.82 13.20 -36.22
CA LYS S 65 -5.30 13.07 -37.58
C LYS S 65 -3.78 12.91 -37.57
N GLU S 66 -3.09 13.62 -36.69
CA GLU S 66 -1.63 13.49 -36.62
C GLU S 66 -1.23 12.09 -36.15
N ILE S 67 -2.03 11.49 -35.29
CA ILE S 67 -1.74 10.15 -34.82
C ILE S 67 -1.92 9.16 -35.97
N GLN S 68 -2.97 9.38 -36.76
CA GLN S 68 -3.25 8.61 -37.95
C GLN S 68 -2.13 8.73 -38.99
N LEU S 69 -1.56 9.93 -39.14
CA LEU S 69 -0.42 10.11 -40.01
C LEU S 69 0.85 9.39 -39.52
N LEU S 70 1.00 9.23 -38.21
CA LEU S 70 2.06 8.36 -37.71
C LEU S 70 1.86 6.93 -38.22
N ASP S 71 0.64 6.43 -38.11
CA ASP S 71 0.32 5.06 -38.51
C ASP S 71 0.56 4.84 -40.00
N GLU S 72 0.11 5.80 -40.81
CA GLU S 72 0.17 5.68 -42.25
C GLU S 72 1.57 5.84 -42.80
N ASN S 73 2.47 6.42 -42.00
CA ASN S 73 3.83 6.66 -42.48
C ASN S 73 4.82 5.58 -42.07
N VAL S 74 4.34 4.58 -41.34
CA VAL S 74 5.21 3.46 -40.98
C VAL S 74 5.61 2.65 -42.22
N GLY S 75 6.92 2.40 -42.34
CA GLY S 75 7.47 1.69 -43.49
C GLY S 75 7.71 2.64 -44.65
N THR S 76 7.19 3.85 -44.52
CA THR S 76 7.26 4.87 -45.55
C THR S 76 8.32 5.90 -45.18
N ARG S 77 8.00 6.73 -44.19
CA ARG S 77 8.92 7.75 -43.71
C ARG S 77 9.36 7.45 -42.29
N LEU S 78 8.72 6.48 -41.66
CA LEU S 78 9.03 6.12 -40.28
C LEU S 78 9.44 4.67 -40.17
N LEU S 79 10.43 4.41 -39.32
CA LEU S 79 10.87 3.05 -39.06
C LEU S 79 9.78 2.25 -38.34
N PRO S 80 9.69 0.94 -38.62
CA PRO S 80 8.83 0.10 -37.80
C PRO S 80 9.45 -0.04 -36.40
N ILE S 81 8.61 -0.08 -35.37
CA ILE S 81 9.11 -0.17 -33.99
C ILE S 81 8.57 -1.38 -33.25
N SER T 5 2.28 5.15 -30.22
CA SER T 5 2.47 3.75 -29.85
C SER T 5 1.85 2.70 -30.80
N ASN T 6 0.80 3.06 -31.54
CA ASN T 6 0.18 4.38 -31.50
C ASN T 6 -1.21 4.36 -30.87
N GLN T 7 -1.68 3.16 -30.55
CA GLN T 7 -2.99 2.98 -29.94
C GLN T 7 -3.07 3.65 -28.56
N ALA T 8 -1.97 3.63 -27.81
CA ALA T 8 -1.92 4.31 -26.53
C ALA T 8 -2.16 5.82 -26.69
N LEU T 9 -1.70 6.38 -27.81
CA LEU T 9 -1.90 7.80 -28.09
C LEU T 9 -3.38 8.12 -28.34
N TYR T 10 -4.06 7.29 -29.13
CA TYR T 10 -5.49 7.45 -29.37
C TYR T 10 -6.26 7.38 -28.07
N GLU T 11 -5.85 6.47 -27.19
CA GLU T 11 -6.59 6.20 -25.96
C GLU T 11 -6.47 7.39 -25.04
N LYS T 12 -5.25 7.90 -24.94
CA LYS T 12 -4.98 9.09 -24.15
C LYS T 12 -5.76 10.30 -24.69
N LEU T 13 -5.75 10.49 -26.01
CA LEU T 13 -6.49 11.59 -26.64
C LEU T 13 -7.97 11.50 -26.32
N GLU T 14 -8.53 10.31 -26.44
CA GLU T 14 -9.95 10.12 -26.16
C GLU T 14 -10.28 10.46 -24.72
N GLN T 15 -9.52 9.88 -23.80
CA GLN T 15 -9.75 10.08 -22.39
C GLN T 15 -9.70 11.56 -22.06
N THR T 16 -8.70 12.23 -22.59
CA THR T 16 -8.48 13.63 -22.26
C THR T 16 -9.58 14.54 -22.84
N ARG T 17 -9.99 14.29 -24.07
CA ARG T 17 -11.13 15.02 -24.63
C ARG T 17 -12.39 14.81 -23.79
N THR T 18 -12.60 13.58 -23.35
CA THR T 18 -13.74 13.25 -22.51
C THR T 18 -13.74 14.12 -21.25
N ILE T 19 -12.60 14.15 -20.57
CA ILE T 19 -12.53 14.89 -19.30
C ILE T 19 -12.70 16.39 -19.49
N LEU T 20 -12.06 16.94 -20.53
CA LEU T 20 -12.21 18.33 -20.87
C LEU T 20 -13.67 18.69 -21.14
N SER T 21 -14.36 17.84 -21.87
CA SER T 21 -15.76 18.08 -22.19
C SER T 21 -16.64 18.02 -20.92
N VAL T 22 -16.35 17.05 -20.06
CA VAL T 22 -17.10 16.92 -18.83
C VAL T 22 -16.89 18.12 -17.91
N LYS T 23 -15.63 18.54 -17.76
CA LYS T 23 -15.34 19.66 -16.85
C LYS T 23 -15.92 20.96 -17.35
N LEU T 24 -15.94 21.14 -18.67
CA LEU T 24 -16.61 22.30 -19.26
C LEU T 24 -18.13 22.29 -19.01
N ALA T 25 -18.76 21.13 -19.20
CA ALA T 25 -20.20 20.99 -18.93
C ALA T 25 -20.52 21.29 -17.47
N GLU T 26 -19.68 20.78 -16.57
CA GLU T 26 -19.86 21.04 -15.13
C GLU T 26 -19.75 22.54 -14.83
N LEU T 27 -18.74 23.17 -15.41
CA LEU T 27 -18.55 24.61 -15.27
C LEU T 27 -19.78 25.37 -15.75
N ILE T 28 -20.34 24.93 -16.88
CA ILE T 28 -21.48 25.64 -17.46
C ILE T 28 -22.70 25.57 -16.53
N ASN T 29 -22.78 24.51 -15.73
CA ASN T 29 -23.89 24.33 -14.79
C ASN T 29 -23.78 25.08 -13.47
N ILE T 30 -22.66 25.75 -13.24
CA ILE T 30 -22.55 26.54 -12.01
C ILE T 30 -23.29 27.88 -12.18
N THR T 31 -24.28 28.14 -11.33
CA THR T 31 -25.09 29.35 -11.45
C THR T 31 -24.22 30.61 -11.46
N THR T 32 -24.50 31.51 -12.41
CA THR T 32 -23.76 32.76 -12.51
C THR T 32 -24.51 33.92 -11.83
N ILE T 33 -25.69 33.66 -11.28
CA ILE T 33 -26.47 34.70 -10.60
C ILE T 33 -25.71 35.35 -9.44
N ALA T 34 -25.71 36.68 -9.42
CA ALA T 34 -25.03 37.44 -8.39
C ALA T 34 -25.66 37.19 -7.02
N ASP T 35 -24.85 37.19 -5.96
CA ASP T 35 -25.41 37.12 -4.61
C ASP T 35 -26.00 38.47 -4.18
N ALA T 45 -29.13 35.11 8.33
CA ALA T 45 -27.72 35.50 8.40
C ALA T 45 -26.78 34.33 8.73
N GLN T 46 -27.10 33.54 9.77
CA GLN T 46 -26.23 32.40 10.10
C GLN T 46 -26.08 31.42 8.94
N GLU T 47 -27.21 31.05 8.33
CA GLU T 47 -27.19 30.11 7.22
C GLU T 47 -26.34 30.69 6.10
N ASN T 48 -26.58 31.94 5.76
CA ASN T 48 -25.83 32.61 4.72
C ASN T 48 -24.34 32.57 5.01
N SER T 49 -23.97 32.84 6.26
CA SER T 49 -22.56 32.86 6.63
C SER T 49 -21.96 31.47 6.64
N GLU T 50 -22.69 30.47 7.15
CA GLU T 50 -22.13 29.14 7.18
C GLU T 50 -22.00 28.56 5.78
N LEU T 51 -23.03 28.67 4.96
CA LEU T 51 -22.99 27.99 3.65
C LEU T 51 -22.07 28.69 2.67
N ALA T 52 -21.95 30.02 2.80
CA ALA T 52 -21.09 30.83 1.95
C ALA T 52 -21.25 30.42 0.48
N VAL T 53 -22.50 30.49 0.00
CA VAL T 53 -22.86 29.99 -1.32
C VAL T 53 -22.12 30.65 -2.49
N ALA T 54 -22.02 31.98 -2.48
CA ALA T 54 -21.35 32.69 -3.57
C ALA T 54 -19.86 32.34 -3.62
N THR T 55 -19.22 32.36 -2.46
CA THR T 55 -17.82 31.98 -2.36
C THR T 55 -17.61 30.57 -2.85
N THR T 56 -18.52 29.68 -2.46
CA THR T 56 -18.45 28.28 -2.89
C THR T 56 -18.52 28.12 -4.41
N SER T 57 -19.40 28.87 -5.06
CA SER T 57 -19.50 28.79 -6.52
C SER T 57 -18.18 29.23 -7.18
N VAL T 58 -17.53 30.24 -6.62
CA VAL T 58 -16.23 30.68 -7.16
C VAL T 58 -15.17 29.59 -7.00
N VAL T 61 -15.82 26.81 -9.64
CA VAL T 61 -15.41 27.15 -11.00
C VAL T 61 -13.88 27.10 -11.11
N ASN T 62 -13.20 27.65 -10.11
CA ASN T 62 -11.74 27.56 -10.07
C ASN T 62 -11.21 26.11 -10.01
N ASN T 63 -11.92 25.24 -9.31
CA ASN T 63 -11.57 23.81 -9.32
C ASN T 63 -11.73 23.18 -10.70
N GLN T 64 -12.80 23.54 -11.40
CA GLN T 64 -12.99 23.11 -12.78
C GLN T 64 -11.83 23.60 -13.65
N THR T 65 -11.46 24.87 -13.48
CA THR T 65 -10.34 25.46 -14.22
C THR T 65 -8.98 24.79 -13.98
N GLN T 67 -8.64 21.77 -13.36
CA GLN T 67 -8.74 20.51 -14.12
C GLN T 67 -8.66 20.74 -15.64
N LEU T 68 -9.24 21.84 -16.11
CA LEU T 68 -9.09 22.18 -17.51
C LEU T 68 -7.61 22.38 -17.85
N ILE T 69 -6.88 23.05 -16.95
CA ILE T 69 -5.46 23.31 -17.18
C ILE T 69 -4.68 22.00 -17.22
N LYS T 70 -4.84 21.18 -16.19
CA LYS T 70 -4.16 19.91 -16.11
C LYS T 70 -4.39 19.07 -17.37
N ASN T 71 -5.65 19.00 -17.80
CA ASN T 71 -5.94 18.22 -18.99
C ASN T 71 -5.44 18.82 -20.30
N VAL T 72 -5.46 20.14 -20.43
CA VAL T 72 -4.85 20.78 -21.58
C VAL T 72 -3.34 20.50 -21.63
N GLN T 73 -2.71 20.53 -20.45
CA GLN T 73 -1.30 20.17 -20.35
CA GLN T 73 -1.31 20.14 -20.30
C GLN T 73 -1.07 18.72 -20.82
N ASP T 74 -2.02 17.83 -20.56
CA ASP T 74 -1.94 16.46 -21.05
C ASP T 74 -1.98 16.41 -22.59
N LEU T 75 -2.76 17.29 -23.22
CA LEU T 75 -2.77 17.35 -24.67
C LEU T 75 -1.44 17.86 -25.20
N LEU T 76 -0.82 18.79 -24.47
CA LEU T 76 0.45 19.35 -24.88
CA LEU T 76 0.47 19.37 -24.83
C LEU T 76 1.56 18.30 -24.78
N ILE T 77 1.45 17.42 -23.81
CA ILE T 77 2.38 16.32 -23.65
C ILE T 77 2.17 15.31 -24.78
N LEU T 78 0.93 15.06 -25.15
CA LEU T 78 0.64 14.15 -26.24
C LEU T 78 1.25 14.71 -27.52
N THR T 79 1.14 16.03 -27.70
CA THR T 79 1.65 16.71 -28.89
C THR T 79 3.19 16.60 -28.98
N ARG T 80 3.86 16.81 -27.85
CA ARG T 80 5.32 16.69 -27.78
C ARG T 80 5.77 15.26 -28.12
N SER T 81 5.00 14.27 -27.66
CA SER T 81 5.29 12.88 -27.96
C SER T 81 5.23 12.57 -29.45
N ILE T 82 4.25 13.15 -30.14
CA ILE T 82 4.13 12.96 -31.56
C ILE T 82 5.33 13.60 -32.27
N LYS T 83 5.73 14.79 -31.81
CA LYS T 83 6.92 15.43 -32.38
C LYS T 83 8.12 14.50 -32.26
N GLU T 84 8.31 13.95 -31.06
CA GLU T 84 9.47 13.13 -30.78
C GLU T 84 9.51 11.88 -31.64
N LYS T 85 8.34 11.32 -31.93
CA LYS T 85 8.30 10.16 -32.83
C LYS T 85 8.83 10.53 -34.22
N TRP T 86 8.46 11.70 -34.72
CA TRP T 86 9.00 12.19 -35.99
C TRP T 86 10.51 12.48 -35.90
N LEU T 87 10.95 13.04 -34.79
CA LEU T 87 12.36 13.39 -34.65
C LEU T 87 13.27 12.16 -34.53
N LEU T 88 12.78 11.12 -33.88
CA LEU T 88 13.60 9.94 -33.60
C LEU T 88 13.47 8.77 -34.59
N ASN T 89 12.28 8.58 -35.16
CA ASN T 89 11.99 7.37 -35.92
C ASN T 89 12.00 7.54 -37.43
N GLN T 90 12.50 8.68 -37.88
CA GLN T 90 12.68 8.92 -39.31
C GLN T 90 13.43 7.76 -39.96
N ILE T 91 13.08 7.45 -41.21
CA ILE T 91 13.78 6.41 -41.95
C ILE T 91 15.17 6.83 -42.45
N PRO T 92 15.33 8.13 -42.81
CA PRO T 92 16.67 8.53 -43.28
C PRO T 92 17.76 8.06 -42.32
N GLY U 1 -35.51 8.32 34.39
CA GLY U 1 -34.13 8.22 34.81
C GLY U 1 -33.22 9.02 33.90
N TYR U 2 -32.12 9.53 34.44
CA TYR U 2 -31.21 10.38 33.68
C TYR U 2 -30.66 9.68 32.42
N ILE U 3 -30.24 8.42 32.55
CA ILE U 3 -29.66 7.71 31.44
C ILE U 3 -30.70 7.37 30.38
N GLN U 4 -31.89 6.99 30.83
CA GLN U 4 -33.00 6.77 29.93
C GLN U 4 -33.23 8.04 29.12
N GLU U 5 -33.09 9.18 29.78
CA GLU U 5 -33.28 10.47 29.13
C GLU U 5 -32.19 10.76 28.06
N ARG U 6 -30.95 10.41 28.35
CA ARG U 6 -29.88 10.54 27.37
C ARG U 6 -30.21 9.70 26.13
N LEU U 7 -30.64 8.45 26.37
CA LEU U 7 -30.95 7.52 25.29
C LEU U 7 -32.09 8.04 24.43
N LYS U 8 -33.14 8.55 25.08
CA LYS U 8 -34.26 9.13 24.37
C LYS U 8 -33.84 10.34 23.53
N SER U 9 -32.98 11.18 24.09
CA SER U 9 -32.47 12.33 23.34
C SER U 9 -31.67 11.85 22.12
N LEU U 10 -30.88 10.80 22.30
CA LEU U 10 -30.11 10.25 21.18
C LEU U 10 -31.01 9.63 20.10
N ASN U 11 -32.09 8.98 20.52
CA ASN U 11 -33.04 8.41 19.58
C ASN U 11 -33.74 9.51 18.79
N ASP U 12 -34.03 10.62 19.47
CA ASP U 12 -34.64 11.79 18.85
C ASP U 12 -33.70 12.38 17.79
N ILE U 13 -32.41 12.38 18.09
CA ILE U 13 -31.42 12.80 17.10
C ILE U 13 -31.43 11.87 15.88
N GLU U 14 -31.53 10.57 16.12
CA GLU U 14 -31.59 9.59 15.03
C GLU U 14 -32.79 9.87 14.12
N THR U 15 -33.94 10.16 14.72
CA THR U 15 -35.14 10.51 13.99
C THR U 15 -34.90 11.76 13.12
N GLN U 16 -34.25 12.78 13.70
CA GLN U 16 -33.91 14.00 12.97
C GLN U 16 -33.02 13.72 11.78
N LEU U 17 -32.05 12.83 11.98
CA LEU U 17 -31.12 12.46 10.90
C LEU U 17 -31.83 11.68 9.80
N CYS U 18 -32.77 10.82 10.18
CA CYS U 18 -33.63 10.15 9.19
C CYS U 18 -34.46 11.14 8.38
N SER U 19 -34.95 12.20 9.03
CA SER U 19 -35.65 13.26 8.30
C SER U 19 -34.74 13.96 7.29
N LEU U 21 -32.25 12.57 5.76
CA LEU U 21 -32.03 11.64 4.67
C LEU U 21 -33.20 11.72 3.70
N GLN U 22 -34.41 11.74 4.27
CA GLN U 22 -35.62 11.79 3.46
C GLN U 22 -35.65 13.07 2.62
N GLU U 23 -35.35 14.18 3.26
CA GLU U 23 -35.28 15.46 2.61
C GLU U 23 -34.23 15.59 1.48
N ALA U 24 -33.06 15.00 1.68
CA ALA U 24 -32.03 15.03 0.65
C ALA U 24 -32.54 14.37 -0.65
N SER U 25 -33.24 13.25 -0.51
CA SER U 25 -33.80 12.61 -1.72
C SER U 25 -34.99 13.39 -2.34
N GLN U 26 -35.81 14.02 -1.51
CA GLN U 26 -36.83 14.94 -2.03
C GLN U 26 -36.23 16.08 -2.85
N VAL U 27 -35.23 16.76 -2.28
CA VAL U 27 -34.53 17.84 -2.94
C VAL U 27 -34.00 17.39 -4.31
N THR U 28 -33.41 16.20 -4.35
CA THR U 28 -32.87 15.65 -5.59
C THR U 28 -33.96 15.41 -6.63
N PHE U 29 -35.04 14.76 -6.22
CA PHE U 29 -36.15 14.53 -7.12
C PHE U 29 -36.72 15.85 -7.66
N ILE U 30 -36.91 16.81 -6.77
CA ILE U 30 -37.48 18.09 -7.15
C ILE U 30 -36.54 18.83 -8.12
N PHE U 31 -35.23 18.71 -7.89
CA PHE U 31 -34.28 19.29 -8.83
C PHE U 31 -34.55 18.78 -10.25
N GLY U 32 -34.69 17.46 -10.39
CA GLY U 32 -34.93 16.87 -11.71
C GLY U 32 -36.25 17.32 -12.34
N GLU U 33 -37.27 17.51 -11.50
CA GLU U 33 -38.54 18.09 -11.99
C GLU U 33 -38.32 19.50 -12.52
N LEU U 34 -37.60 20.32 -11.76
CA LEU U 34 -37.27 21.65 -12.23
C LEU U 34 -36.53 21.60 -13.56
N LYS U 35 -35.58 20.69 -13.68
CA LYS U 35 -34.76 20.59 -14.89
C LYS U 35 -35.63 20.20 -16.08
N ARG U 36 -36.66 19.39 -15.83
CA ARG U 36 -37.52 18.96 -16.92
C ARG U 36 -38.66 19.94 -17.20
N GLY U 37 -38.69 21.07 -16.50
CA GLY U 37 -39.63 22.13 -16.84
C GLY U 37 -40.85 22.32 -15.96
N ASN U 38 -40.95 21.55 -14.87
CA ASN U 38 -42.05 21.70 -13.93
C ASN U 38 -41.99 23.08 -13.26
N GLU U 39 -43.00 23.89 -13.54
CA GLU U 39 -43.01 25.29 -13.11
C GLU U 39 -43.70 25.48 -11.76
N SER U 40 -43.95 24.38 -11.03
CA SER U 40 -44.76 24.46 -9.82
C SER U 40 -44.02 24.12 -8.53
N VAL U 41 -42.79 23.61 -8.64
CA VAL U 41 -42.11 23.01 -7.49
C VAL U 41 -40.97 23.85 -6.92
N LYS U 42 -40.77 25.04 -7.46
CA LYS U 42 -39.63 25.86 -7.08
C LYS U 42 -39.69 26.32 -5.62
N PRO U 43 -40.88 26.76 -5.15
CA PRO U 43 -40.97 27.10 -3.72
C PRO U 43 -40.74 25.89 -2.82
N GLN U 44 -41.24 24.74 -3.24
CA GLN U 44 -41.03 23.51 -2.48
C GLN U 44 -39.54 23.17 -2.43
N PHE U 45 -38.86 23.31 -3.56
CA PHE U 45 -37.42 23.07 -3.60
C PHE U 45 -36.69 23.92 -2.56
N GLU U 46 -36.95 25.23 -2.58
CA GLU U 46 -36.27 26.15 -1.67
C GLU U 46 -36.61 25.87 -0.20
N ASN U 47 -37.87 25.52 0.07
CA ASN U 47 -38.29 25.20 1.43
C ASN U 47 -37.59 23.95 1.93
N HIS U 48 -37.44 22.94 1.07
CA HIS U 48 -36.74 21.72 1.49
C HIS U 48 -35.22 21.95 1.71
N VAL U 49 -34.61 22.82 0.92
CA VAL U 49 -33.20 23.12 1.12
C VAL U 49 -33.03 23.85 2.45
N LYS U 50 -33.92 24.80 2.72
CA LYS U 50 -33.86 25.55 3.96
C LYS U 50 -34.04 24.63 5.18
N GLN U 51 -35.01 23.73 5.10
CA GLN U 51 -35.26 22.78 6.18
C GLN U 51 -34.08 21.84 6.43
N PHE U 52 -33.46 21.35 5.34
CA PHE U 52 -32.29 20.49 5.49
C PHE U 52 -31.20 21.23 6.29
N TYR U 53 -30.97 22.50 5.97
CA TYR U 53 -30.02 23.30 6.73
C TYR U 53 -30.41 23.44 8.20
N GLU U 54 -31.68 23.75 8.46
CA GLU U 54 -32.13 23.91 9.84
C GLU U 54 -31.96 22.62 10.63
N ARG U 55 -32.25 21.49 10.01
CA ARG U 55 -32.05 20.20 10.66
C ARG U 55 -30.57 19.88 10.89
N LEU U 56 -29.72 20.25 9.93
CA LEU U 56 -28.28 20.12 10.10
C LEU U 56 -27.84 20.86 11.35
N ASP U 57 -28.28 22.11 11.47
CA ASP U 57 -27.84 22.94 12.57
C ASP U 57 -28.31 22.36 13.92
N LYS U 58 -29.58 21.99 13.97
CA LYS U 58 -30.20 21.51 15.20
C LYS U 58 -29.63 20.15 15.65
N SER U 59 -29.51 19.23 14.71
CA SER U 59 -29.02 17.89 15.06
C SER U 59 -27.56 17.91 15.50
N THR U 60 -26.72 18.67 14.81
CA THR U 60 -25.30 18.74 15.19
C THR U 60 -25.11 19.48 16.50
N THR U 61 -25.89 20.53 16.72
CA THR U 61 -25.87 21.26 18.01
C THR U 61 -26.28 20.33 19.16
N GLN U 62 -27.33 19.56 18.97
CA GLN U 62 -27.77 18.63 20.00
C GLN U 62 -26.72 17.54 20.27
N LEU U 63 -26.09 17.05 19.20
CA LEU U 63 -25.02 16.06 19.34
C LEU U 63 -23.84 16.61 20.13
N ARG U 64 -23.48 17.85 19.85
CA ARG U 64 -22.38 18.51 20.55
C ARG U 64 -22.67 18.49 22.05
N LYS U 65 -23.91 18.82 22.40
CA LYS U 65 -24.32 18.81 23.80
C LYS U 65 -24.29 17.41 24.42
N GLU U 66 -24.74 16.41 23.67
CA GLU U 66 -24.68 15.03 24.15
C GLU U 66 -23.24 14.58 24.43
N ILE U 67 -22.29 15.00 23.58
CA ILE U 67 -20.89 14.64 23.81
C ILE U 67 -20.41 15.30 25.09
N GLN U 68 -20.87 16.52 25.31
CA GLN U 68 -20.53 17.26 26.52
C GLN U 68 -21.08 16.57 27.78
N LEU U 69 -22.35 16.20 27.76
CA LEU U 69 -22.96 15.46 28.87
C LEU U 69 -22.26 14.12 29.15
N LEU U 70 -21.86 13.44 28.08
CA LEU U 70 -21.15 12.18 28.21
C LEU U 70 -19.90 12.45 29.02
N ASP U 71 -19.12 13.42 28.57
CA ASP U 71 -17.86 13.75 29.23
C ASP U 71 -18.05 14.15 30.70
N GLU U 72 -19.12 14.87 30.99
CA GLU U 72 -19.39 15.31 32.37
C GLU U 72 -19.76 14.16 33.28
N ASN U 73 -20.15 13.03 32.70
CA ASN U 73 -20.62 11.93 33.52
C ASN U 73 -19.56 10.85 33.80
N VAL U 74 -18.42 10.97 33.14
CA VAL U 74 -17.31 10.05 33.40
C VAL U 74 -16.82 10.33 34.82
N GLY U 75 -16.76 9.28 35.62
CA GLY U 75 -16.40 9.39 37.02
C GLY U 75 -17.60 9.53 37.93
N THR U 76 -18.79 9.67 37.34
CA THR U 76 -19.99 9.84 38.14
C THR U 76 -21.04 8.77 37.81
N ARG U 77 -21.64 8.86 36.63
CA ARG U 77 -22.60 7.84 36.21
C ARG U 77 -21.95 6.77 35.35
N LEU U 78 -20.77 7.06 34.82
CA LEU U 78 -20.07 6.13 33.93
C LEU U 78 -18.64 5.84 34.38
N LEU U 79 -18.20 4.59 34.19
CA LEU U 79 -16.81 4.21 34.38
C LEU U 79 -15.96 4.89 33.32
N PRO U 80 -14.67 5.11 33.60
CA PRO U 80 -13.96 4.70 34.82
C PRO U 80 -14.20 5.66 35.98
N ILE U 81 -14.17 5.14 37.20
CA ILE U 81 -14.37 5.96 38.39
C ILE U 81 -13.11 6.03 39.28
N SER V 5 -10.20 10.36 22.87
CA SER V 5 -11.18 10.38 23.95
C SER V 5 -12.55 10.72 23.39
N ASN V 6 -13.31 11.48 24.17
CA ASN V 6 -14.50 12.14 23.65
C ASN V 6 -14.03 13.31 22.79
N GLN V 7 -12.75 13.63 22.93
CA GLN V 7 -12.05 14.54 22.03
C GLN V 7 -12.24 14.16 20.55
N ALA V 8 -12.05 12.88 20.24
CA ALA V 8 -12.21 12.42 18.87
C ALA V 8 -13.65 12.60 18.42
N LEU V 9 -14.59 12.43 19.35
CA LEU V 9 -16.01 12.59 19.06
C LEU V 9 -16.32 14.01 18.59
N TYR V 10 -15.86 15.02 19.34
CA TYR V 10 -16.06 16.42 18.97
C TYR V 10 -15.46 16.72 17.58
N GLU V 11 -14.28 16.19 17.33
CA GLU V 11 -13.58 16.46 16.09
C GLU V 11 -14.32 15.89 14.90
N LYS V 12 -14.86 14.68 15.07
CA LYS V 12 -15.62 14.04 14.01
C LYS V 12 -16.88 14.83 13.73
N LEU V 13 -17.53 15.28 14.79
CA LEU V 13 -18.75 16.07 14.64
C LEU V 13 -18.46 17.32 13.81
N GLU V 14 -17.44 18.07 14.22
CA GLU V 14 -17.08 19.31 13.54
C GLU V 14 -16.75 19.09 12.07
N GLN V 15 -15.97 18.05 11.81
CA GLN V 15 -15.56 17.71 10.46
C GLN V 15 -16.81 17.37 9.62
N THR V 16 -17.69 16.56 10.19
CA THR V 16 -18.86 16.11 9.43
C THR V 16 -19.84 17.25 9.15
N ARG V 17 -20.05 18.12 10.14
CA ARG V 17 -20.91 19.28 9.92
C ARG V 17 -20.33 20.15 8.82
N THR V 18 -19.02 20.34 8.83
CA THR V 18 -18.34 21.13 7.82
C THR V 18 -18.59 20.58 6.41
N ILE V 19 -18.39 19.27 6.23
CA ILE V 19 -18.56 18.67 4.90
C ILE V 19 -20.02 18.77 4.46
N LEU V 20 -20.94 18.51 5.39
CA LEU V 20 -22.36 18.59 5.07
C LEU V 20 -22.71 19.99 4.58
N SER V 21 -22.20 20.99 5.29
CA SER V 21 -22.41 22.38 4.92
C SER V 21 -21.88 22.67 3.51
N VAL V 22 -20.66 22.19 3.23
CA VAL V 22 -20.04 22.38 1.93
C VAL V 22 -20.82 21.69 0.78
N LYS V 23 -21.20 20.43 1.00
CA LYS V 23 -21.92 19.68 -0.03
C LYS V 23 -23.30 20.28 -0.33
N LEU V 24 -23.95 20.84 0.68
CA LEU V 24 -25.25 21.48 0.46
C LEU V 24 -25.04 22.79 -0.33
N ALA V 25 -24.04 23.58 0.06
CA ALA V 25 -23.71 24.83 -0.66
C ALA V 25 -23.45 24.54 -2.14
N GLU V 26 -22.71 23.46 -2.39
CA GLU V 26 -22.39 23.04 -3.76
C GLU V 26 -23.65 22.69 -4.54
N LEU V 27 -24.55 21.94 -3.88
CA LEU V 27 -25.82 21.54 -4.49
C LEU V 27 -26.65 22.77 -4.88
N ILE V 28 -26.70 23.74 -3.98
CA ILE V 28 -27.41 24.99 -4.21
C ILE V 28 -26.86 25.75 -5.41
N ASN V 29 -25.58 25.58 -5.72
CA ASN V 29 -24.99 26.28 -6.85
C ASN V 29 -25.20 25.64 -8.25
N ILE V 30 -25.86 24.49 -8.31
CA ILE V 30 -26.11 23.86 -9.60
C ILE V 30 -27.37 24.50 -10.20
N THR V 31 -27.25 25.02 -11.42
CA THR V 31 -28.36 25.79 -12.00
C THR V 31 -29.65 24.95 -12.14
N THR V 32 -30.79 25.50 -11.73
CA THR V 32 -32.08 24.79 -11.81
C THR V 32 -32.86 25.17 -13.07
N ILE V 33 -32.28 26.00 -13.93
CA ILE V 33 -32.99 26.47 -15.12
C ILE V 33 -33.38 25.29 -16.00
N ALA V 34 -34.63 25.27 -16.45
CA ALA V 34 -35.14 24.15 -17.23
C ALA V 34 -34.38 23.96 -18.53
N ASP V 35 -34.17 22.69 -18.86
CA ASP V 35 -33.57 22.27 -20.11
C ASP V 35 -34.31 22.91 -21.30
N SER V 43 -31.72 20.70 -35.60
CA SER V 43 -32.23 19.55 -34.85
C SER V 43 -31.12 18.82 -34.08
N PHE V 44 -29.93 18.76 -34.68
CA PHE V 44 -28.76 18.18 -34.00
C PHE V 44 -27.57 19.13 -33.98
N ALA V 45 -27.13 19.49 -32.79
CA ALA V 45 -25.91 20.28 -32.63
C ALA V 45 -24.88 19.47 -31.85
N GLN V 46 -23.71 19.30 -32.44
CA GLN V 46 -22.66 18.49 -31.85
C GLN V 46 -22.27 18.95 -30.44
N GLU V 47 -22.09 20.25 -30.24
CA GLU V 47 -21.70 20.78 -28.93
C GLU V 47 -22.73 20.37 -27.88
N ASN V 48 -24.01 20.55 -28.19
CA ASN V 48 -25.07 20.19 -27.26
C ASN V 48 -25.04 18.70 -26.96
N SER V 49 -24.77 17.90 -27.98
CA SER V 49 -24.73 16.46 -27.80
C SER V 49 -23.52 15.99 -26.95
N GLU V 50 -22.36 16.61 -27.18
CA GLU V 50 -21.14 16.20 -26.51
C GLU V 50 -21.17 16.65 -25.04
N LEU V 51 -21.52 17.91 -24.83
CA LEU V 51 -21.51 18.50 -23.48
C LEU V 51 -22.64 17.96 -22.58
N ALA V 52 -23.81 17.69 -23.16
CA ALA V 52 -24.91 17.10 -22.40
C ALA V 52 -25.14 17.86 -21.09
N VAL V 53 -25.35 19.18 -21.19
CA VAL V 53 -25.35 20.06 -20.01
C VAL V 53 -26.50 19.72 -19.05
N ALA V 54 -27.69 19.49 -19.62
CA ALA V 54 -28.88 19.26 -18.80
C ALA V 54 -28.76 17.97 -18.01
N THR V 55 -28.35 16.89 -18.66
CA THR V 55 -28.29 15.64 -17.95
C THR V 55 -27.14 15.70 -16.94
N THR V 56 -26.06 16.39 -17.33
CA THR V 56 -24.92 16.58 -16.42
C THR V 56 -25.31 17.27 -15.11
N SER V 57 -26.23 18.24 -15.19
CA SER V 57 -26.65 18.96 -13.97
C SER V 57 -27.34 18.01 -13.01
N VAL V 58 -28.14 17.10 -13.56
CA VAL V 58 -28.83 16.10 -12.73
C VAL V 58 -27.82 15.12 -12.07
N VAL V 61 -26.11 16.93 -9.12
CA VAL V 61 -26.95 17.00 -7.93
C VAL V 61 -26.98 15.64 -7.24
N ASN V 62 -27.20 14.58 -8.00
CA ASN V 62 -27.16 13.24 -7.42
C ASN V 62 -25.84 12.92 -6.76
N ASN V 63 -24.74 13.33 -7.40
CA ASN V 63 -23.43 13.19 -6.79
C ASN V 63 -23.32 13.91 -5.43
N GLN V 64 -23.84 15.14 -5.34
CA GLN V 64 -23.93 15.84 -4.05
C GLN V 64 -24.76 15.03 -3.03
N THR V 65 -25.91 14.54 -3.46
CA THR V 65 -26.79 13.74 -2.60
C THR V 65 -26.12 12.47 -2.09
N GLN V 67 -23.13 12.15 -1.41
CA GLN V 67 -22.23 12.57 -0.34
C GLN V 67 -22.99 13.07 0.89
N LEU V 68 -24.12 13.75 0.68
CA LEU V 68 -24.96 14.11 1.81
C LEU V 68 -25.37 12.87 2.60
N ILE V 69 -25.78 11.82 1.90
CA ILE V 69 -26.14 10.56 2.54
C ILE V 69 -24.97 10.00 3.35
N LYS V 70 -23.81 9.90 2.71
CA LYS V 70 -22.65 9.33 3.38
C LYS V 70 -22.36 10.07 4.69
N ASN V 71 -22.42 11.40 4.63
CA ASN V 71 -22.08 12.20 5.79
C ASN V 71 -23.16 12.24 6.88
N VAL V 72 -24.42 12.21 6.47
CA VAL V 72 -25.51 12.02 7.45
C VAL V 72 -25.40 10.65 8.12
N GLN V 73 -24.99 9.64 7.37
CA GLN V 73 -24.72 8.34 7.97
C GLN V 73 -23.57 8.44 9.00
N ASP V 74 -22.55 9.24 8.73
CA ASP V 74 -21.49 9.48 9.72
C ASP V 74 -22.05 10.11 11.02
N LEU V 75 -23.03 11.00 10.89
CA LEU V 75 -23.70 11.54 12.08
C LEU V 75 -24.45 10.46 12.88
N LEU V 76 -25.11 9.55 12.15
CA LEU V 76 -25.83 8.47 12.79
CA LEU V 76 -25.81 8.39 12.70
C LEU V 76 -24.87 7.50 13.49
N ILE V 77 -23.70 7.30 12.90
CA ILE V 77 -22.66 6.46 13.48
C ILE V 77 -22.05 7.08 14.76
N LEU V 78 -21.86 8.40 14.75
CA LEU V 78 -21.44 9.10 15.95
C LEU V 78 -22.50 8.93 17.07
N THR V 79 -23.77 9.10 16.71
CA THR V 79 -24.87 9.01 17.66
C THR V 79 -24.93 7.63 18.31
N ARG V 80 -24.80 6.62 17.47
CA ARG V 80 -24.77 5.24 17.91
C ARG V 80 -23.63 4.99 18.91
N SER V 81 -22.45 5.52 18.63
CA SER V 81 -21.32 5.34 19.56
C SER V 81 -21.54 6.03 20.92
N ILE V 82 -22.21 7.18 20.92
CA ILE V 82 -22.63 7.80 22.18
C ILE V 82 -23.62 6.91 22.98
N LYS V 83 -24.63 6.34 22.30
CA LYS V 83 -25.57 5.42 22.96
C LYS V 83 -24.83 4.27 23.61
N GLU V 84 -23.94 3.64 22.84
CA GLU V 84 -23.22 2.48 23.33
C GLU V 84 -22.39 2.80 24.60
N LYS V 85 -21.85 4.00 24.68
CA LYS V 85 -21.04 4.37 25.83
C LYS V 85 -21.93 4.44 27.08
N TRP V 86 -23.13 5.00 26.94
CA TRP V 86 -24.09 5.00 28.04
C TRP V 86 -24.54 3.61 28.43
N LEU V 87 -24.77 2.75 27.44
CA LEU V 87 -25.27 1.40 27.68
C LEU V 87 -24.21 0.48 28.32
N LEU V 88 -22.96 0.67 27.95
CA LEU V 88 -21.92 -0.27 28.35
C LEU V 88 -21.22 0.11 29.66
N ASN V 89 -21.12 1.42 29.93
CA ASN V 89 -20.20 1.90 30.96
C ASN V 89 -20.83 2.34 32.29
N GLN V 90 -22.05 1.91 32.56
CA GLN V 90 -22.64 2.23 33.86
C GLN V 90 -21.90 1.52 35.01
N ILE V 91 -22.05 2.08 36.21
CA ILE V 91 -21.33 1.55 37.35
C ILE V 91 -21.83 0.17 37.76
N PRO V 92 -20.92 -0.82 37.77
CA PRO V 92 -21.32 -2.21 38.04
C PRO V 92 -21.89 -2.36 39.44
N GLY W 1 -26.55 11.68 -40.34
CA GLY W 1 -25.98 10.42 -40.76
C GLY W 1 -25.84 9.40 -39.62
N TYR W 2 -25.26 8.25 -39.94
CA TYR W 2 -25.13 7.15 -38.99
C TYR W 2 -24.48 7.57 -37.66
N ILE W 3 -23.39 8.31 -37.73
CA ILE W 3 -22.68 8.70 -36.52
C ILE W 3 -23.53 9.64 -35.65
N GLN W 4 -24.25 10.56 -36.29
CA GLN W 4 -25.19 11.41 -35.57
C GLN W 4 -26.32 10.61 -34.88
N GLU W 5 -26.71 9.50 -35.48
CA GLU W 5 -27.71 8.60 -34.90
C GLU W 5 -27.16 7.90 -33.65
N ARG W 6 -25.88 7.51 -33.69
CA ARG W 6 -25.21 6.96 -32.51
C ARG W 6 -25.18 7.98 -31.34
N LEU W 7 -24.79 9.21 -31.65
CA LEU W 7 -24.76 10.27 -30.64
C LEU W 7 -26.15 10.49 -30.03
N LYS W 8 -27.19 10.52 -30.86
CA LYS W 8 -28.57 10.69 -30.37
C LYS W 8 -29.01 9.52 -29.49
N SER W 9 -28.64 8.31 -29.87
CA SER W 9 -28.97 7.14 -29.06
C SER W 9 -28.25 7.21 -27.70
N LEU W 10 -27.01 7.69 -27.72
CA LEU W 10 -26.25 7.82 -26.49
C LEU W 10 -26.81 8.94 -25.61
N ASN W 11 -27.27 10.04 -26.23
CA ASN W 11 -27.98 11.09 -25.51
C ASN W 11 -29.29 10.56 -24.91
N ASP W 12 -29.96 9.70 -25.65
CA ASP W 12 -31.17 9.05 -25.18
C ASP W 12 -30.87 8.21 -23.94
N ILE W 13 -29.77 7.46 -23.96
CA ILE W 13 -29.32 6.72 -22.79
C ILE W 13 -29.05 7.65 -21.60
N GLU W 14 -28.41 8.79 -21.84
CA GLU W 14 -28.15 9.74 -20.78
C GLU W 14 -29.45 10.19 -20.08
N THR W 15 -30.48 10.43 -20.87
CA THR W 15 -31.81 10.80 -20.36
C THR W 15 -32.37 9.69 -19.49
N GLN W 16 -32.26 8.46 -19.99
CA GLN W 16 -32.71 7.28 -19.25
C GLN W 16 -32.00 7.14 -17.91
N LEU W 17 -30.71 7.44 -17.85
CA LEU W 17 -29.97 7.30 -16.59
C LEU W 17 -30.47 8.33 -15.57
N CYS W 18 -30.78 9.53 -16.05
CA CYS W 18 -31.36 10.55 -15.17
C CYS W 18 -32.73 10.11 -14.65
N SER W 19 -33.54 9.53 -15.52
CA SER W 19 -34.83 8.99 -15.10
C SER W 19 -34.68 7.90 -14.03
N LEU W 21 -32.32 7.70 -11.80
CA LEU W 21 -31.99 8.41 -10.57
C LEU W 21 -33.22 9.05 -9.91
N GLN W 22 -34.10 9.62 -10.74
CA GLN W 22 -35.38 10.14 -10.25
C GLN W 22 -36.21 9.04 -9.59
N GLU W 23 -36.23 7.85 -10.19
CA GLU W 23 -36.94 6.72 -9.57
C GLU W 23 -36.33 6.39 -8.20
N ALA W 24 -35.00 6.30 -8.13
CA ALA W 24 -34.31 5.99 -6.87
C ALA W 24 -34.58 7.03 -5.77
N SER W 25 -34.64 8.31 -6.15
CA SER W 25 -34.97 9.36 -5.20
C SER W 25 -36.36 9.19 -4.60
N GLN W 26 -37.34 8.93 -5.47
CA GLN W 26 -38.71 8.70 -5.03
C GLN W 26 -38.83 7.47 -4.14
N VAL W 27 -38.20 6.38 -4.54
CA VAL W 27 -38.19 5.17 -3.73
C VAL W 27 -37.67 5.46 -2.32
N THR W 28 -36.62 6.27 -2.25
CA THR W 28 -35.99 6.57 -0.98
C THR W 28 -36.85 7.46 -0.09
N PHE W 29 -37.37 8.55 -0.62
CA PHE W 29 -38.19 9.39 0.26
C PHE W 29 -39.56 8.77 0.57
N ILE W 30 -40.11 8.00 -0.36
CA ILE W 30 -41.37 7.30 -0.04
C ILE W 30 -41.14 6.24 1.05
N PHE W 31 -40.02 5.53 0.99
CA PHE W 31 -39.69 4.60 2.09
C PHE W 31 -39.72 5.33 3.43
N GLY W 32 -39.15 6.53 3.49
CA GLY W 32 -39.16 7.33 4.69
C GLY W 32 -40.57 7.61 5.21
N GLU W 33 -41.48 7.93 4.28
CA GLU W 33 -42.90 8.14 4.59
C GLU W 33 -43.57 6.88 5.13
N LEU W 34 -43.27 5.75 4.50
CA LEU W 34 -43.79 4.48 4.97
C LEU W 34 -43.34 4.18 6.39
N LYS W 35 -42.06 4.41 6.67
CA LYS W 35 -41.49 4.06 7.96
C LYS W 35 -42.07 4.94 9.07
N ARG W 36 -42.42 6.17 8.71
CA ARG W 36 -43.01 7.11 9.67
C ARG W 36 -44.53 6.91 9.88
N GLY W 37 -45.13 5.99 9.14
CA GLY W 37 -46.49 5.58 9.41
C GLY W 37 -47.52 5.93 8.34
N ASN W 38 -47.08 6.46 7.21
CA ASN W 38 -48.01 6.75 6.13
C ASN W 38 -48.12 5.58 5.15
N GLU W 39 -48.96 4.61 5.48
CA GLU W 39 -49.06 3.38 4.67
C GLU W 39 -49.64 3.61 3.27
N SER W 40 -50.34 4.71 3.09
CA SER W 40 -51.09 4.93 1.86
C SER W 40 -50.23 5.17 0.61
N VAL W 41 -48.93 5.39 0.79
CA VAL W 41 -48.03 5.62 -0.35
C VAL W 41 -47.36 4.31 -0.80
N LYS W 42 -47.74 3.20 -0.18
CA LYS W 42 -47.18 1.89 -0.52
C LYS W 42 -47.32 1.52 -2.01
N PRO W 43 -48.51 1.73 -2.60
CA PRO W 43 -48.61 1.41 -4.02
C PRO W 43 -47.63 2.23 -4.88
N GLN W 44 -47.43 3.49 -4.52
CA GLN W 44 -46.49 4.35 -5.26
C GLN W 44 -45.06 3.86 -5.07
N PHE W 45 -44.73 3.44 -3.85
CA PHE W 45 -43.42 2.88 -3.56
C PHE W 45 -43.13 1.72 -4.52
N GLU W 46 -44.06 0.77 -4.59
CA GLU W 46 -43.87 -0.38 -5.46
C GLU W 46 -43.76 -0.03 -6.95
N ASN W 47 -44.57 0.93 -7.40
CA ASN W 47 -44.49 1.40 -8.79
C ASN W 47 -43.11 1.98 -9.16
N HIS W 48 -42.51 2.76 -8.26
CA HIS W 48 -41.20 3.35 -8.58
C HIS W 48 -40.06 2.33 -8.52
N VAL W 49 -40.20 1.32 -7.66
CA VAL W 49 -39.26 0.18 -7.63
C VAL W 49 -39.34 -0.55 -8.96
N LYS W 50 -40.56 -0.81 -9.42
CA LYS W 50 -40.74 -1.48 -10.70
C LYS W 50 -40.17 -0.65 -11.84
N GLN W 51 -40.38 0.66 -11.78
CA GLN W 51 -39.88 1.53 -12.84
C GLN W 51 -38.35 1.59 -12.86
N PHE W 52 -37.72 1.59 -11.68
CA PHE W 52 -36.27 1.58 -11.65
C PHE W 52 -35.79 0.36 -12.44
N TYR W 53 -36.43 -0.79 -12.20
CA TYR W 53 -35.99 -2.03 -12.84
C TYR W 53 -36.20 -2.00 -14.34
N GLU W 54 -37.34 -1.48 -14.76
CA GLU W 54 -37.65 -1.40 -16.18
C GLU W 54 -36.65 -0.50 -16.88
N ARG W 55 -36.29 0.61 -16.25
CA ARG W 55 -35.32 1.51 -16.86
C ARG W 55 -33.88 0.94 -16.83
N LEU W 56 -33.55 0.22 -15.77
CA LEU W 56 -32.29 -0.50 -15.68
C LEU W 56 -32.13 -1.47 -16.87
N ASP W 57 -33.18 -2.25 -17.10
CA ASP W 57 -33.17 -3.25 -18.16
C ASP W 57 -32.98 -2.61 -19.55
N LYS W 58 -33.82 -1.61 -19.84
CA LYS W 58 -33.81 -0.92 -21.12
C LYS W 58 -32.50 -0.18 -21.39
N SER W 59 -32.00 0.56 -20.40
CA SER W 59 -30.79 1.38 -20.58
C SER W 59 -29.53 0.52 -20.81
N THR W 60 -29.41 -0.57 -20.06
CA THR W 60 -28.20 -1.39 -20.13
C THR W 60 -28.20 -2.22 -21.40
N THR W 61 -29.38 -2.65 -21.84
CA THR W 61 -29.56 -3.36 -23.11
C THR W 61 -29.18 -2.45 -24.28
N GLN W 62 -29.69 -1.21 -24.26
CA GLN W 62 -29.34 -0.25 -25.30
C GLN W 62 -27.84 0.04 -25.28
N LEU W 63 -27.27 0.22 -24.09
CA LEU W 63 -25.80 0.37 -23.99
C LEU W 63 -25.01 -0.81 -24.57
N ARG W 64 -25.47 -2.02 -24.31
CA ARG W 64 -24.80 -3.22 -24.81
C ARG W 64 -24.77 -3.20 -26.34
N LYS W 65 -25.91 -2.83 -26.94
CA LYS W 65 -26.02 -2.68 -28.37
C LYS W 65 -25.06 -1.60 -28.88
N GLU W 66 -24.98 -0.48 -28.16
CA GLU W 66 -24.07 0.59 -28.57
C GLU W 66 -22.60 0.15 -28.51
N ILE W 67 -22.27 -0.68 -27.54
CA ILE W 67 -20.89 -1.17 -27.46
C ILE W 67 -20.59 -2.06 -28.66
N GLN W 68 -21.58 -2.87 -29.04
CA GLN W 68 -21.45 -3.77 -30.17
C GLN W 68 -21.24 -3.01 -31.49
N LEU W 69 -22.01 -1.94 -31.71
CA LEU W 69 -21.86 -1.11 -32.90
C LEU W 69 -20.51 -0.45 -32.98
N LEU W 70 -19.98 -0.07 -31.82
CA LEU W 70 -18.70 0.57 -31.71
C LEU W 70 -17.61 -0.44 -32.03
N ASP W 71 -17.71 -1.61 -31.40
CA ASP W 71 -16.75 -2.67 -31.61
C ASP W 71 -16.70 -3.13 -33.07
N GLU W 72 -17.87 -3.25 -33.69
CA GLU W 72 -17.97 -3.74 -35.06
C GLU W 72 -17.50 -2.71 -36.07
N ASN W 73 -17.19 -1.52 -35.59
CA ASN W 73 -16.76 -0.46 -36.49
C ASN W 73 -15.26 -0.51 -36.74
N SER X 5 -10.38 -1.13 -23.76
CA SER X 5 -10.85 -1.51 -25.08
C SER X 5 -12.36 -1.78 -25.03
N ASN X 6 -12.89 -2.33 -26.12
CA ASN X 6 -14.31 -2.61 -26.17
C ASN X 6 -14.69 -3.74 -25.23
N GLN X 7 -13.78 -4.69 -25.06
CA GLN X 7 -14.03 -5.82 -24.17
C GLN X 7 -14.15 -5.36 -22.72
N ALA X 8 -13.30 -4.41 -22.33
CA ALA X 8 -13.38 -3.83 -21.01
C ALA X 8 -14.70 -3.11 -20.85
N LEU X 9 -15.19 -2.53 -21.95
CA LEU X 9 -16.47 -1.84 -21.94
C LEU X 9 -17.60 -2.81 -21.61
N TYR X 10 -17.66 -3.92 -22.34
CA TYR X 10 -18.68 -4.92 -22.05
C TYR X 10 -18.57 -5.43 -20.62
N GLU X 11 -17.35 -5.77 -20.20
CA GLU X 11 -17.14 -6.37 -18.89
C GLU X 11 -17.63 -5.45 -17.79
N LYS X 12 -17.33 -4.16 -17.95
CA LYS X 12 -17.75 -3.16 -16.99
C LYS X 12 -19.27 -3.04 -16.97
N LEU X 13 -19.91 -3.09 -18.14
CA LEU X 13 -21.36 -2.98 -18.21
C LEU X 13 -22.03 -4.16 -17.51
N GLU X 14 -21.55 -5.37 -17.79
CA GLU X 14 -22.09 -6.54 -17.12
C GLU X 14 -21.98 -6.42 -15.58
N GLN X 15 -20.82 -6.00 -15.11
CA GLN X 15 -20.59 -5.87 -13.66
C GLN X 15 -21.53 -4.83 -13.04
N THR X 16 -21.70 -3.70 -13.71
CA THR X 16 -22.58 -2.64 -13.22
C THR X 16 -24.07 -3.02 -13.21
N ARG X 17 -24.54 -3.65 -14.28
CA ARG X 17 -25.92 -4.11 -14.29
C ARG X 17 -26.13 -5.07 -13.13
N THR X 18 -25.15 -5.94 -12.91
CA THR X 18 -25.25 -6.95 -11.86
C THR X 18 -25.39 -6.29 -10.50
N ILE X 19 -24.51 -5.32 -10.22
CA ILE X 19 -24.56 -4.61 -8.94
C ILE X 19 -25.88 -3.85 -8.77
N LEU X 20 -26.36 -3.20 -9.83
CA LEU X 20 -27.63 -2.48 -9.77
C LEU X 20 -28.82 -3.39 -9.43
N SER X 21 -28.85 -4.57 -10.05
CA SER X 21 -29.88 -5.58 -9.79
C SER X 21 -29.84 -6.04 -8.34
N VAL X 22 -28.65 -6.42 -7.90
CA VAL X 22 -28.43 -6.86 -6.52
C VAL X 22 -28.85 -5.81 -5.49
N LYS X 23 -28.40 -4.57 -5.68
CA LYS X 23 -28.77 -3.51 -4.75
C LYS X 23 -30.28 -3.26 -4.72
N LEU X 24 -30.95 -3.32 -5.87
CA LEU X 24 -32.39 -3.16 -5.93
C LEU X 24 -33.10 -4.31 -5.20
N ALA X 25 -32.68 -5.54 -5.48
CA ALA X 25 -33.20 -6.72 -4.78
C ALA X 25 -33.02 -6.64 -3.25
N GLU X 26 -31.85 -6.17 -2.80
CA GLU X 26 -31.62 -5.95 -1.38
C GLU X 26 -32.58 -4.90 -0.80
N LEU X 27 -32.73 -3.79 -1.53
CA LEU X 27 -33.64 -2.73 -1.10
C LEU X 27 -35.08 -3.25 -0.93
N ILE X 28 -35.53 -4.05 -1.90
CA ILE X 28 -36.88 -4.64 -1.88
C ILE X 28 -37.11 -5.48 -0.63
N ASN X 29 -36.04 -6.07 -0.09
CA ASN X 29 -36.10 -6.92 1.09
C ASN X 29 -36.09 -6.20 2.44
N ILE X 30 -35.94 -4.88 2.45
CA ILE X 30 -35.97 -4.14 3.71
C ILE X 30 -37.42 -3.92 4.10
N THR X 31 -37.81 -4.33 5.31
CA THR X 31 -39.21 -4.23 5.71
C THR X 31 -39.70 -2.77 5.69
N THR X 32 -40.89 -2.54 5.15
CA THR X 32 -41.45 -1.20 5.08
C THR X 32 -42.39 -0.94 6.26
N ILE X 33 -42.57 -1.94 7.12
CA ILE X 33 -43.50 -1.84 8.25
C ILE X 33 -43.20 -0.67 9.18
N ALA X 34 -44.22 0.11 9.53
CA ALA X 34 -44.01 1.33 10.30
C ALA X 34 -43.49 1.03 11.69
N ASP X 35 -42.65 1.95 12.17
CA ASP X 35 -42.07 1.93 13.51
C ASP X 35 -43.08 1.42 14.54
N PHE X 44 -40.42 3.40 27.48
CA PHE X 44 -39.00 3.14 27.22
C PHE X 44 -38.59 1.68 27.44
N ALA X 45 -38.00 1.08 26.41
CA ALA X 45 -37.34 -0.22 26.54
C ALA X 45 -35.91 -0.07 26.00
N GLN X 46 -34.95 -0.61 26.75
CA GLN X 46 -33.55 -0.45 26.39
C GLN X 46 -33.24 -1.08 25.04
N GLU X 47 -33.80 -2.26 24.79
CA GLU X 47 -33.55 -2.98 23.55
C GLU X 47 -33.97 -2.14 22.34
N ASN X 48 -35.18 -1.60 22.40
CA ASN X 48 -35.70 -0.77 21.33
C ASN X 48 -34.80 0.42 21.09
N SER X 49 -34.32 0.99 22.18
CA SER X 49 -33.49 2.19 22.12
C SER X 49 -32.12 1.87 21.51
N GLU X 50 -31.53 0.75 21.91
CA GLU X 50 -30.22 0.37 21.44
C GLU X 50 -30.24 -0.10 19.99
N LEU X 51 -31.13 -1.03 19.68
CA LEU X 51 -31.19 -1.58 18.33
C LEU X 51 -31.65 -0.56 17.29
N ALA X 52 -32.52 0.36 17.69
CA ALA X 52 -33.05 1.40 16.79
C ALA X 52 -33.40 0.81 15.42
N VAL X 53 -34.34 -0.14 15.42
CA VAL X 53 -34.66 -0.92 14.24
C VAL X 53 -35.25 -0.06 13.10
N ALA X 54 -36.21 0.81 13.44
CA ALA X 54 -36.78 1.70 12.44
C ALA X 54 -35.72 2.58 11.78
N THR X 55 -34.87 3.20 12.59
CA THR X 55 -33.77 4.03 12.11
C THR X 55 -32.81 3.25 11.21
N THR X 56 -32.48 2.05 11.65
CA THR X 56 -31.59 1.17 10.91
C THR X 56 -32.16 0.84 9.52
N SER X 57 -33.48 0.69 9.41
CA SER X 57 -34.05 0.33 8.11
C SER X 57 -33.90 1.51 7.14
N VAL X 58 -34.05 2.73 7.65
CA VAL X 58 -33.83 3.94 6.83
C VAL X 58 -32.37 4.06 6.37
N VAL X 61 -31.75 1.43 3.55
CA VAL X 61 -32.32 1.85 2.27
C VAL X 61 -31.49 2.96 1.64
N ASN X 62 -31.07 3.92 2.45
CA ASN X 62 -30.28 5.05 1.93
C ASN X 62 -28.89 4.62 1.49
N ASN X 63 -28.35 3.62 2.17
CA ASN X 63 -27.08 3.03 1.77
C ASN X 63 -27.18 2.35 0.40
N GLN X 64 -28.30 1.68 0.15
CA GLN X 64 -28.59 1.09 -1.18
C GLN X 64 -28.67 2.21 -2.23
N THR X 65 -29.42 3.25 -1.91
CA THR X 65 -29.54 4.41 -2.80
C THR X 65 -28.21 5.06 -3.15
N GLN X 67 -25.44 3.49 -3.34
CA GLN X 67 -24.80 2.56 -4.27
C GLN X 67 -25.46 2.57 -5.65
N LEU X 68 -26.78 2.74 -5.67
CA LEU X 68 -27.50 2.91 -6.94
C LEU X 68 -26.97 4.14 -7.70
N ILE X 69 -26.84 5.26 -6.99
CA ILE X 69 -26.32 6.48 -7.60
C ILE X 69 -24.91 6.25 -8.15
N LYS X 70 -24.07 5.63 -7.33
CA LYS X 70 -22.68 5.42 -7.69
C LYS X 70 -22.60 4.55 -8.97
N ASN X 71 -23.39 3.50 -9.02
CA ASN X 71 -23.36 2.60 -10.16
C ASN X 71 -24.01 3.16 -11.42
N VAL X 72 -25.06 3.98 -11.27
CA VAL X 72 -25.57 4.74 -12.41
C VAL X 72 -24.48 5.69 -12.96
N GLN X 73 -23.72 6.34 -12.07
CA GLN X 73 -22.56 7.14 -12.48
CA GLN X 73 -22.57 7.13 -12.50
C GLN X 73 -21.63 6.30 -13.37
N ASP X 74 -21.40 5.04 -12.98
CA ASP X 74 -20.58 4.17 -13.79
C ASP X 74 -21.17 3.99 -15.19
N LEU X 75 -22.49 3.89 -15.27
CA LEU X 75 -23.13 3.73 -16.58
C LEU X 75 -22.88 4.96 -17.43
N LEU X 76 -22.86 6.12 -16.79
CA LEU X 76 -22.59 7.35 -17.53
CA LEU X 76 -22.56 7.38 -17.46
C LEU X 76 -21.14 7.46 -18.00
N ILE X 77 -20.18 7.05 -17.16
CA ILE X 77 -18.80 7.07 -17.59
C ILE X 77 -18.69 6.27 -18.89
N LEU X 78 -19.36 5.13 -18.90
CA LEU X 78 -19.39 4.25 -20.05
C LEU X 78 -20.00 4.94 -21.28
N THR X 79 -21.16 5.57 -21.08
CA THR X 79 -21.88 6.27 -22.16
C THR X 79 -21.02 7.37 -22.77
N ARG X 80 -20.34 8.10 -21.91
CA ARG X 80 -19.48 9.21 -22.32
C ARG X 80 -18.30 8.72 -23.14
N SER X 81 -17.71 7.61 -22.75
CA SER X 81 -16.55 7.08 -23.48
C SER X 81 -16.94 6.69 -24.89
N ILE X 82 -18.10 6.05 -25.01
CA ILE X 82 -18.60 5.65 -26.32
C ILE X 82 -18.83 6.88 -27.19
N LYS X 83 -19.50 7.90 -26.66
CA LYS X 83 -19.76 9.12 -27.42
C LYS X 83 -18.46 9.73 -27.97
N GLU X 84 -17.47 9.81 -27.10
CA GLU X 84 -16.20 10.42 -27.46
C GLU X 84 -15.45 9.63 -28.52
N LYS X 85 -15.59 8.31 -28.48
CA LYS X 85 -14.97 7.49 -29.50
C LYS X 85 -15.59 7.83 -30.85
N TRP X 86 -16.89 8.10 -30.89
CA TRP X 86 -17.52 8.48 -32.15
C TRP X 86 -17.12 9.89 -32.55
N LEU X 87 -17.04 10.80 -31.59
CA LEU X 87 -16.80 12.21 -31.91
C LEU X 87 -15.43 12.39 -32.53
N LEU X 88 -14.46 11.58 -32.11
CA LEU X 88 -13.10 11.77 -32.59
C LEU X 88 -12.89 11.12 -33.94
N ASN X 89 -13.89 10.37 -34.39
CA ASN X 89 -13.75 9.65 -35.64
C ASN X 89 -14.92 9.87 -36.61
N GLN X 90 -15.13 11.14 -36.96
CA GLN X 90 -16.16 11.52 -37.93
C GLN X 90 -15.52 11.83 -39.27
#